data_5IA9
# 
_entry.id   5IA9 
# 
_audit_conform.dict_name       mmcif_pdbx.dic 
_audit_conform.dict_version    5.403 
_audit_conform.dict_location   http://mmcif.pdb.org/dictionaries/ascii/mmcif_pdbx.dic 
# 
loop_
_database_2.database_id 
_database_2.database_code 
_database_2.pdbx_database_accession 
_database_2.pdbx_DOI 
PDB   5IA9         pdb_00005ia9 10.2210/pdb5ia9/pdb 
WWPDB D_1000218525 ?            ?                   
EMDB  EMD-8084     ?            ?                   
# 
loop_
_pdbx_audit_revision_history.ordinal 
_pdbx_audit_revision_history.data_content_type 
_pdbx_audit_revision_history.major_revision 
_pdbx_audit_revision_history.minor_revision 
_pdbx_audit_revision_history.revision_date 
_pdbx_audit_revision_history.part_number 
1  'Structure model' 1 0 2017-07-12 ? 
2  'EM metadata'     1 0 2017-07-12 ? 
3  Image             1 0 2017-07-12 ? 
4  'Primary map'     1 0 2017-07-12 ? 
5  'Structure model' 1 1 2017-08-23 ? 
6  'EM metadata'     1 0 2017-07-12 ? 
7  Image             1 0 2017-07-12 ? 
8  'Primary map'     1 0 2017-07-12 ? 
9  'Structure model' 1 2 2025-05-07 ? 
10 'EM metadata'     1 1 2025-05-07 ? 
# 
loop_
_pdbx_audit_revision_details.ordinal 
_pdbx_audit_revision_details.revision_ordinal 
_pdbx_audit_revision_details.data_content_type 
_pdbx_audit_revision_details.provider 
_pdbx_audit_revision_details.type 
_pdbx_audit_revision_details.description 
_pdbx_audit_revision_details.details 
1 1 'Structure model' repository 'Initial release' ? ? 
2 2 'EM metadata'     repository 'Initial release' ? ? 
3 3 Image             repository 'Initial release' ? ? 
4 4 'Primary map'     repository 'Initial release' ? ? 
5 6 'EM metadata'     repository 'Initial release' ? ? 
6 7 Image             repository 'Initial release' ? ? 
7 8 'Primary map'     repository 'Initial release' ? ? 
# 
loop_
_pdbx_audit_revision_group.ordinal 
_pdbx_audit_revision_group.revision_ordinal 
_pdbx_audit_revision_group.data_content_type 
_pdbx_audit_revision_group.group 
1 5  'Structure model' 'Data collection'      
2 5  'Structure model' 'Database references'  
3 9  'Structure model' 'Data collection'      
4 9  'Structure model' 'Database references'  
5 9  'Structure model' 'Structure summary'    
6 10 'EM metadata'     'Database references'  
7 10 'EM metadata'     'Experimental summary' 
# 
loop_
_pdbx_audit_revision_category.ordinal 
_pdbx_audit_revision_category.revision_ordinal 
_pdbx_audit_revision_category.data_content_type 
_pdbx_audit_revision_category.category 
1  5  'Structure model' citation           
2  5  'Structure model' citation_author    
3  5  'Structure model' em_image_scans     
4  9  'Structure model' chem_comp_atom     
5  9  'Structure model' chem_comp_bond     
6  9  'Structure model' database_2         
7  9  'Structure model' em_admin           
8  9  'Structure model' em_author_list     
9  9  'Structure model' pdbx_entry_details 
10 10 'EM metadata'     database_2         
11 10 'EM metadata'     em_admin           
12 10 'EM metadata'     em_author_list     
# 
loop_
_pdbx_audit_revision_item.ordinal 
_pdbx_audit_revision_item.revision_ordinal 
_pdbx_audit_revision_item.data_content_type 
_pdbx_audit_revision_item.item 
1  5  'Structure model' '_citation.country'                   
2  5  'Structure model' '_citation.journal_abbrev'            
3  5  'Structure model' '_citation.journal_id_CSD'            
4  5  'Structure model' '_citation.journal_id_ISSN'           
5  5  'Structure model' '_citation.journal_volume'            
6  5  'Structure model' '_citation.page_first'                
7  5  'Structure model' '_citation.page_last'                 
8  5  'Structure model' '_citation.pdbx_database_id_DOI'      
9  5  'Structure model' '_citation.pdbx_database_id_PubMed'   
10 5  'Structure model' '_citation.title'                     
11 5  'Structure model' '_citation.year'                      
12 5  'Structure model' '_citation_author.name'               
13 9  'Structure model' '_database_2.pdbx_DOI'                
14 9  'Structure model' '_database_2.pdbx_database_accession' 
15 9  'Structure model' '_em_admin.last_update'               
16 10 'EM metadata'     '_database_2.pdbx_DOI'                
17 10 'EM metadata'     '_database_2.pdbx_database_accession' 
18 10 'EM metadata'     '_em_admin.last_update'               
# 
loop_
_database_PDB_caveat.id 
_database_PDB_caveat.text 
1 'PC1 A 202 HAS WRONG CHIRALITY AT ATOM C2' 
2 'PC1 A 203 HAS WRONG CHIRALITY AT ATOM C2' 
# 
_pdbx_database_status.status_code                     REL 
_pdbx_database_status.status_code_sf                  REL 
_pdbx_database_status.status_code_mr                  ? 
_pdbx_database_status.entry_id                        5IA9 
_pdbx_database_status.recvd_initial_deposition_date   2016-02-21 
_pdbx_database_status.SG_entry                        N 
_pdbx_database_status.deposit_site                    RCSB 
_pdbx_database_status.process_site                    PDBE 
_pdbx_database_status.status_code_cs                  ? 
_pdbx_database_status.methods_development_category    ? 
_pdbx_database_status.pdb_format_compatible           Y 
_pdbx_database_status.status_code_nmr_data            ? 
# 
_pdbx_database_related.db_name        EMDB 
_pdbx_database_related.details        '519K contains the same protein with glutathione only' 
_pdbx_database_related.db_id          EMD-8084 
_pdbx_database_related.content_type   'associated EM volume' 
# 
loop_
_audit_author.name 
_audit_author.pdbx_ordinal 
_audit_author.identifier_ORCID 
'Kuang, Q.'       1 ? 
'Purhonen, P.'    2 ? 
'Jegerschold, C.' 3 ? 
'Morgenstern, R.' 4 ? 
'Hebert, H.'      5 ? 
# 
_citation.abstract                  ? 
_citation.abstract_id_CAS           ? 
_citation.book_id_ISBN              ? 
_citation.book_publisher            ? 
_citation.book_publisher_city       ? 
_citation.book_title                ? 
_citation.coordinate_linkage        ? 
_citation.country                   UK 
_citation.database_id_Medline       ? 
_citation.details                   ? 
_citation.id                        primary 
_citation.journal_abbrev            'Sci Rep' 
_citation.journal_id_ASTM           ? 
_citation.journal_id_CSD            ? 
_citation.journal_id_ISSN           2045-2322 
_citation.journal_full              ? 
_citation.journal_issue             ? 
_citation.journal_volume            7 
_citation.language                  ? 
_citation.page_first                7897 
_citation.page_last                 7897 
_citation.title                     
;Dead-end complex, lipid interactions and catalytic mechanism of microsomal glutathione transferase 1, an electron crystallography and mutagenesis investigation.
;
_citation.year                      2017 
_citation.database_id_CSD           ? 
_citation.pdbx_database_id_DOI      10.1038/s41598-017-07912-3 
_citation.pdbx_database_id_PubMed   28801553 
_citation.unpublished_flag          ? 
# 
loop_
_citation_author.citation_id 
_citation_author.name 
_citation_author.ordinal 
_citation_author.identifier_ORCID 
primary 'Kuang, Q.'            1  ? 
primary 'Purhonen, P.'         2  ? 
primary 'Alander, J.'          3  ? 
primary 'Svensson, R.'         4  ? 
primary 'Hoogland, V.'         5  ? 
primary 'Winerdal, J.'         6  ? 
primary 'Spahiu, L.'           7  ? 
primary 'Ottosson-Wadlund, A.' 8  ? 
primary 'Jegerschold, C.'      9  ? 
primary 'Morgenstern, R.'      10 ? 
primary 'Hebert, H.'           11 ? 
# 
loop_
_entity.id 
_entity.type 
_entity.src_method 
_entity.pdbx_description 
_entity.formula_weight 
_entity.pdbx_number_of_molecules 
_entity.pdbx_ec 
_entity.pdbx_mutation 
_entity.pdbx_fragment 
_entity.details 
1 polymer     man 'Microsomal glutathione S-transferase 1'               17492.488 1 2.5.1.18 ? ? ? 
2 non-polymer syn '1-(S-GLUTATHIONYL)-2,4,6-TRINITROCYCLOHEXA-2,5-DIENE' 520.428   1 ?        ? ? ? 
3 non-polymer syn 1,2-DIACYL-SN-GLYCERO-3-PHOSPHOCHOLINE                 790.145   2 ?        ? ? ? 
4 non-polymer syn 'PALMITIC ACID'                                        256.424   2 ?        ? ? ? 
# 
_entity_name_com.entity_id   1 
_entity_name_com.name        'Microsomal GST-1,Microsomal GST-I' 
# 
_entity_poly.entity_id                      1 
_entity_poly.type                           'polypeptide(L)' 
_entity_poly.nstd_linkage                   no 
_entity_poly.nstd_monomer                   no 
_entity_poly.pdbx_seq_one_letter_code       
;MADLKQLMDNEVLMAFTSYATIILAKMMFLSSATAFQRLTNKVFANPEDCAGFGKGENAKKFLRTDEKVERVRRAHLNDL
ENIVPFLGIGLLYSLSGPDLSTALIHFRIFVGARIYHTIAYLTPLPQPNRGLAFFVGYGVTLSMAYRLLRSRLYL
;
_entity_poly.pdbx_seq_one_letter_code_can   
;MADLKQLMDNEVLMAFTSYATIILAKMMFLSSATAFQRLTNKVFANPEDCAGFGKGENAKKFLRTDEKVERVRRAHLNDL
ENIVPFLGIGLLYSLSGPDLSTALIHFRIFVGARIYHTIAYLTPLPQPNRGLAFFVGYGVTLSMAYRLLRSRLYL
;
_entity_poly.pdbx_strand_id                 A 
_entity_poly.pdbx_target_identifier         ? 
# 
loop_
_pdbx_entity_nonpoly.entity_id 
_pdbx_entity_nonpoly.name 
_pdbx_entity_nonpoly.comp_id 
2 '1-(S-GLUTATHIONYL)-2,4,6-TRINITROCYCLOHEXA-2,5-DIENE' GTD 
3 1,2-DIACYL-SN-GLYCERO-3-PHOSPHOCHOLINE                 PC1 
4 'PALMITIC ACID'                                        PLM 
# 
loop_
_entity_poly_seq.entity_id 
_entity_poly_seq.num 
_entity_poly_seq.mon_id 
_entity_poly_seq.hetero 
1 1   MET n 
1 2   ALA n 
1 3   ASP n 
1 4   LEU n 
1 5   LYS n 
1 6   GLN n 
1 7   LEU n 
1 8   MET n 
1 9   ASP n 
1 10  ASN n 
1 11  GLU n 
1 12  VAL n 
1 13  LEU n 
1 14  MET n 
1 15  ALA n 
1 16  PHE n 
1 17  THR n 
1 18  SER n 
1 19  TYR n 
1 20  ALA n 
1 21  THR n 
1 22  ILE n 
1 23  ILE n 
1 24  LEU n 
1 25  ALA n 
1 26  LYS n 
1 27  MET n 
1 28  MET n 
1 29  PHE n 
1 30  LEU n 
1 31  SER n 
1 32  SER n 
1 33  ALA n 
1 34  THR n 
1 35  ALA n 
1 36  PHE n 
1 37  GLN n 
1 38  ARG n 
1 39  LEU n 
1 40  THR n 
1 41  ASN n 
1 42  LYS n 
1 43  VAL n 
1 44  PHE n 
1 45  ALA n 
1 46  ASN n 
1 47  PRO n 
1 48  GLU n 
1 49  ASP n 
1 50  CYS n 
1 51  ALA n 
1 52  GLY n 
1 53  PHE n 
1 54  GLY n 
1 55  LYS n 
1 56  GLY n 
1 57  GLU n 
1 58  ASN n 
1 59  ALA n 
1 60  LYS n 
1 61  LYS n 
1 62  PHE n 
1 63  LEU n 
1 64  ARG n 
1 65  THR n 
1 66  ASP n 
1 67  GLU n 
1 68  LYS n 
1 69  VAL n 
1 70  GLU n 
1 71  ARG n 
1 72  VAL n 
1 73  ARG n 
1 74  ARG n 
1 75  ALA n 
1 76  HIS n 
1 77  LEU n 
1 78  ASN n 
1 79  ASP n 
1 80  LEU n 
1 81  GLU n 
1 82  ASN n 
1 83  ILE n 
1 84  VAL n 
1 85  PRO n 
1 86  PHE n 
1 87  LEU n 
1 88  GLY n 
1 89  ILE n 
1 90  GLY n 
1 91  LEU n 
1 92  LEU n 
1 93  TYR n 
1 94  SER n 
1 95  LEU n 
1 96  SER n 
1 97  GLY n 
1 98  PRO n 
1 99  ASP n 
1 100 LEU n 
1 101 SER n 
1 102 THR n 
1 103 ALA n 
1 104 LEU n 
1 105 ILE n 
1 106 HIS n 
1 107 PHE n 
1 108 ARG n 
1 109 ILE n 
1 110 PHE n 
1 111 VAL n 
1 112 GLY n 
1 113 ALA n 
1 114 ARG n 
1 115 ILE n 
1 116 TYR n 
1 117 HIS n 
1 118 THR n 
1 119 ILE n 
1 120 ALA n 
1 121 TYR n 
1 122 LEU n 
1 123 THR n 
1 124 PRO n 
1 125 LEU n 
1 126 PRO n 
1 127 GLN n 
1 128 PRO n 
1 129 ASN n 
1 130 ARG n 
1 131 GLY n 
1 132 LEU n 
1 133 ALA n 
1 134 PHE n 
1 135 PHE n 
1 136 VAL n 
1 137 GLY n 
1 138 TYR n 
1 139 GLY n 
1 140 VAL n 
1 141 THR n 
1 142 LEU n 
1 143 SER n 
1 144 MET n 
1 145 ALA n 
1 146 TYR n 
1 147 ARG n 
1 148 LEU n 
1 149 LEU n 
1 150 ARG n 
1 151 SER n 
1 152 ARG n 
1 153 LEU n 
1 154 TYR n 
1 155 LEU n 
# 
_entity_src_gen.entity_id                          1 
_entity_src_gen.pdbx_src_id                        1 
_entity_src_gen.pdbx_alt_source_flag               sample 
_entity_src_gen.pdbx_seq_type                      'Biological sequence' 
_entity_src_gen.pdbx_beg_seq_num                   1 
_entity_src_gen.pdbx_end_seq_num                   155 
_entity_src_gen.gene_src_common_name               'Norway Rat' 
_entity_src_gen.gene_src_genus                     ? 
_entity_src_gen.pdbx_gene_src_gene                 'Mgst1, Gst12' 
_entity_src_gen.gene_src_species                   ? 
_entity_src_gen.gene_src_strain                    ? 
_entity_src_gen.gene_src_tissue                    ? 
_entity_src_gen.gene_src_tissue_fraction           ? 
_entity_src_gen.gene_src_details                   ? 
_entity_src_gen.pdbx_gene_src_fragment             ? 
_entity_src_gen.pdbx_gene_src_scientific_name      'Rattus norvegicus' 
_entity_src_gen.pdbx_gene_src_ncbi_taxonomy_id     10116 
_entity_src_gen.pdbx_gene_src_variant              ? 
_entity_src_gen.pdbx_gene_src_cell_line            ? 
_entity_src_gen.pdbx_gene_src_atcc                 ? 
_entity_src_gen.pdbx_gene_src_organ                ? 
_entity_src_gen.pdbx_gene_src_organelle            ? 
_entity_src_gen.pdbx_gene_src_cell                 ? 
_entity_src_gen.pdbx_gene_src_cellular_location    ? 
_entity_src_gen.host_org_common_name               ? 
_entity_src_gen.pdbx_host_org_scientific_name      'Escherichia coli' 
_entity_src_gen.pdbx_host_org_ncbi_taxonomy_id     562 
_entity_src_gen.host_org_genus                     ? 
_entity_src_gen.pdbx_host_org_gene                 ? 
_entity_src_gen.pdbx_host_org_organ                ? 
_entity_src_gen.host_org_species                   ? 
_entity_src_gen.pdbx_host_org_tissue               ? 
_entity_src_gen.pdbx_host_org_tissue_fraction      ? 
_entity_src_gen.pdbx_host_org_strain               ? 
_entity_src_gen.pdbx_host_org_variant              ? 
_entity_src_gen.pdbx_host_org_cell_line            ? 
_entity_src_gen.pdbx_host_org_atcc                 ? 
_entity_src_gen.pdbx_host_org_culture_collection   ? 
_entity_src_gen.pdbx_host_org_cell                 ? 
_entity_src_gen.pdbx_host_org_organelle            ? 
_entity_src_gen.pdbx_host_org_cellular_location    ? 
_entity_src_gen.pdbx_host_org_vector_type          ? 
_entity_src_gen.pdbx_host_org_vector               ? 
_entity_src_gen.host_org_details                   ? 
_entity_src_gen.expression_system_id               ? 
_entity_src_gen.plasmid_name                       ? 
_entity_src_gen.plasmid_details                    ? 
_entity_src_gen.pdbx_description                   ? 
# 
loop_
_chem_comp.id 
_chem_comp.type 
_chem_comp.mon_nstd_flag 
_chem_comp.name 
_chem_comp.pdbx_synonyms 
_chem_comp.formula 
_chem_comp.formula_weight 
ALA 'L-peptide linking' y ALANINE                                                ? 'C3 H7 N O2'       89.093  
ARG 'L-peptide linking' y ARGININE                                               ? 'C6 H15 N4 O2 1'   175.209 
ASN 'L-peptide linking' y ASPARAGINE                                             ? 'C4 H8 N2 O3'      132.118 
ASP 'L-peptide linking' y 'ASPARTIC ACID'                                        ? 'C4 H7 N O4'       133.103 
CYS 'L-peptide linking' y CYSTEINE                                               ? 'C3 H7 N O2 S'     121.158 
GLN 'L-peptide linking' y GLUTAMINE                                              ? 'C5 H10 N2 O3'     146.144 
GLU 'L-peptide linking' y 'GLUTAMIC ACID'                                        ? 'C5 H9 N O4'       147.129 
GLY 'peptide linking'   y GLYCINE                                                ? 'C2 H5 N O2'       75.067  
GTD non-polymer         . '1-(S-GLUTATHIONYL)-2,4,6-TRINITROCYCLOHEXA-2,5-DIENE' 
'(S)-2-AMINO-5-((R)-1-(CARBOXYMETHYLAMINO)-1-OXO-3-(2,4,6-TRINITROCYCLOHEXA-2,5-DIENYLTHIO)PROPAN-2-YLAMINO)-5-OXOPENTANOIC ACID' 
'C16 H20 N6 O12 S' 520.428 
HIS 'L-peptide linking' y HISTIDINE                                              ? 'C6 H10 N3 O2 1'   156.162 
ILE 'L-peptide linking' y ISOLEUCINE                                             ? 'C6 H13 N O2'      131.173 
LEU 'L-peptide linking' y LEUCINE                                                ? 'C6 H13 N O2'      131.173 
LYS 'L-peptide linking' y LYSINE                                                 ? 'C6 H15 N2 O2 1'   147.195 
MET 'L-peptide linking' y METHIONINE                                             ? 'C5 H11 N O2 S'    149.211 
PC1 non-polymer         . 1,2-DIACYL-SN-GLYCERO-3-PHOSPHOCHOLINE                 3-SN-PHOSPHATIDYLCHOLINE 'C44 H88 N O8 P'   
790.145 
PHE 'L-peptide linking' y PHENYLALANINE                                          ? 'C9 H11 N O2'      165.189 
PLM non-polymer         . 'PALMITIC ACID'                                        ? 'C16 H32 O2'       256.424 
PRO 'L-peptide linking' y PROLINE                                                ? 'C5 H9 N O2'       115.130 
SER 'L-peptide linking' y SERINE                                                 ? 'C3 H7 N O3'       105.093 
THR 'L-peptide linking' y THREONINE                                              ? 'C4 H9 N O3'       119.119 
TYR 'L-peptide linking' y TYROSINE                                               ? 'C9 H11 N O3'      181.189 
VAL 'L-peptide linking' y VALINE                                                 ? 'C5 H11 N O2'      117.146 
# 
loop_
_pdbx_poly_seq_scheme.asym_id 
_pdbx_poly_seq_scheme.entity_id 
_pdbx_poly_seq_scheme.seq_id 
_pdbx_poly_seq_scheme.mon_id 
_pdbx_poly_seq_scheme.ndb_seq_num 
_pdbx_poly_seq_scheme.pdb_seq_num 
_pdbx_poly_seq_scheme.auth_seq_num 
_pdbx_poly_seq_scheme.pdb_mon_id 
_pdbx_poly_seq_scheme.auth_mon_id 
_pdbx_poly_seq_scheme.pdb_strand_id 
_pdbx_poly_seq_scheme.pdb_ins_code 
_pdbx_poly_seq_scheme.hetero 
A 1 1   MET 1   1   ?   ?   ?   A . n 
A 1 2   ALA 2   2   ?   ?   ?   A . n 
A 1 3   ASP 3   3   ?   ?   ?   A . n 
A 1 4   LEU 4   4   ?   ?   ?   A . n 
A 1 5   LYS 5   5   ?   ?   ?   A . n 
A 1 6   GLN 6   6   ?   ?   ?   A . n 
A 1 7   LEU 7   7   ?   ?   ?   A . n 
A 1 8   MET 8   8   ?   ?   ?   A . n 
A 1 9   ASP 9   9   ?   ?   ?   A . n 
A 1 10  ASN 10  10  10  ASN ASN A . n 
A 1 11  GLU 11  11  11  GLU GLU A . n 
A 1 12  VAL 12  12  12  VAL VAL A . n 
A 1 13  LEU 13  13  13  LEU LEU A . n 
A 1 14  MET 14  14  14  MET MET A . n 
A 1 15  ALA 15  15  15  ALA ALA A . n 
A 1 16  PHE 16  16  16  PHE PHE A . n 
A 1 17  THR 17  17  17  THR THR A . n 
A 1 18  SER 18  18  18  SER SER A . n 
A 1 19  TYR 19  19  19  TYR TYR A . n 
A 1 20  ALA 20  20  20  ALA ALA A . n 
A 1 21  THR 21  21  21  THR THR A . n 
A 1 22  ILE 22  22  22  ILE ILE A . n 
A 1 23  ILE 23  23  23  ILE ILE A . n 
A 1 24  LEU 24  24  24  LEU LEU A . n 
A 1 25  ALA 25  25  25  ALA ALA A . n 
A 1 26  LYS 26  26  26  LYS LYS A . n 
A 1 27  MET 27  27  27  MET MET A . n 
A 1 28  MET 28  28  28  MET MET A . n 
A 1 29  PHE 29  29  29  PHE PHE A . n 
A 1 30  LEU 30  30  30  LEU LEU A . n 
A 1 31  SER 31  31  31  SER SER A . n 
A 1 32  SER 32  32  32  SER SER A . n 
A 1 33  ALA 33  33  33  ALA ALA A . n 
A 1 34  THR 34  34  34  THR THR A . n 
A 1 35  ALA 35  35  35  ALA ALA A . n 
A 1 36  PHE 36  36  36  PHE PHE A . n 
A 1 37  GLN 37  37  37  GLN GLN A . n 
A 1 38  ARG 38  38  38  ARG ARG A . n 
A 1 39  LEU 39  39  39  LEU LEU A . n 
A 1 40  THR 40  40  40  THR THR A . n 
A 1 41  ASN 41  41  41  ASN ASN A . n 
A 1 42  LYS 42  42  42  LYS LYS A . n 
A 1 43  VAL 43  43  ?   ?   ?   A . n 
A 1 44  PHE 44  44  ?   ?   ?   A . n 
A 1 45  ALA 45  45  ?   ?   ?   A . n 
A 1 46  ASN 46  46  ?   ?   ?   A . n 
A 1 47  PRO 47  47  ?   ?   ?   A . n 
A 1 48  GLU 48  48  ?   ?   ?   A . n 
A 1 49  ASP 49  49  ?   ?   ?   A . n 
A 1 50  CYS 50  50  ?   ?   ?   A . n 
A 1 51  ALA 51  51  ?   ?   ?   A . n 
A 1 52  GLY 52  52  ?   ?   ?   A . n 
A 1 53  PHE 53  53  ?   ?   ?   A . n 
A 1 54  GLY 54  54  ?   ?   ?   A . n 
A 1 55  LYS 55  55  ?   ?   ?   A . n 
A 1 56  GLY 56  56  ?   ?   ?   A . n 
A 1 57  GLU 57  57  ?   ?   ?   A . n 
A 1 58  ASN 58  58  ?   ?   ?   A . n 
A 1 59  ALA 59  59  ?   ?   ?   A . n 
A 1 60  LYS 60  60  ?   ?   ?   A . n 
A 1 61  LYS 61  61  ?   ?   ?   A . n 
A 1 62  PHE 62  62  ?   ?   ?   A . n 
A 1 63  LEU 63  63  ?   ?   ?   A . n 
A 1 64  ARG 64  64  ?   ?   ?   A . n 
A 1 65  THR 65  65  ?   ?   ?   A . n 
A 1 66  ASP 66  66  66  ASP ASP A . n 
A 1 67  GLU 67  67  67  GLU GLU A . n 
A 1 68  LYS 68  68  68  LYS LYS A . n 
A 1 69  VAL 69  69  69  VAL VAL A . n 
A 1 70  GLU 70  70  70  GLU GLU A . n 
A 1 71  ARG 71  71  71  ARG ARG A . n 
A 1 72  VAL 72  72  72  VAL VAL A . n 
A 1 73  ARG 73  73  73  ARG ARG A . n 
A 1 74  ARG 74  74  74  ARG ARG A . n 
A 1 75  ALA 75  75  75  ALA ALA A . n 
A 1 76  HIS 76  76  76  HIS HIS A . n 
A 1 77  LEU 77  77  77  LEU LEU A . n 
A 1 78  ASN 78  78  78  ASN ASN A . n 
A 1 79  ASP 79  79  79  ASP ASP A . n 
A 1 80  LEU 80  80  80  LEU LEU A . n 
A 1 81  GLU 81  81  81  GLU GLU A . n 
A 1 82  ASN 82  82  82  ASN ASN A . n 
A 1 83  ILE 83  83  83  ILE ILE A . n 
A 1 84  VAL 84  84  84  VAL VAL A . n 
A 1 85  PRO 85  85  85  PRO PRO A . n 
A 1 86  PHE 86  86  86  PHE PHE A . n 
A 1 87  LEU 87  87  87  LEU LEU A . n 
A 1 88  GLY 88  88  88  GLY GLY A . n 
A 1 89  ILE 89  89  89  ILE ILE A . n 
A 1 90  GLY 90  90  90  GLY GLY A . n 
A 1 91  LEU 91  91  91  LEU LEU A . n 
A 1 92  LEU 92  92  92  LEU LEU A . n 
A 1 93  TYR 93  93  93  TYR TYR A . n 
A 1 94  SER 94  94  94  SER SER A . n 
A 1 95  LEU 95  95  95  LEU LEU A . n 
A 1 96  SER 96  96  96  SER SER A . n 
A 1 97  GLY 97  97  97  GLY GLY A . n 
A 1 98  PRO 98  98  98  PRO PRO A . n 
A 1 99  ASP 99  99  99  ASP ASP A . n 
A 1 100 LEU 100 100 100 LEU LEU A . n 
A 1 101 SER 101 101 101 SER SER A . n 
A 1 102 THR 102 102 102 THR THR A . n 
A 1 103 ALA 103 103 103 ALA ALA A . n 
A 1 104 LEU 104 104 104 LEU LEU A . n 
A 1 105 ILE 105 105 105 ILE ILE A . n 
A 1 106 HIS 106 106 106 HIS HIS A . n 
A 1 107 PHE 107 107 107 PHE PHE A . n 
A 1 108 ARG 108 108 108 ARG ARG A . n 
A 1 109 ILE 109 109 109 ILE ILE A . n 
A 1 110 PHE 110 110 110 PHE PHE A . n 
A 1 111 VAL 111 111 111 VAL VAL A . n 
A 1 112 GLY 112 112 112 GLY GLY A . n 
A 1 113 ALA 113 113 113 ALA ALA A . n 
A 1 114 ARG 114 114 114 ARG ARG A . n 
A 1 115 ILE 115 115 115 ILE ILE A . n 
A 1 116 TYR 116 116 116 TYR TYR A . n 
A 1 117 HIS 117 117 117 HIS HIS A . n 
A 1 118 THR 118 118 118 THR THR A . n 
A 1 119 ILE 119 119 119 ILE ILE A . n 
A 1 120 ALA 120 120 120 ALA ALA A . n 
A 1 121 TYR 121 121 121 TYR TYR A . n 
A 1 122 LEU 122 122 122 LEU LEU A . n 
A 1 123 THR 123 123 123 THR THR A . n 
A 1 124 PRO 124 124 124 PRO PRO A . n 
A 1 125 LEU 125 125 125 LEU LEU A . n 
A 1 126 PRO 126 126 126 PRO PRO A . n 
A 1 127 GLN 127 127 127 GLN GLN A . n 
A 1 128 PRO 128 128 128 PRO PRO A . n 
A 1 129 ASN 129 129 129 ASN ASN A . n 
A 1 130 ARG 130 130 130 ARG ARG A . n 
A 1 131 GLY 131 131 131 GLY GLY A . n 
A 1 132 LEU 132 132 132 LEU LEU A . n 
A 1 133 ALA 133 133 133 ALA ALA A . n 
A 1 134 PHE 134 134 134 PHE PHE A . n 
A 1 135 PHE 135 135 135 PHE PHE A . n 
A 1 136 VAL 136 136 136 VAL VAL A . n 
A 1 137 GLY 137 137 137 GLY GLY A . n 
A 1 138 TYR 138 138 138 TYR TYR A . n 
A 1 139 GLY 139 139 139 GLY GLY A . n 
A 1 140 VAL 140 140 140 VAL VAL A . n 
A 1 141 THR 141 141 141 THR THR A . n 
A 1 142 LEU 142 142 142 LEU LEU A . n 
A 1 143 SER 143 143 143 SER SER A . n 
A 1 144 MET 144 144 144 MET MET A . n 
A 1 145 ALA 145 145 145 ALA ALA A . n 
A 1 146 TYR 146 146 146 TYR TYR A . n 
A 1 147 ARG 147 147 147 ARG ARG A . n 
A 1 148 LEU 148 148 148 LEU LEU A . n 
A 1 149 LEU 149 149 149 LEU LEU A . n 
A 1 150 ARG 150 150 150 ARG ARG A . n 
A 1 151 SER 151 151 151 SER SER A . n 
A 1 152 ARG 152 152 152 ARG ARG A . n 
A 1 153 LEU 153 153 153 LEU LEU A . n 
A 1 154 TYR 154 154 154 TYR TYR A . n 
A 1 155 LEU 155 155 155 LEU LEU A . n 
# 
loop_
_pdbx_nonpoly_scheme.asym_id 
_pdbx_nonpoly_scheme.entity_id 
_pdbx_nonpoly_scheme.mon_id 
_pdbx_nonpoly_scheme.ndb_seq_num 
_pdbx_nonpoly_scheme.pdb_seq_num 
_pdbx_nonpoly_scheme.auth_seq_num 
_pdbx_nonpoly_scheme.pdb_mon_id 
_pdbx_nonpoly_scheme.auth_mon_id 
_pdbx_nonpoly_scheme.pdb_strand_id 
_pdbx_nonpoly_scheme.pdb_ins_code 
B 2 GTD 1 201 200 GTD GTD A . 
C 3 PC1 1 202 300 PC1 PC2 A . 
D 3 PC1 1 203 400 PC1 PC2 A . 
E 4 PLM 1 204 500 PLM PLM A . 
F 4 PLM 1 205 700 PLM PLM A . 
# 
loop_
_pdbx_unobs_or_zero_occ_atoms.id 
_pdbx_unobs_or_zero_occ_atoms.PDB_model_num 
_pdbx_unobs_or_zero_occ_atoms.polymer_flag 
_pdbx_unobs_or_zero_occ_atoms.occupancy_flag 
_pdbx_unobs_or_zero_occ_atoms.auth_asym_id 
_pdbx_unobs_or_zero_occ_atoms.auth_comp_id 
_pdbx_unobs_or_zero_occ_atoms.auth_seq_id 
_pdbx_unobs_or_zero_occ_atoms.PDB_ins_code 
_pdbx_unobs_or_zero_occ_atoms.auth_atom_id 
_pdbx_unobs_or_zero_occ_atoms.label_alt_id 
_pdbx_unobs_or_zero_occ_atoms.label_asym_id 
_pdbx_unobs_or_zero_occ_atoms.label_comp_id 
_pdbx_unobs_or_zero_occ_atoms.label_seq_id 
_pdbx_unobs_or_zero_occ_atoms.label_atom_id 
1  1 N 1 A PLM 204 ? O1 ? E PLM 1 O1 
2  1 N 1 A PLM 204 ? O2 ? E PLM 1 O2 
3  1 N 1 A PLM 204 ? CB ? E PLM 1 CB 
4  1 N 1 A PLM 204 ? CC ? E PLM 1 CC 
5  1 N 1 A PLM 204 ? CD ? E PLM 1 CD 
6  1 N 1 A PLM 204 ? CE ? E PLM 1 CE 
7  1 N 1 A PLM 204 ? CF ? E PLM 1 CF 
8  1 N 1 A PLM 204 ? CG ? E PLM 1 CG 
9  1 N 1 A PLM 205 ? O1 ? F PLM 1 O1 
10 1 N 1 A PLM 205 ? O2 ? F PLM 1 O2 
11 1 N 1 A PLM 205 ? CB ? F PLM 1 CB 
12 1 N 1 A PLM 205 ? CC ? F PLM 1 CC 
13 1 N 1 A PLM 205 ? CD ? F PLM 1 CD 
14 1 N 1 A PLM 205 ? CE ? F PLM 1 CE 
15 1 N 1 A PLM 205 ? CF ? F PLM 1 CF 
16 1 N 1 A PLM 205 ? CG ? F PLM 1 CG 
# 
_software.citation_id            ? 
_software.classification         refinement 
_software.compiler_name          ? 
_software.compiler_version       ? 
_software.contact_author         ? 
_software.contact_author_email   ? 
_software.date                   ? 
_software.description            ? 
_software.dependencies           ? 
_software.hardware               ? 
_software.language               ? 
_software.location               ? 
_software.mods                   ? 
_software.name                   REFMAC 
_software.os                     ? 
_software.os_version             ? 
_software.type                   ? 
_software.version                5.5.0110 
_software.pdbx_ordinal           1 
# 
_cell.angle_alpha                  90.00 
_cell.angle_alpha_esd              ? 
_cell.angle_beta                   90.00 
_cell.angle_beta_esd               ? 
_cell.angle_gamma                  120.00 
_cell.angle_gamma_esd              ? 
_cell.entry_id                     5IA9 
_cell.details                      ? 
_cell.formula_units_Z              ? 
_cell.length_a                     81.800 
_cell.length_a_esd                 ? 
_cell.length_b                     81.800 
_cell.length_b_esd                 ? 
_cell.length_c                     100.000 
_cell.length_c_esd                 ? 
_cell.volume                       ? 
_cell.volume_esd                   ? 
_cell.Z_PDB                        6 
_cell.reciprocal_angle_alpha       ? 
_cell.reciprocal_angle_beta        ? 
_cell.reciprocal_angle_gamma       ? 
_cell.reciprocal_angle_alpha_esd   ? 
_cell.reciprocal_angle_beta_esd    ? 
_cell.reciprocal_angle_gamma_esd   ? 
_cell.reciprocal_length_a          ? 
_cell.reciprocal_length_b          ? 
_cell.reciprocal_length_c          ? 
_cell.reciprocal_length_a_esd      ? 
_cell.reciprocal_length_b_esd      ? 
_cell.reciprocal_length_c_esd      ? 
_cell.pdbx_unique_axis             ? 
# 
_symmetry.entry_id                         5IA9 
_symmetry.cell_setting                     ? 
_symmetry.Int_Tables_number                168 
_symmetry.space_group_name_Hall            ? 
_symmetry.space_group_name_H-M             'P 6' 
_symmetry.pdbx_full_space_group_name_H-M   ? 
# 
_exptl.absorpt_coefficient_mu     ? 
_exptl.absorpt_correction_T_max   ? 
_exptl.absorpt_correction_T_min   ? 
_exptl.absorpt_correction_type    ? 
_exptl.absorpt_process_details    ? 
_exptl.entry_id                   5IA9 
_exptl.crystals_number            ? 
_exptl.details                    ? 
_exptl.method                     'ELECTRON CRYSTALLOGRAPHY' 
_exptl.method_details             ? 
# 
_exptl_crystal.id                    1 
_exptl_crystal.density_meas          ? 
_exptl_crystal.density_Matthews      ? 
_exptl_crystal.density_percent_sol   ? 
_exptl_crystal.description           ? 
_exptl_crystal.preparation           ? 
# 
_diffrn.id                     1 
_diffrn.ambient_temp           ? 
_diffrn.ambient_temp_details   ? 
_diffrn.crystal_id             1 
# 
_refine.aniso_B[1][1]                            -34.57 
_refine.aniso_B[1][2]                            0.00 
_refine.aniso_B[1][3]                            0.00 
_refine.aniso_B[2][2]                            -34.57 
_refine.aniso_B[2][3]                            0.00 
_refine.aniso_B[3][3]                            69.13 
_refine.B_iso_max                                ? 
_refine.B_iso_mean                               19.369 
_refine.B_iso_min                                ? 
_refine.correlation_coeff_Fo_to_Fc               0.710 
_refine.correlation_coeff_Fo_to_Fc_free          0.398 
_refine.details                                  'HYDROGENS HAVE BEEN ADDED IN THE RIDING POSITIONS' 
_refine.diff_density_max                         ? 
_refine.diff_density_max_esd                     ? 
_refine.diff_density_min                         ? 
_refine.diff_density_min_esd                     ? 
_refine.diff_density_rms                         ? 
_refine.diff_density_rms_esd                     ? 
_refine.entry_id                                 5IA9 
_refine.pdbx_refine_id                           'ELECTRON CRYSTALLOGRAPHY' 
_refine.ls_abs_structure_details                 ? 
_refine.ls_abs_structure_Flack                   ? 
_refine.ls_abs_structure_Flack_esd               ? 
_refine.ls_abs_structure_Rogers                  ? 
_refine.ls_abs_structure_Rogers_esd              ? 
_refine.ls_d_res_high                            3.50 
_refine.ls_d_res_low                             10.00 
_refine.ls_extinction_coef                       ? 
_refine.ls_extinction_coef_esd                   ? 
_refine.ls_extinction_expression                 ? 
_refine.ls_extinction_method                     ? 
_refine.ls_goodness_of_fit_all                   ? 
_refine.ls_goodness_of_fit_all_esd               ? 
_refine.ls_goodness_of_fit_obs                   ? 
_refine.ls_goodness_of_fit_obs_esd               ? 
_refine.ls_hydrogen_treatment                    ? 
_refine.ls_matrix_type                           ? 
_refine.ls_number_constraints                    ? 
_refine.ls_number_parameters                     ? 
_refine.ls_number_reflns_all                     ? 
_refine.ls_number_reflns_obs                     5539 
_refine.ls_number_reflns_R_free                  175 
_refine.ls_number_reflns_R_work                  ? 
_refine.ls_number_restraints                     ? 
_refine.ls_percent_reflns_obs                    72.4 
_refine.ls_percent_reflns_R_free                 5.4 
_refine.ls_R_factor_all                          ? 
_refine.ls_R_factor_obs                          0.28287 
_refine.ls_R_factor_R_free                       0.31055 
_refine.ls_R_factor_R_free_error                 ? 
_refine.ls_R_factor_R_free_error_details         ? 
_refine.ls_R_factor_R_work                       0.28144 
_refine.ls_R_Fsqd_factor_obs                     ? 
_refine.ls_R_I_factor_obs                        ? 
_refine.ls_redundancy_reflns_all                 ? 
_refine.ls_redundancy_reflns_obs                 ? 
_refine.ls_restrained_S_all                      ? 
_refine.ls_restrained_S_obs                      ? 
_refine.ls_shift_over_esd_max                    ? 
_refine.ls_shift_over_esd_mean                   ? 
_refine.ls_structure_factor_coef                 ? 
_refine.ls_weighting_details                     ? 
_refine.ls_weighting_scheme                      ? 
_refine.ls_wR_factor_all                         ? 
_refine.ls_wR_factor_obs                         ? 
_refine.ls_wR_factor_R_free                      ? 
_refine.ls_wR_factor_R_work                      ? 
_refine.occupancy_max                            ? 
_refine.occupancy_min                            ? 
_refine.solvent_model_details                    ? 
_refine.solvent_model_param_bsol                 ? 
_refine.solvent_model_param_ksol                 ? 
_refine.ls_R_factor_gt                           ? 
_refine.ls_goodness_of_fit_gt                    ? 
_refine.ls_goodness_of_fit_ref                   ? 
_refine.ls_shift_over_su_max                     ? 
_refine.ls_shift_over_su_max_lt                  ? 
_refine.ls_shift_over_su_mean                    ? 
_refine.ls_shift_over_su_mean_lt                 ? 
_refine.pdbx_ls_sigma_I                          ? 
_refine.pdbx_ls_sigma_F                          ? 
_refine.pdbx_ls_sigma_Fsqd                       ? 
_refine.pdbx_data_cutoff_high_absF               ? 
_refine.pdbx_data_cutoff_high_rms_absF           ? 
_refine.pdbx_data_cutoff_low_absF                ? 
_refine.pdbx_isotropic_thermal_model             ? 
_refine.pdbx_ls_cross_valid_method               'FREE R-VALUE' 
_refine.pdbx_method_to_determine_struct          ? 
_refine.pdbx_starting_model                      ? 
_refine.pdbx_stereochemistry_target_values       ? 
_refine.pdbx_R_Free_selection_details            RANDOM 
_refine.pdbx_stereochem_target_val_spec_case     ? 
_refine.pdbx_overall_ESU_R                       ? 
_refine.pdbx_overall_ESU_R_Free                  0.162 
_refine.pdbx_solvent_vdw_probe_radii             1.40 
_refine.pdbx_solvent_ion_probe_radii             0.80 
_refine.pdbx_solvent_shrinkage_radii             0.80 
_refine.pdbx_real_space_R                        ? 
_refine.pdbx_density_correlation                 ? 
_refine.pdbx_pd_number_of_powder_patterns        ? 
_refine.pdbx_pd_number_of_points                 ? 
_refine.pdbx_pd_meas_number_of_points            ? 
_refine.pdbx_pd_proc_ls_prof_R_factor            ? 
_refine.pdbx_pd_proc_ls_prof_wR_factor           ? 
_refine.pdbx_pd_Marquardt_correlation_coeff      ? 
_refine.pdbx_pd_Fsqrd_R_factor                   ? 
_refine.pdbx_pd_ls_matrix_band_width             ? 
_refine.pdbx_overall_phase_error                 ? 
_refine.pdbx_overall_SU_R_free_Cruickshank_DPI   ? 
_refine.pdbx_overall_SU_R_free_Blow_DPI          ? 
_refine.pdbx_overall_SU_R_Blow_DPI               ? 
_refine.pdbx_TLS_residual_ADP_flag               ? 
_refine.pdbx_diffrn_id                           1 
_refine.overall_SU_B                             ? 
_refine.overall_SU_ML                            ? 
_refine.overall_SU_R_Cruickshank_DPI             ? 
_refine.overall_SU_R_free                        ? 
_refine.overall_FOM_free_R_set                   ? 
_refine.overall_FOM_work_R_set                   ? 
_refine.pdbx_average_fsc_overall                 ? 
_refine.pdbx_average_fsc_work                    ? 
_refine.pdbx_average_fsc_free                    ? 
# 
_refine_hist.pdbx_refine_id                   'ELECTRON CRYSTALLOGRAPHY' 
_refine_hist.cycle_id                         1 
_refine_hist.pdbx_number_atoms_protein        ? 
_refine_hist.pdbx_number_atoms_nucleic_acid   ? 
_refine_hist.pdbx_number_atoms_ligand         ? 
_refine_hist.number_atoms_solvent             ? 
_refine_hist.number_atoms_total               1147 
_refine_hist.d_res_high                       . 
_refine_hist.d_res_low                        . 
# 
loop_
_refine_ls_restr.pdbx_refine_id 
_refine_ls_restr.criterion 
_refine_ls_restr.dev_ideal 
_refine_ls_restr.dev_ideal_target 
_refine_ls_restr.number 
_refine_ls_restr.rejects 
_refine_ls_restr.type 
_refine_ls_restr.weight 
_refine_ls_restr.pdbx_restraint_function 
'ELECTRON CRYSTALLOGRAPHY' ? 0.025  0.022  1164 ? r_bond_refined_d             ? ? 
'ELECTRON CRYSTALLOGRAPHY' ? ?      ?      ?    ? r_bond_other_d               ? ? 
'ELECTRON CRYSTALLOGRAPHY' ? 3.084  2.102  1546 ? r_angle_refined_deg          ? ? 
'ELECTRON CRYSTALLOGRAPHY' ? ?      ?      ?    ? r_angle_other_deg            ? ? 
'ELECTRON CRYSTALLOGRAPHY' ? 10.793 5.000  121  ? r_dihedral_angle_1_deg       ? ? 
'ELECTRON CRYSTALLOGRAPHY' ? 34.785 20.952 42   ? r_dihedral_angle_2_deg       ? ? 
'ELECTRON CRYSTALLOGRAPHY' ? 22.525 15.000 171  ? r_dihedral_angle_3_deg       ? ? 
'ELECTRON CRYSTALLOGRAPHY' ? 25.946 15.000 10   ? r_dihedral_angle_4_deg       ? ? 
'ELECTRON CRYSTALLOGRAPHY' ? 0.250  0.200  167  ? r_chiral_restr               ? ? 
'ELECTRON CRYSTALLOGRAPHY' ? 0.011  0.021  792  ? r_gen_planes_refined         ? ? 
'ELECTRON CRYSTALLOGRAPHY' ? ?      ?      ?    ? r_gen_planes_other           ? ? 
'ELECTRON CRYSTALLOGRAPHY' ? ?      ?      ?    ? r_nbd_refined                ? ? 
'ELECTRON CRYSTALLOGRAPHY' ? ?      ?      ?    ? r_nbd_other                  ? ? 
'ELECTRON CRYSTALLOGRAPHY' ? ?      ?      ?    ? r_nbtor_refined              ? ? 
'ELECTRON CRYSTALLOGRAPHY' ? ?      ?      ?    ? r_nbtor_other                ? ? 
'ELECTRON CRYSTALLOGRAPHY' ? ?      ?      ?    ? r_xyhbond_nbd_refined        ? ? 
'ELECTRON CRYSTALLOGRAPHY' ? ?      ?      ?    ? r_xyhbond_nbd_other          ? ? 
'ELECTRON CRYSTALLOGRAPHY' ? ?      ?      ?    ? r_metal_ion_refined          ? ? 
'ELECTRON CRYSTALLOGRAPHY' ? ?      ?      ?    ? r_metal_ion_other            ? ? 
'ELECTRON CRYSTALLOGRAPHY' ? ?      ?      ?    ? r_symmetry_vdw_refined       ? ? 
'ELECTRON CRYSTALLOGRAPHY' ? ?      ?      ?    ? r_symmetry_vdw_other         ? ? 
'ELECTRON CRYSTALLOGRAPHY' ? ?      ?      ?    ? r_symmetry_hbond_refined     ? ? 
'ELECTRON CRYSTALLOGRAPHY' ? ?      ?      ?    ? r_symmetry_hbond_other       ? ? 
'ELECTRON CRYSTALLOGRAPHY' ? ?      ?      ?    ? r_symmetry_metal_ion_refined ? ? 
'ELECTRON CRYSTALLOGRAPHY' ? ?      ?      ?    ? r_symmetry_metal_ion_other   ? ? 
'ELECTRON CRYSTALLOGRAPHY' ? 0.696  1.500  619  ? r_mcbond_it                  ? ? 
'ELECTRON CRYSTALLOGRAPHY' ? ?      ?      ?    ? r_mcbond_other               ? ? 
'ELECTRON CRYSTALLOGRAPHY' ? 0.921  2.000  986  ? r_mcangle_it                 ? ? 
'ELECTRON CRYSTALLOGRAPHY' ? ?      ?      ?    ? r_mcangle_other              ? ? 
'ELECTRON CRYSTALLOGRAPHY' ? 0.412  3.000  545  ? r_scbond_it                  ? ? 
'ELECTRON CRYSTALLOGRAPHY' ? ?      ?      ?    ? r_scbond_other               ? ? 
'ELECTRON CRYSTALLOGRAPHY' ? 0.628  4.500  560  ? r_scangle_it                 ? ? 
'ELECTRON CRYSTALLOGRAPHY' ? ?      ?      ?    ? r_scangle_other              ? ? 
'ELECTRON CRYSTALLOGRAPHY' ? ?      ?      ?    ? r_long_range_B_refined       ? ? 
'ELECTRON CRYSTALLOGRAPHY' ? ?      ?      ?    ? r_long_range_B_other         ? ? 
'ELECTRON CRYSTALLOGRAPHY' ? ?      ?      ?    ? r_rigid_bond_restr           ? ? 
'ELECTRON CRYSTALLOGRAPHY' ? ?      ?      ?    ? r_sphericity_free            ? ? 
'ELECTRON CRYSTALLOGRAPHY' ? ?      ?      ?    ? r_sphericity_bonded          ? ? 
# 
_refine_ls_shell.pdbx_refine_id                   'ELECTRON CRYSTALLOGRAPHY' 
_refine_ls_shell.d_res_high                       3.498 
_refine_ls_shell.d_res_low                        3.577 
_refine_ls_shell.number_reflns_all                ? 
_refine_ls_shell.number_reflns_obs                ? 
_refine_ls_shell.number_reflns_R_free             7 
_refine_ls_shell.number_reflns_R_work             172 
_refine_ls_shell.percent_reflns_obs               58.50 
_refine_ls_shell.percent_reflns_R_free            ? 
_refine_ls_shell.R_factor_all                     ? 
_refine_ls_shell.R_factor_obs                     ? 
_refine_ls_shell.R_factor_R_free                  0.257 
_refine_ls_shell.R_factor_R_free_error            ? 
_refine_ls_shell.R_factor_R_work                  0.257 
_refine_ls_shell.redundancy_reflns_all            ? 
_refine_ls_shell.redundancy_reflns_obs            ? 
_refine_ls_shell.wR_factor_all                    ? 
_refine_ls_shell.wR_factor_obs                    ? 
_refine_ls_shell.wR_factor_R_free                 ? 
_refine_ls_shell.wR_factor_R_work                 ? 
_refine_ls_shell.pdbx_total_number_of_bins_used   20 
_refine_ls_shell.pdbx_phase_error                 ? 
_refine_ls_shell.pdbx_fsc_work                    ? 
_refine_ls_shell.pdbx_fsc_free                    ? 
# 
_struct.entry_id                     5IA9 
_struct.title                        'The structure of microsomal glutathione transferase 1 in complex with Meisenheimer complex' 
_struct.pdbx_model_details           ? 
_struct.pdbx_formula_weight          ? 
_struct.pdbx_formula_weight_method   ? 
_struct.pdbx_model_type_details      ? 
_struct.pdbx_CASP_flag               ? 
# 
_struct_keywords.entry_id        5IA9 
_struct_keywords.text            'Membrane, Enzyme, Meisenheimer complex, Transferase' 
_struct_keywords.pdbx_keywords   TRANSFERASE 
# 
loop_
_struct_asym.id 
_struct_asym.pdbx_blank_PDB_chainid_flag 
_struct_asym.pdbx_modified 
_struct_asym.entity_id 
_struct_asym.details 
A N N 1 ? 
B N N 2 ? 
C N N 3 ? 
D N N 3 ? 
E N N 4 ? 
F N N 4 ? 
# 
_struct_ref.id                         1 
_struct_ref.db_name                    UNP 
_struct_ref.db_code                    MGST1_RAT 
_struct_ref.pdbx_db_accession          P08011 
_struct_ref.pdbx_db_isoform            ? 
_struct_ref.entity_id                  1 
_struct_ref.pdbx_seq_one_letter_code   
;MADLKQLMDNEVLMAFTSYATIILAKMMFLSSATAFQRLTNKVFANPEDCAGFGKGENAKKFLRTDEKVERVRRAHLNDL
ENIVPFLGIGLLYSLSGPDLSTALIHFRIFVGARIYHTIAYLTPLPQPNRGLAFFVGYGVTLSMAYRLLRSRLYL
;
_struct_ref.pdbx_align_begin           1 
# 
_struct_ref_seq.align_id                      1 
_struct_ref_seq.ref_id                        1 
_struct_ref_seq.pdbx_PDB_id_code              5IA9 
_struct_ref_seq.pdbx_strand_id                A 
_struct_ref_seq.seq_align_beg                 1 
_struct_ref_seq.pdbx_seq_align_beg_ins_code   ? 
_struct_ref_seq.seq_align_end                 155 
_struct_ref_seq.pdbx_seq_align_end_ins_code   ? 
_struct_ref_seq.pdbx_db_accession             P08011 
_struct_ref_seq.db_align_beg                  1 
_struct_ref_seq.pdbx_db_align_beg_ins_code    ? 
_struct_ref_seq.db_align_end                  155 
_struct_ref_seq.pdbx_db_align_end_ins_code    ? 
_struct_ref_seq.pdbx_auth_seq_align_beg       1 
_struct_ref_seq.pdbx_auth_seq_align_end       155 
# 
_pdbx_struct_assembly.id                   1 
_pdbx_struct_assembly.details              author_and_software_defined_assembly 
_pdbx_struct_assembly.method_details       PISA 
_pdbx_struct_assembly.oligomeric_details   trimeric 
_pdbx_struct_assembly.oligomeric_count     3 
# 
loop_
_pdbx_struct_assembly_prop.biol_id 
_pdbx_struct_assembly_prop.type 
_pdbx_struct_assembly_prop.value 
_pdbx_struct_assembly_prop.details 
1 'ABSA (A^2)' 15790 ? 
1 MORE         -91   ? 
1 'SSA (A^2)'  20160 ? 
# 
_pdbx_struct_assembly_gen.assembly_id       1 
_pdbx_struct_assembly_gen.oper_expression   1,2,3 
_pdbx_struct_assembly_gen.asym_id_list      A,B,C,D,E,F 
# 
loop_
_pdbx_struct_oper_list.id 
_pdbx_struct_oper_list.type 
_pdbx_struct_oper_list.name 
_pdbx_struct_oper_list.symmetry_operation 
_pdbx_struct_oper_list.matrix[1][1] 
_pdbx_struct_oper_list.matrix[1][2] 
_pdbx_struct_oper_list.matrix[1][3] 
_pdbx_struct_oper_list.vector[1] 
_pdbx_struct_oper_list.matrix[2][1] 
_pdbx_struct_oper_list.matrix[2][2] 
_pdbx_struct_oper_list.matrix[2][3] 
_pdbx_struct_oper_list.vector[2] 
_pdbx_struct_oper_list.matrix[3][1] 
_pdbx_struct_oper_list.matrix[3][2] 
_pdbx_struct_oper_list.matrix[3][3] 
_pdbx_struct_oper_list.vector[3] 
1 'identity operation'         1_555 x,y,z         1.0000000000 0.0000000000  0.0000000000  0.0000000000  0.0000000000  1.0000000000 0.0000000000  0.0000000000  0.0000000000  0.0000000000  1.0000000000  0.0000000000  
2 'crystal symmetry operation' 2_655 -y+1,x-y,z    0.2052974124 -0.6116319920 -0.7640414117 11.9664526092 -0.8570554540 0.2645862498 -0.4420973482 8.6222231040  0.4725557335  0.7455873006  -0.4698836622 14.4654286896 
3 'crystal symmetry operation' 3_665 -x+y+1,-x+1,z 0.2052974124 -0.8570554540 0.4725557335  -1.9026796838 -0.6116319920 0.2645862498 0.7455873006  -5.7474963570 -0.7640414117 -0.4420973482 -0.4698836622 19.7517959222 
# 
loop_
_struct_conf.conf_type_id 
_struct_conf.id 
_struct_conf.pdbx_PDB_helix_id 
_struct_conf.beg_label_comp_id 
_struct_conf.beg_label_asym_id 
_struct_conf.beg_label_seq_id 
_struct_conf.pdbx_beg_PDB_ins_code 
_struct_conf.end_label_comp_id 
_struct_conf.end_label_asym_id 
_struct_conf.end_label_seq_id 
_struct_conf.pdbx_end_PDB_ins_code 
_struct_conf.beg_auth_comp_id 
_struct_conf.beg_auth_asym_id 
_struct_conf.beg_auth_seq_id 
_struct_conf.end_auth_comp_id 
_struct_conf.end_auth_asym_id 
_struct_conf.end_auth_seq_id 
_struct_conf.pdbx_PDB_helix_class 
_struct_conf.details 
_struct_conf.pdbx_PDB_helix_length 
HELX_P HELX_P1 AA1 ASN A 10  ? ASN A 41  ? ASN A 10  ASN A 41  1 ? 32 
HELX_P HELX_P2 AA2 GLU A 67  ? SER A 96  ? GLU A 67  SER A 96  1 ? 30 
HELX_P HELX_P3 AA3 ALA A 103 ? TYR A 121 ? ALA A 103 TYR A 121 1 ? 19 
HELX_P HELX_P4 AA4 GLY A 131 ? LEU A 155 ? GLY A 131 LEU A 155 1 ? 25 
# 
_struct_conf_type.id          HELX_P 
_struct_conf_type.criteria    ? 
_struct_conf_type.reference   ? 
# 
_struct_mon_prot_cis.pdbx_id                1 
_struct_mon_prot_cis.label_comp_id          GLN 
_struct_mon_prot_cis.label_seq_id           127 
_struct_mon_prot_cis.label_asym_id          A 
_struct_mon_prot_cis.label_alt_id           . 
_struct_mon_prot_cis.pdbx_PDB_ins_code      ? 
_struct_mon_prot_cis.auth_comp_id           GLN 
_struct_mon_prot_cis.auth_seq_id            127 
_struct_mon_prot_cis.auth_asym_id           A 
_struct_mon_prot_cis.pdbx_label_comp_id_2   PRO 
_struct_mon_prot_cis.pdbx_label_seq_id_2    128 
_struct_mon_prot_cis.pdbx_label_asym_id_2   A 
_struct_mon_prot_cis.pdbx_PDB_ins_code_2    ? 
_struct_mon_prot_cis.pdbx_auth_comp_id_2    PRO 
_struct_mon_prot_cis.pdbx_auth_seq_id_2     128 
_struct_mon_prot_cis.pdbx_auth_asym_id_2    A 
_struct_mon_prot_cis.pdbx_PDB_model_num     1 
_struct_mon_prot_cis.pdbx_omega_angle       14.36 
# 
loop_
_struct_site.id 
_struct_site.pdbx_evidence_code 
_struct_site.pdbx_auth_asym_id 
_struct_site.pdbx_auth_comp_id 
_struct_site.pdbx_auth_seq_id 
_struct_site.pdbx_auth_ins_code 
_struct_site.pdbx_num_residues 
_struct_site.details 
AC1 Software A GTD 201 ? 4 'binding site for residue GTD A 201' 
AC2 Software A PC1 202 ? 4 'binding site for residue PC1 A 202' 
AC3 Software A PC1 203 ? 3 'binding site for residue PC1 A 203' 
AC4 Software A PLM 204 ? 6 'binding site for residue PLM A 204' 
AC5 Software A PLM 205 ? 6 'binding site for residue PLM A 205' 
# 
loop_
_struct_site_gen.id 
_struct_site_gen.site_id 
_struct_site_gen.pdbx_num_res 
_struct_site_gen.label_comp_id 
_struct_site_gen.label_asym_id 
_struct_site_gen.label_seq_id 
_struct_site_gen.pdbx_auth_ins_code 
_struct_site_gen.auth_comp_id 
_struct_site_gen.auth_asym_id 
_struct_site_gen.auth_seq_id 
_struct_site_gen.label_atom_id 
_struct_site_gen.label_alt_id 
_struct_site_gen.symmetry 
_struct_site_gen.details 
1  AC1 4 ARG A 38  ? ARG A 38  . ? 1_555 ? 
2  AC1 4 LEU A 39  ? LEU A 39  . ? 1_555 ? 
3  AC1 4 HIS A 76  ? HIS A 76  . ? 1_555 ? 
4  AC1 4 LEU A 77  ? LEU A 77  . ? 1_555 ? 
5  AC2 4 ILE A 105 ? ILE A 105 . ? 1_555 ? 
6  AC2 4 VAL A 136 ? VAL A 136 . ? 1_555 ? 
7  AC2 4 VAL A 140 ? VAL A 140 . ? 1_555 ? 
8  AC2 4 MET A 144 ? MET A 144 . ? 1_555 ? 
9  AC3 3 TYR A 116 ? TYR A 116 . ? 1_555 ? 
10 AC3 3 ALA A 120 ? ALA A 120 . ? 1_555 ? 
11 AC3 3 PRO A 124 ? PRO A 124 . ? 1_555 ? 
12 AC4 6 LEU A 30  ? LEU A 30  . ? 1_555 ? 
13 AC4 6 ILE A 115 ? ILE A 115 . ? 1_555 ? 
14 AC4 6 THR A 118 ? THR A 118 . ? 1_555 ? 
15 AC4 6 ILE A 119 ? ILE A 119 . ? 1_555 ? 
16 AC4 6 TYR A 121 ? TYR A 121 . ? 1_555 ? 
17 AC4 6 LEU A 122 ? LEU A 122 . ? 1_555 ? 
18 AC5 6 PRO A 85  ? PRO A 85  . ? 1_555 ? 
19 AC5 6 ILE A 89  ? ILE A 89  . ? 1_555 ? 
20 AC5 6 LEU A 92  ? LEU A 92  . ? 1_555 ? 
21 AC5 6 TYR A 93  ? TYR A 93  . ? 1_555 ? 
22 AC5 6 LEU A 149 ? LEU A 149 . ? 1_555 ? 
23 AC5 6 LEU A 153 ? LEU A 153 . ? 1_555 ? 
# 
_pdbx_entry_details.entry_id                   5IA9 
_pdbx_entry_details.compound_details           ? 
_pdbx_entry_details.source_details             ? 
_pdbx_entry_details.nonpolymer_details         ? 
_pdbx_entry_details.sequence_details           ? 
_pdbx_entry_details.has_ligand_of_interest     ? 
_pdbx_entry_details.has_protein_modification   N 
# 
loop_
_pdbx_validate_close_contact.id 
_pdbx_validate_close_contact.PDB_model_num 
_pdbx_validate_close_contact.auth_atom_id_1 
_pdbx_validate_close_contact.auth_asym_id_1 
_pdbx_validate_close_contact.auth_comp_id_1 
_pdbx_validate_close_contact.auth_seq_id_1 
_pdbx_validate_close_contact.PDB_ins_code_1 
_pdbx_validate_close_contact.label_alt_id_1 
_pdbx_validate_close_contact.auth_atom_id_2 
_pdbx_validate_close_contact.auth_asym_id_2 
_pdbx_validate_close_contact.auth_comp_id_2 
_pdbx_validate_close_contact.auth_seq_id_2 
_pdbx_validate_close_contact.PDB_ins_code_2 
_pdbx_validate_close_contact.label_alt_id_2 
_pdbx_validate_close_contact.dist 
1  1 OD2 A ASP 99  ? ? N   A SER 101 ? ? 1.97 
2  1 O   A LEU 91  ? ? CB  A SER 94  ? ? 2.00 
3  1 O   A GLU 81  ? ? CD  A PRO 85  ? ? 2.02 
4  1 OD1 A ASN 82  ? ? NH2 A ARG 114 ? ? 2.10 
5  1 O   A ARG 38  ? ? O   A ASN 41  ? ? 2.11 
6  1 O   A THR 141 ? ? CB  A ALA 145 ? ? 2.11 
7  1 O   A ASN 78  ? ? OD1 A ASN 82  ? ? 2.13 
8  1 OG1 A THR 34  ? ? NE2 A HIS 76  ? ? 2.15 
9  1 OD1 A ASN 41  ? ? NZ  A LYS 68  ? ? 2.19 
10 1 O   A ALA 15  ? ? OG  A SER 18  ? ? 2.19 
# 
loop_
_pdbx_validate_symm_contact.id 
_pdbx_validate_symm_contact.PDB_model_num 
_pdbx_validate_symm_contact.auth_atom_id_1 
_pdbx_validate_symm_contact.auth_asym_id_1 
_pdbx_validate_symm_contact.auth_comp_id_1 
_pdbx_validate_symm_contact.auth_seq_id_1 
_pdbx_validate_symm_contact.PDB_ins_code_1 
_pdbx_validate_symm_contact.label_alt_id_1 
_pdbx_validate_symm_contact.site_symmetry_1 
_pdbx_validate_symm_contact.auth_atom_id_2 
_pdbx_validate_symm_contact.auth_asym_id_2 
_pdbx_validate_symm_contact.auth_comp_id_2 
_pdbx_validate_symm_contact.auth_seq_id_2 
_pdbx_validate_symm_contact.PDB_ins_code_2 
_pdbx_validate_symm_contact.label_alt_id_2 
_pdbx_validate_symm_contact.site_symmetry_2 
_pdbx_validate_symm_contact.dist 
1 1 N   A SER 32 ? ? 1_555 OH  A TYR 138 ? ? 3_665 1.97 
2 1 CZ  A PHE 36 ? ? 1_555 C36 A PC1 203 ? ? 4_665 1.97 
3 1 OG  A SER 31 ? ? 1_555 OH  A TYR 138 ? ? 3_665 2.03 
4 1 CE2 A PHE 36 ? ? 1_555 C36 A PC1 203 ? ? 4_665 2.10 
5 1 CA  A SER 32 ? ? 1_555 OH  A TYR 138 ? ? 3_665 2.19 
# 
_pdbx_validate_rmsd_angle.id                         1 
_pdbx_validate_rmsd_angle.PDB_model_num              1 
_pdbx_validate_rmsd_angle.auth_atom_id_1             CB 
_pdbx_validate_rmsd_angle.auth_asym_id_1             A 
_pdbx_validate_rmsd_angle.auth_comp_id_1             VAL 
_pdbx_validate_rmsd_angle.auth_seq_id_1              12 
_pdbx_validate_rmsd_angle.PDB_ins_code_1             ? 
_pdbx_validate_rmsd_angle.label_alt_id_1             ? 
_pdbx_validate_rmsd_angle.auth_atom_id_2             CA 
_pdbx_validate_rmsd_angle.auth_asym_id_2             A 
_pdbx_validate_rmsd_angle.auth_comp_id_2             VAL 
_pdbx_validate_rmsd_angle.auth_seq_id_2              12 
_pdbx_validate_rmsd_angle.PDB_ins_code_2             ? 
_pdbx_validate_rmsd_angle.label_alt_id_2             ? 
_pdbx_validate_rmsd_angle.auth_atom_id_3             C 
_pdbx_validate_rmsd_angle.auth_asym_id_3             A 
_pdbx_validate_rmsd_angle.auth_comp_id_3             VAL 
_pdbx_validate_rmsd_angle.auth_seq_id_3              12 
_pdbx_validate_rmsd_angle.PDB_ins_code_3             ? 
_pdbx_validate_rmsd_angle.label_alt_id_3             ? 
_pdbx_validate_rmsd_angle.angle_value                98.72 
_pdbx_validate_rmsd_angle.angle_target_value         111.40 
_pdbx_validate_rmsd_angle.angle_deviation            -12.68 
_pdbx_validate_rmsd_angle.angle_standard_deviation   1.90 
_pdbx_validate_rmsd_angle.linker_flag                N 
# 
loop_
_pdbx_validate_torsion.id 
_pdbx_validate_torsion.PDB_model_num 
_pdbx_validate_torsion.auth_comp_id 
_pdbx_validate_torsion.auth_asym_id 
_pdbx_validate_torsion.auth_seq_id 
_pdbx_validate_torsion.PDB_ins_code 
_pdbx_validate_torsion.label_alt_id 
_pdbx_validate_torsion.phi 
_pdbx_validate_torsion.psi 
1 1 MET A 14  ? ? -26.28  -60.83 
2 1 ILE A 22  ? ? -55.40  -75.05 
3 1 LYS A 26  ? ? -64.43  -70.40 
4 1 TYR A 93  ? ? -59.18  -8.51  
5 1 SER A 94  ? ? -55.00  -71.22 
6 1 SER A 96  ? ? -118.99 50.27  
7 1 THR A 123 ? ? -150.54 -24.10 
8 1 PRO A 124 ? ? -52.84  98.53  
9 1 SER A 151 ? ? -54.80  -71.80 
# 
_pdbx_validate_peptide_omega.id               1 
_pdbx_validate_peptide_omega.PDB_model_num    1 
_pdbx_validate_peptide_omega.auth_comp_id_1   TYR 
_pdbx_validate_peptide_omega.auth_asym_id_1   A 
_pdbx_validate_peptide_omega.auth_seq_id_1    121 
_pdbx_validate_peptide_omega.PDB_ins_code_1   ? 
_pdbx_validate_peptide_omega.label_alt_id_1   ? 
_pdbx_validate_peptide_omega.auth_comp_id_2   LEU 
_pdbx_validate_peptide_omega.auth_asym_id_2   A 
_pdbx_validate_peptide_omega.auth_seq_id_2    122 
_pdbx_validate_peptide_omega.PDB_ins_code_2   ? 
_pdbx_validate_peptide_omega.label_alt_id_2   ? 
_pdbx_validate_peptide_omega.omega            -44.76 
# 
loop_
_pdbx_validate_chiral.id 
_pdbx_validate_chiral.PDB_model_num 
_pdbx_validate_chiral.auth_atom_id 
_pdbx_validate_chiral.label_alt_id 
_pdbx_validate_chiral.auth_asym_id 
_pdbx_validate_chiral.auth_comp_id 
_pdbx_validate_chiral.auth_seq_id 
_pdbx_validate_chiral.PDB_ins_code 
_pdbx_validate_chiral.details 
_pdbx_validate_chiral.omega 
1 1 C2 ? A PC1 202 ? 'WRONG HAND' . 
2 1 C2 ? A PC1 203 ? 'WRONG HAND' . 
# 
_em_3d_fitting.entry_id          5IA9 
_em_3d_fitting.id                1 
_em_3d_fitting.details           ? 
_em_3d_fitting.overall_b_value   ? 
_em_3d_fitting.ref_protocol      ? 
_em_3d_fitting.ref_space         ? 
_em_3d_fitting.target_criteria   ? 
_em_3d_fitting.method            ? 
# 
_em_3d_reconstruction.entry_id                    5IA9 
_em_3d_reconstruction.id                          1 
_em_3d_reconstruction.algorithm                   ? 
_em_3d_reconstruction.details                     ? 
_em_3d_reconstruction.image_processing_id         1 
_em_3d_reconstruction.num_class_averages          ? 
_em_3d_reconstruction.num_particles               ? 
_em_3d_reconstruction.resolution                  3.5 
_em_3d_reconstruction.resolution_method           'DIFFRACTION PATTERN/LAYERLINES' 
_em_3d_reconstruction.symmetry_type               '2D CRYSTAL' 
_em_3d_reconstruction.method                      ? 
_em_3d_reconstruction.nominal_pixel_size          ? 
_em_3d_reconstruction.actual_pixel_size           ? 
_em_3d_reconstruction.magnification_calibration   ? 
# 
_em_buffer.id            1 
_em_buffer.details       ? 
_em_buffer.pH            7.4 
_em_buffer.specimen_id   1 
_em_buffer.name          ? 
# 
_em_entity_assembly.id                   1 
_em_entity_assembly.parent_id            0 
_em_entity_assembly.details              ? 
_em_entity_assembly.name                 
'The structure of microsomal glutathione transferase 1 in complex with the Meisenheimer complex' 
_em_entity_assembly.source               RECOMBINANT 
_em_entity_assembly.type                 COMPLEX 
_em_entity_assembly.entity_id_list       1 
_em_entity_assembly.synonym              ? 
_em_entity_assembly.oligomeric_details   ? 
# 
_em_imaging.id                              1 
_em_imaging.entry_id                        5IA9 
_em_imaging.accelerating_voltage            200 
_em_imaging.alignment_procedure             ? 
_em_imaging.c2_aperture_diameter            ? 
_em_imaging.calibrated_defocus_max          ? 
_em_imaging.calibrated_defocus_min          ? 
_em_imaging.calibrated_magnification        ? 
_em_imaging.cryogen                         ? 
_em_imaging.details                         ? 
_em_imaging.electron_source                 'FIELD EMISSION GUN' 
_em_imaging.illumination_mode               'FLOOD BEAM' 
_em_imaging.microscope_model                'JEOL 2100F' 
_em_imaging.mode                            DIFFRACTION 
_em_imaging.nominal_cs                      ? 
_em_imaging.nominal_defocus_max             ? 
_em_imaging.nominal_defocus_min             ? 
_em_imaging.nominal_magnification           ? 
_em_imaging.recording_temperature_maximum   ? 
_em_imaging.recording_temperature_minimum   ? 
_em_imaging.residual_tilt                   ? 
_em_imaging.specimen_holder_model           ? 
_em_imaging.specimen_id                     1 
_em_imaging.date                            ? 
_em_imaging.temperature                     ? 
_em_imaging.tilt_angle_min                  ? 
_em_imaging.tilt_angle_max                  ? 
_em_imaging.specimen_holder_type            ? 
_em_imaging.citation_id                     ? 
_em_imaging.astigmatism                     ? 
_em_imaging.detector_distance               ? 
_em_imaging.electron_beam_tilt_params       ? 
# 
_em_sample_support.id               1 
_em_sample_support.specimen_id      1 
_em_sample_support.method           ? 
_em_sample_support.film_material    ? 
_em_sample_support.grid_material    ? 
_em_sample_support.grid_mesh_size   ? 
_em_sample_support.grid_type        ? 
_em_sample_support.details          ? 
# 
_em_vitrification.id                    1 
_em_vitrification.specimen_id           1 
_em_vitrification.chamber_temperature   ? 
_em_vitrification.cryogen_name          NITROGEN 
_em_vitrification.details               ? 
_em_vitrification.humidity              ? 
_em_vitrification.instrument            ? 
_em_vitrification.entry_id              5IA9 
_em_vitrification.citation_id           ? 
_em_vitrification.method                ? 
_em_vitrification.temp                  ? 
_em_vitrification.time_resolved_state   ? 
# 
_em_experiment.entry_id                5IA9 
_em_experiment.id                      1 
_em_experiment.aggregation_state       '2D ARRAY' 
_em_experiment.reconstruction_method   CRYSTALLOGRAPHY 
_em_experiment.entity_assembly_id      1 
# 
loop_
_pdbx_unobs_or_zero_occ_residues.id 
_pdbx_unobs_or_zero_occ_residues.PDB_model_num 
_pdbx_unobs_or_zero_occ_residues.polymer_flag 
_pdbx_unobs_or_zero_occ_residues.occupancy_flag 
_pdbx_unobs_or_zero_occ_residues.auth_asym_id 
_pdbx_unobs_or_zero_occ_residues.auth_comp_id 
_pdbx_unobs_or_zero_occ_residues.auth_seq_id 
_pdbx_unobs_or_zero_occ_residues.PDB_ins_code 
_pdbx_unobs_or_zero_occ_residues.label_asym_id 
_pdbx_unobs_or_zero_occ_residues.label_comp_id 
_pdbx_unobs_or_zero_occ_residues.label_seq_id 
1  1 Y 1 A MET 1  ? A MET 1  
2  1 Y 1 A ALA 2  ? A ALA 2  
3  1 Y 1 A ASP 3  ? A ASP 3  
4  1 Y 1 A LEU 4  ? A LEU 4  
5  1 Y 1 A LYS 5  ? A LYS 5  
6  1 Y 1 A GLN 6  ? A GLN 6  
7  1 Y 1 A LEU 7  ? A LEU 7  
8  1 Y 1 A MET 8  ? A MET 8  
9  1 Y 1 A ASP 9  ? A ASP 9  
10 1 Y 1 A VAL 43 ? A VAL 43 
11 1 Y 1 A PHE 44 ? A PHE 44 
12 1 Y 1 A ALA 45 ? A ALA 45 
13 1 Y 1 A ASN 46 ? A ASN 46 
14 1 Y 1 A PRO 47 ? A PRO 47 
15 1 Y 1 A GLU 48 ? A GLU 48 
16 1 Y 1 A ASP 49 ? A ASP 49 
17 1 Y 1 A CYS 50 ? A CYS 50 
18 1 Y 1 A ALA 51 ? A ALA 51 
19 1 Y 1 A GLY 52 ? A GLY 52 
20 1 Y 1 A PHE 53 ? A PHE 53 
21 1 Y 1 A GLY 54 ? A GLY 54 
22 1 Y 1 A LYS 55 ? A LYS 55 
23 1 Y 1 A GLY 56 ? A GLY 56 
24 1 Y 1 A GLU 57 ? A GLU 57 
25 1 Y 1 A ASN 58 ? A ASN 58 
26 1 Y 1 A ALA 59 ? A ALA 59 
27 1 Y 1 A LYS 60 ? A LYS 60 
28 1 Y 1 A LYS 61 ? A LYS 61 
29 1 Y 1 A PHE 62 ? A PHE 62 
30 1 Y 1 A LEU 63 ? A LEU 63 
31 1 Y 1 A ARG 64 ? A ARG 64 
32 1 Y 1 A THR 65 ? A THR 65 
# 
loop_
_chem_comp_atom.comp_id 
_chem_comp_atom.atom_id 
_chem_comp_atom.type_symbol 
_chem_comp_atom.pdbx_aromatic_flag 
_chem_comp_atom.pdbx_stereo_config 
_chem_comp_atom.pdbx_ordinal 
ALA N     N N N 1   
ALA CA    C N S 2   
ALA C     C N N 3   
ALA O     O N N 4   
ALA CB    C N N 5   
ALA OXT   O N N 6   
ALA H     H N N 7   
ALA H2    H N N 8   
ALA HA    H N N 9   
ALA HB1   H N N 10  
ALA HB2   H N N 11  
ALA HB3   H N N 12  
ALA HXT   H N N 13  
ARG N     N N N 14  
ARG CA    C N S 15  
ARG C     C N N 16  
ARG O     O N N 17  
ARG CB    C N N 18  
ARG CG    C N N 19  
ARG CD    C N N 20  
ARG NE    N N N 21  
ARG CZ    C N N 22  
ARG NH1   N N N 23  
ARG NH2   N N N 24  
ARG OXT   O N N 25  
ARG H     H N N 26  
ARG H2    H N N 27  
ARG HA    H N N 28  
ARG HB2   H N N 29  
ARG HB3   H N N 30  
ARG HG2   H N N 31  
ARG HG3   H N N 32  
ARG HD2   H N N 33  
ARG HD3   H N N 34  
ARG HE    H N N 35  
ARG HH11  H N N 36  
ARG HH12  H N N 37  
ARG HH21  H N N 38  
ARG HH22  H N N 39  
ARG HXT   H N N 40  
ASN N     N N N 41  
ASN CA    C N S 42  
ASN C     C N N 43  
ASN O     O N N 44  
ASN CB    C N N 45  
ASN CG    C N N 46  
ASN OD1   O N N 47  
ASN ND2   N N N 48  
ASN OXT   O N N 49  
ASN H     H N N 50  
ASN H2    H N N 51  
ASN HA    H N N 52  
ASN HB2   H N N 53  
ASN HB3   H N N 54  
ASN HD21  H N N 55  
ASN HD22  H N N 56  
ASN HXT   H N N 57  
ASP N     N N N 58  
ASP CA    C N S 59  
ASP C     C N N 60  
ASP O     O N N 61  
ASP CB    C N N 62  
ASP CG    C N N 63  
ASP OD1   O N N 64  
ASP OD2   O N N 65  
ASP OXT   O N N 66  
ASP H     H N N 67  
ASP H2    H N N 68  
ASP HA    H N N 69  
ASP HB2   H N N 70  
ASP HB3   H N N 71  
ASP HD2   H N N 72  
ASP HXT   H N N 73  
CYS N     N N N 74  
CYS CA    C N R 75  
CYS C     C N N 76  
CYS O     O N N 77  
CYS CB    C N N 78  
CYS SG    S N N 79  
CYS OXT   O N N 80  
CYS H     H N N 81  
CYS H2    H N N 82  
CYS HA    H N N 83  
CYS HB2   H N N 84  
CYS HB3   H N N 85  
CYS HG    H N N 86  
CYS HXT   H N N 87  
GLN N     N N N 88  
GLN CA    C N S 89  
GLN C     C N N 90  
GLN O     O N N 91  
GLN CB    C N N 92  
GLN CG    C N N 93  
GLN CD    C N N 94  
GLN OE1   O N N 95  
GLN NE2   N N N 96  
GLN OXT   O N N 97  
GLN H     H N N 98  
GLN H2    H N N 99  
GLN HA    H N N 100 
GLN HB2   H N N 101 
GLN HB3   H N N 102 
GLN HG2   H N N 103 
GLN HG3   H N N 104 
GLN HE21  H N N 105 
GLN HE22  H N N 106 
GLN HXT   H N N 107 
GLU N     N N N 108 
GLU CA    C N S 109 
GLU C     C N N 110 
GLU O     O N N 111 
GLU CB    C N N 112 
GLU CG    C N N 113 
GLU CD    C N N 114 
GLU OE1   O N N 115 
GLU OE2   O N N 116 
GLU OXT   O N N 117 
GLU H     H N N 118 
GLU H2    H N N 119 
GLU HA    H N N 120 
GLU HB2   H N N 121 
GLU HB3   H N N 122 
GLU HG2   H N N 123 
GLU HG3   H N N 124 
GLU HE2   H N N 125 
GLU HXT   H N N 126 
GLY N     N N N 127 
GLY CA    C N N 128 
GLY C     C N N 129 
GLY O     O N N 130 
GLY OXT   O N N 131 
GLY H     H N N 132 
GLY H2    H N N 133 
GLY HA2   H N N 134 
GLY HA3   H N N 135 
GLY HXT   H N N 136 
GTD N1    N N N 137 
GTD CA1   C N S 138 
GTD C1    C N N 139 
GTD O11   O N N 140 
GTD O12   O N N 141 
GTD CB1   C N N 142 
GTD CG1   C N N 143 
GTD CD1   C N N 144 
GTD OE1   O N N 145 
GTD N2    N N N 146 
GTD CA2   C N R 147 
GTD C2    C N N 148 
GTD O2    O N N 149 
GTD CB2   C N N 150 
GTD SG2   S N N 151 
GTD N3    N N N 152 
GTD CA3   C N N 153 
GTD C3    C N N 154 
GTD O31   O N N 155 
GTD O32   O N N 156 
GTD "C1'" C N N 157 
GTD "C2'" C N N 158 
GTD "N2'" N N N 159 
GTD O21   O N N 160 
GTD O22   O N N 161 
GTD "C3'" C N N 162 
GTD "C4'" C N N 163 
GTD "N4'" N N N 164 
GTD O41   O N N 165 
GTD O42   O N N 166 
GTD "C5'" C N N 167 
GTD "C6'" C N N 168 
GTD "N6'" N N N 169 
GTD O61   O N N 170 
GTD O62   O N N 171 
GTD HN11  H N N 172 
GTD HN12  H N N 173 
GTD HA1   H N N 174 
GTD HO1   H N N 175 
GTD HB11  H N N 176 
GTD HB12  H N N 177 
GTD HG11  H N N 178 
GTD HG12  H N N 179 
GTD HN2   H N N 180 
GTD HA2   H N N 181 
GTD HB21  H N N 182 
GTD HB22  H N N 183 
GTD HN3   H N N 184 
GTD HA31  H N N 185 
GTD HA32  H N N 186 
GTD HO3   H N N 187 
GTD "H1'" H N N 188 
GTD "H3'" H N N 189 
GTD "H4'" H N N 190 
GTD "H5'" H N N 191 
HIS N     N N N 192 
HIS CA    C N S 193 
HIS C     C N N 194 
HIS O     O N N 195 
HIS CB    C N N 196 
HIS CG    C Y N 197 
HIS ND1   N Y N 198 
HIS CD2   C Y N 199 
HIS CE1   C Y N 200 
HIS NE2   N Y N 201 
HIS OXT   O N N 202 
HIS H     H N N 203 
HIS H2    H N N 204 
HIS HA    H N N 205 
HIS HB2   H N N 206 
HIS HB3   H N N 207 
HIS HD1   H N N 208 
HIS HD2   H N N 209 
HIS HE1   H N N 210 
HIS HE2   H N N 211 
HIS HXT   H N N 212 
ILE N     N N N 213 
ILE CA    C N S 214 
ILE C     C N N 215 
ILE O     O N N 216 
ILE CB    C N S 217 
ILE CG1   C N N 218 
ILE CG2   C N N 219 
ILE CD1   C N N 220 
ILE OXT   O N N 221 
ILE H     H N N 222 
ILE H2    H N N 223 
ILE HA    H N N 224 
ILE HB    H N N 225 
ILE HG12  H N N 226 
ILE HG13  H N N 227 
ILE HG21  H N N 228 
ILE HG22  H N N 229 
ILE HG23  H N N 230 
ILE HD11  H N N 231 
ILE HD12  H N N 232 
ILE HD13  H N N 233 
ILE HXT   H N N 234 
LEU N     N N N 235 
LEU CA    C N S 236 
LEU C     C N N 237 
LEU O     O N N 238 
LEU CB    C N N 239 
LEU CG    C N N 240 
LEU CD1   C N N 241 
LEU CD2   C N N 242 
LEU OXT   O N N 243 
LEU H     H N N 244 
LEU H2    H N N 245 
LEU HA    H N N 246 
LEU HB2   H N N 247 
LEU HB3   H N N 248 
LEU HG    H N N 249 
LEU HD11  H N N 250 
LEU HD12  H N N 251 
LEU HD13  H N N 252 
LEU HD21  H N N 253 
LEU HD22  H N N 254 
LEU HD23  H N N 255 
LEU HXT   H N N 256 
LYS N     N N N 257 
LYS CA    C N S 258 
LYS C     C N N 259 
LYS O     O N N 260 
LYS CB    C N N 261 
LYS CG    C N N 262 
LYS CD    C N N 263 
LYS CE    C N N 264 
LYS NZ    N N N 265 
LYS OXT   O N N 266 
LYS H     H N N 267 
LYS H2    H N N 268 
LYS HA    H N N 269 
LYS HB2   H N N 270 
LYS HB3   H N N 271 
LYS HG2   H N N 272 
LYS HG3   H N N 273 
LYS HD2   H N N 274 
LYS HD3   H N N 275 
LYS HE2   H N N 276 
LYS HE3   H N N 277 
LYS HZ1   H N N 278 
LYS HZ2   H N N 279 
LYS HZ3   H N N 280 
LYS HXT   H N N 281 
MET N     N N N 282 
MET CA    C N S 283 
MET C     C N N 284 
MET O     O N N 285 
MET CB    C N N 286 
MET CG    C N N 287 
MET SD    S N N 288 
MET CE    C N N 289 
MET OXT   O N N 290 
MET H     H N N 291 
MET H2    H N N 292 
MET HA    H N N 293 
MET HB2   H N N 294 
MET HB3   H N N 295 
MET HG2   H N N 296 
MET HG3   H N N 297 
MET HE1   H N N 298 
MET HE2   H N N 299 
MET HE3   H N N 300 
MET HXT   H N N 301 
PC1 O12   O N N 302 
PC1 P     P N N 303 
PC1 O14   O N N 304 
PC1 O13   O N N 305 
PC1 C11   C N N 306 
PC1 C12   C N N 307 
PC1 N     N N N 308 
PC1 C13   C N N 309 
PC1 C14   C N N 310 
PC1 C15   C N N 311 
PC1 O11   O N N 312 
PC1 C1    C N N 313 
PC1 C2    C N R 314 
PC1 O21   O N N 315 
PC1 C21   C N N 316 
PC1 O22   O N N 317 
PC1 C22   C N N 318 
PC1 C23   C N N 319 
PC1 C24   C N N 320 
PC1 C25   C N N 321 
PC1 C26   C N N 322 
PC1 C27   C N N 323 
PC1 C28   C N N 324 
PC1 C29   C N N 325 
PC1 C2A   C N N 326 
PC1 C2B   C N N 327 
PC1 C2C   C N N 328 
PC1 C2D   C N N 329 
PC1 C2E   C N N 330 
PC1 C2F   C N N 331 
PC1 C2G   C N N 332 
PC1 C2H   C N N 333 
PC1 C2I   C N N 334 
PC1 C3    C N N 335 
PC1 O31   O N N 336 
PC1 C31   C N N 337 
PC1 O32   O N N 338 
PC1 C32   C N N 339 
PC1 C33   C N N 340 
PC1 C34   C N N 341 
PC1 C35   C N N 342 
PC1 C36   C N N 343 
PC1 C37   C N N 344 
PC1 C38   C N N 345 
PC1 C39   C N N 346 
PC1 C3A   C N N 347 
PC1 C3B   C N N 348 
PC1 C3C   C N N 349 
PC1 C3D   C N N 350 
PC1 C3E   C N N 351 
PC1 C3F   C N N 352 
PC1 C3G   C N N 353 
PC1 C3H   C N N 354 
PC1 C3I   C N N 355 
PC1 H111  H N N 356 
PC1 H112  H N N 357 
PC1 H121  H N N 358 
PC1 H122  H N N 359 
PC1 H131  H N N 360 
PC1 H132  H N N 361 
PC1 H133  H N N 362 
PC1 H141  H N N 363 
PC1 H142  H N N 364 
PC1 H143  H N N 365 
PC1 H151  H N N 366 
PC1 H152  H N N 367 
PC1 H153  H N N 368 
PC1 H11   H N N 369 
PC1 H12   H N N 370 
PC1 H2    H N N 371 
PC1 H221  H N N 372 
PC1 H222  H N N 373 
PC1 H231  H N N 374 
PC1 H232  H N N 375 
PC1 H241  H N N 376 
PC1 H242  H N N 377 
PC1 H251  H N N 378 
PC1 H252  H N N 379 
PC1 H261  H N N 380 
PC1 H262  H N N 381 
PC1 H271  H N N 382 
PC1 H272  H N N 383 
PC1 H281  H N N 384 
PC1 H282  H N N 385 
PC1 H291  H N N 386 
PC1 H292  H N N 387 
PC1 H2A1  H N N 388 
PC1 H2A2  H N N 389 
PC1 H2B1  H N N 390 
PC1 H2B2  H N N 391 
PC1 H2C1  H N N 392 
PC1 H2C2  H N N 393 
PC1 H2D1  H N N 394 
PC1 H2D2  H N N 395 
PC1 H2E1  H N N 396 
PC1 H2E2  H N N 397 
PC1 H2F1  H N N 398 
PC1 H2F2  H N N 399 
PC1 H2G1  H N N 400 
PC1 H2G2  H N N 401 
PC1 H2H1  H N N 402 
PC1 H2H2  H N N 403 
PC1 H2I1  H N N 404 
PC1 H2I2  H N N 405 
PC1 H2I3  H N N 406 
PC1 H31   H N N 407 
PC1 H32   H N N 408 
PC1 H321  H N N 409 
PC1 H322  H N N 410 
PC1 H331  H N N 411 
PC1 H332  H N N 412 
PC1 H341  H N N 413 
PC1 H342  H N N 414 
PC1 H351  H N N 415 
PC1 H352  H N N 416 
PC1 H361  H N N 417 
PC1 H362  H N N 418 
PC1 H371  H N N 419 
PC1 H372  H N N 420 
PC1 H381  H N N 421 
PC1 H382  H N N 422 
PC1 H391  H N N 423 
PC1 H392  H N N 424 
PC1 H3A1  H N N 425 
PC1 H3A2  H N N 426 
PC1 H3B1  H N N 427 
PC1 H3B2  H N N 428 
PC1 H3C1  H N N 429 
PC1 H3C2  H N N 430 
PC1 H3D1  H N N 431 
PC1 H3D2  H N N 432 
PC1 H3E1  H N N 433 
PC1 H3E2  H N N 434 
PC1 H3F1  H N N 435 
PC1 H3F2  H N N 436 
PC1 H3G1  H N N 437 
PC1 H3G2  H N N 438 
PC1 H3H1  H N N 439 
PC1 H3H2  H N N 440 
PC1 H3I1  H N N 441 
PC1 H3I2  H N N 442 
PC1 H3I3  H N N 443 
PHE N     N N N 444 
PHE CA    C N S 445 
PHE C     C N N 446 
PHE O     O N N 447 
PHE CB    C N N 448 
PHE CG    C Y N 449 
PHE CD1   C Y N 450 
PHE CD2   C Y N 451 
PHE CE1   C Y N 452 
PHE CE2   C Y N 453 
PHE CZ    C Y N 454 
PHE OXT   O N N 455 
PHE H     H N N 456 
PHE H2    H N N 457 
PHE HA    H N N 458 
PHE HB2   H N N 459 
PHE HB3   H N N 460 
PHE HD1   H N N 461 
PHE HD2   H N N 462 
PHE HE1   H N N 463 
PHE HE2   H N N 464 
PHE HZ    H N N 465 
PHE HXT   H N N 466 
PLM C1    C N N 467 
PLM O1    O N N 468 
PLM O2    O N N 469 
PLM C2    C N N 470 
PLM C3    C N N 471 
PLM C4    C N N 472 
PLM C5    C N N 473 
PLM C6    C N N 474 
PLM C7    C N N 475 
PLM C8    C N N 476 
PLM C9    C N N 477 
PLM CA    C N N 478 
PLM CB    C N N 479 
PLM CC    C N N 480 
PLM CD    C N N 481 
PLM CE    C N N 482 
PLM CF    C N N 483 
PLM CG    C N N 484 
PLM H     H N N 485 
PLM H21   H N N 486 
PLM H22   H N N 487 
PLM H31   H N N 488 
PLM H32   H N N 489 
PLM H41   H N N 490 
PLM H42   H N N 491 
PLM H51   H N N 492 
PLM H52   H N N 493 
PLM H61   H N N 494 
PLM H62   H N N 495 
PLM H71   H N N 496 
PLM H72   H N N 497 
PLM H81   H N N 498 
PLM H82   H N N 499 
PLM H91   H N N 500 
PLM H92   H N N 501 
PLM HA1   H N N 502 
PLM HA2   H N N 503 
PLM HB1   H N N 504 
PLM HB2   H N N 505 
PLM HC1   H N N 506 
PLM HC2   H N N 507 
PLM HD1   H N N 508 
PLM HD2   H N N 509 
PLM HE1   H N N 510 
PLM HE2   H N N 511 
PLM HF1   H N N 512 
PLM HF2   H N N 513 
PLM HG1   H N N 514 
PLM HG2   H N N 515 
PLM HG3   H N N 516 
PRO N     N N N 517 
PRO CA    C N S 518 
PRO C     C N N 519 
PRO O     O N N 520 
PRO CB    C N N 521 
PRO CG    C N N 522 
PRO CD    C N N 523 
PRO OXT   O N N 524 
PRO H     H N N 525 
PRO HA    H N N 526 
PRO HB2   H N N 527 
PRO HB3   H N N 528 
PRO HG2   H N N 529 
PRO HG3   H N N 530 
PRO HD2   H N N 531 
PRO HD3   H N N 532 
PRO HXT   H N N 533 
SER N     N N N 534 
SER CA    C N S 535 
SER C     C N N 536 
SER O     O N N 537 
SER CB    C N N 538 
SER OG    O N N 539 
SER OXT   O N N 540 
SER H     H N N 541 
SER H2    H N N 542 
SER HA    H N N 543 
SER HB2   H N N 544 
SER HB3   H N N 545 
SER HG    H N N 546 
SER HXT   H N N 547 
THR N     N N N 548 
THR CA    C N S 549 
THR C     C N N 550 
THR O     O N N 551 
THR CB    C N R 552 
THR OG1   O N N 553 
THR CG2   C N N 554 
THR OXT   O N N 555 
THR H     H N N 556 
THR H2    H N N 557 
THR HA    H N N 558 
THR HB    H N N 559 
THR HG1   H N N 560 
THR HG21  H N N 561 
THR HG22  H N N 562 
THR HG23  H N N 563 
THR HXT   H N N 564 
TYR N     N N N 565 
TYR CA    C N S 566 
TYR C     C N N 567 
TYR O     O N N 568 
TYR CB    C N N 569 
TYR CG    C Y N 570 
TYR CD1   C Y N 571 
TYR CD2   C Y N 572 
TYR CE1   C Y N 573 
TYR CE2   C Y N 574 
TYR CZ    C Y N 575 
TYR OH    O N N 576 
TYR OXT   O N N 577 
TYR H     H N N 578 
TYR H2    H N N 579 
TYR HA    H N N 580 
TYR HB2   H N N 581 
TYR HB3   H N N 582 
TYR HD1   H N N 583 
TYR HD2   H N N 584 
TYR HE1   H N N 585 
TYR HE2   H N N 586 
TYR HH    H N N 587 
TYR HXT   H N N 588 
VAL N     N N N 589 
VAL CA    C N S 590 
VAL C     C N N 591 
VAL O     O N N 592 
VAL CB    C N N 593 
VAL CG1   C N N 594 
VAL CG2   C N N 595 
VAL OXT   O N N 596 
VAL H     H N N 597 
VAL H2    H N N 598 
VAL HA    H N N 599 
VAL HB    H N N 600 
VAL HG11  H N N 601 
VAL HG12  H N N 602 
VAL HG13  H N N 603 
VAL HG21  H N N 604 
VAL HG22  H N N 605 
VAL HG23  H N N 606 
VAL HXT   H N N 607 
# 
loop_
_chem_comp_bond.comp_id 
_chem_comp_bond.atom_id_1 
_chem_comp_bond.atom_id_2 
_chem_comp_bond.value_order 
_chem_comp_bond.pdbx_aromatic_flag 
_chem_comp_bond.pdbx_stereo_config 
_chem_comp_bond.pdbx_ordinal 
ALA N     CA    sing N N 1   
ALA N     H     sing N N 2   
ALA N     H2    sing N N 3   
ALA CA    C     sing N N 4   
ALA CA    CB    sing N N 5   
ALA CA    HA    sing N N 6   
ALA C     O     doub N N 7   
ALA C     OXT   sing N N 8   
ALA CB    HB1   sing N N 9   
ALA CB    HB2   sing N N 10  
ALA CB    HB3   sing N N 11  
ALA OXT   HXT   sing N N 12  
ARG N     CA    sing N N 13  
ARG N     H     sing N N 14  
ARG N     H2    sing N N 15  
ARG CA    C     sing N N 16  
ARG CA    CB    sing N N 17  
ARG CA    HA    sing N N 18  
ARG C     O     doub N N 19  
ARG C     OXT   sing N N 20  
ARG CB    CG    sing N N 21  
ARG CB    HB2   sing N N 22  
ARG CB    HB3   sing N N 23  
ARG CG    CD    sing N N 24  
ARG CG    HG2   sing N N 25  
ARG CG    HG3   sing N N 26  
ARG CD    NE    sing N N 27  
ARG CD    HD2   sing N N 28  
ARG CD    HD3   sing N N 29  
ARG NE    CZ    sing N N 30  
ARG NE    HE    sing N N 31  
ARG CZ    NH1   sing N N 32  
ARG CZ    NH2   doub N N 33  
ARG NH1   HH11  sing N N 34  
ARG NH1   HH12  sing N N 35  
ARG NH2   HH21  sing N N 36  
ARG NH2   HH22  sing N N 37  
ARG OXT   HXT   sing N N 38  
ASN N     CA    sing N N 39  
ASN N     H     sing N N 40  
ASN N     H2    sing N N 41  
ASN CA    C     sing N N 42  
ASN CA    CB    sing N N 43  
ASN CA    HA    sing N N 44  
ASN C     O     doub N N 45  
ASN C     OXT   sing N N 46  
ASN CB    CG    sing N N 47  
ASN CB    HB2   sing N N 48  
ASN CB    HB3   sing N N 49  
ASN CG    OD1   doub N N 50  
ASN CG    ND2   sing N N 51  
ASN ND2   HD21  sing N N 52  
ASN ND2   HD22  sing N N 53  
ASN OXT   HXT   sing N N 54  
ASP N     CA    sing N N 55  
ASP N     H     sing N N 56  
ASP N     H2    sing N N 57  
ASP CA    C     sing N N 58  
ASP CA    CB    sing N N 59  
ASP CA    HA    sing N N 60  
ASP C     O     doub N N 61  
ASP C     OXT   sing N N 62  
ASP CB    CG    sing N N 63  
ASP CB    HB2   sing N N 64  
ASP CB    HB3   sing N N 65  
ASP CG    OD1   doub N N 66  
ASP CG    OD2   sing N N 67  
ASP OD2   HD2   sing N N 68  
ASP OXT   HXT   sing N N 69  
CYS N     CA    sing N N 70  
CYS N     H     sing N N 71  
CYS N     H2    sing N N 72  
CYS CA    C     sing N N 73  
CYS CA    CB    sing N N 74  
CYS CA    HA    sing N N 75  
CYS C     O     doub N N 76  
CYS C     OXT   sing N N 77  
CYS CB    SG    sing N N 78  
CYS CB    HB2   sing N N 79  
CYS CB    HB3   sing N N 80  
CYS SG    HG    sing N N 81  
CYS OXT   HXT   sing N N 82  
GLN N     CA    sing N N 83  
GLN N     H     sing N N 84  
GLN N     H2    sing N N 85  
GLN CA    C     sing N N 86  
GLN CA    CB    sing N N 87  
GLN CA    HA    sing N N 88  
GLN C     O     doub N N 89  
GLN C     OXT   sing N N 90  
GLN CB    CG    sing N N 91  
GLN CB    HB2   sing N N 92  
GLN CB    HB3   sing N N 93  
GLN CG    CD    sing N N 94  
GLN CG    HG2   sing N N 95  
GLN CG    HG3   sing N N 96  
GLN CD    OE1   doub N N 97  
GLN CD    NE2   sing N N 98  
GLN NE2   HE21  sing N N 99  
GLN NE2   HE22  sing N N 100 
GLN OXT   HXT   sing N N 101 
GLU N     CA    sing N N 102 
GLU N     H     sing N N 103 
GLU N     H2    sing N N 104 
GLU CA    C     sing N N 105 
GLU CA    CB    sing N N 106 
GLU CA    HA    sing N N 107 
GLU C     O     doub N N 108 
GLU C     OXT   sing N N 109 
GLU CB    CG    sing N N 110 
GLU CB    HB2   sing N N 111 
GLU CB    HB3   sing N N 112 
GLU CG    CD    sing N N 113 
GLU CG    HG2   sing N N 114 
GLU CG    HG3   sing N N 115 
GLU CD    OE1   doub N N 116 
GLU CD    OE2   sing N N 117 
GLU OE2   HE2   sing N N 118 
GLU OXT   HXT   sing N N 119 
GLY N     CA    sing N N 120 
GLY N     H     sing N N 121 
GLY N     H2    sing N N 122 
GLY CA    C     sing N N 123 
GLY CA    HA2   sing N N 124 
GLY CA    HA3   sing N N 125 
GLY C     O     doub N N 126 
GLY C     OXT   sing N N 127 
GLY OXT   HXT   sing N N 128 
GTD N1    CA1   sing N N 129 
GTD N1    HN11  sing N N 130 
GTD N1    HN12  sing N N 131 
GTD CA1   C1    sing N N 132 
GTD CA1   CB1   sing N N 133 
GTD CA1   HA1   sing N N 134 
GTD C1    O11   doub N N 135 
GTD C1    O12   sing N N 136 
GTD O12   HO1   sing N N 137 
GTD CB1   CG1   sing N N 138 
GTD CB1   HB11  sing N N 139 
GTD CB1   HB12  sing N N 140 
GTD CG1   CD1   sing N N 141 
GTD CG1   HG11  sing N N 142 
GTD CG1   HG12  sing N N 143 
GTD CD1   OE1   doub N N 144 
GTD CD1   N2    sing N N 145 
GTD N2    CA2   sing N N 146 
GTD N2    HN2   sing N N 147 
GTD CA2   C2    sing N N 148 
GTD CA2   CB2   sing N N 149 
GTD CA2   HA2   sing N N 150 
GTD C2    O2    doub N N 151 
GTD C2    N3    sing N N 152 
GTD CB2   SG2   sing N N 153 
GTD CB2   HB21  sing N N 154 
GTD CB2   HB22  sing N N 155 
GTD SG2   "C1'" sing N N 156 
GTD N3    CA3   sing N N 157 
GTD N3    HN3   sing N N 158 
GTD CA3   C3    sing N N 159 
GTD CA3   HA31  sing N N 160 
GTD CA3   HA32  sing N N 161 
GTD C3    O31   doub N N 162 
GTD C3    O32   sing N N 163 
GTD O32   HO3   sing N N 164 
GTD "C1'" "C2'" sing N N 165 
GTD "C1'" "C6'" sing N N 166 
GTD "C1'" "H1'" sing N N 167 
GTD "C2'" "N2'" sing N N 168 
GTD "C2'" "C3'" doub N N 169 
GTD "N2'" O21   doub N N 170 
GTD "N2'" O22   sing N N 171 
GTD "C3'" "C4'" sing N N 172 
GTD "C3'" "H3'" sing N N 173 
GTD "C4'" "N4'" sing N N 174 
GTD "C4'" "C5'" sing N N 175 
GTD "C4'" "H4'" sing N N 176 
GTD "N4'" O41   doub N N 177 
GTD "N4'" O42   sing N N 178 
GTD "C5'" "C6'" doub N N 179 
GTD "C5'" "H5'" sing N N 180 
GTD "C6'" "N6'" sing N N 181 
GTD "N6'" O61   doub N N 182 
GTD "N6'" O62   sing N N 183 
HIS N     CA    sing N N 184 
HIS N     H     sing N N 185 
HIS N     H2    sing N N 186 
HIS CA    C     sing N N 187 
HIS CA    CB    sing N N 188 
HIS CA    HA    sing N N 189 
HIS C     O     doub N N 190 
HIS C     OXT   sing N N 191 
HIS CB    CG    sing N N 192 
HIS CB    HB2   sing N N 193 
HIS CB    HB3   sing N N 194 
HIS CG    ND1   sing Y N 195 
HIS CG    CD2   doub Y N 196 
HIS ND1   CE1   doub Y N 197 
HIS ND1   HD1   sing N N 198 
HIS CD2   NE2   sing Y N 199 
HIS CD2   HD2   sing N N 200 
HIS CE1   NE2   sing Y N 201 
HIS CE1   HE1   sing N N 202 
HIS NE2   HE2   sing N N 203 
HIS OXT   HXT   sing N N 204 
ILE N     CA    sing N N 205 
ILE N     H     sing N N 206 
ILE N     H2    sing N N 207 
ILE CA    C     sing N N 208 
ILE CA    CB    sing N N 209 
ILE CA    HA    sing N N 210 
ILE C     O     doub N N 211 
ILE C     OXT   sing N N 212 
ILE CB    CG1   sing N N 213 
ILE CB    CG2   sing N N 214 
ILE CB    HB    sing N N 215 
ILE CG1   CD1   sing N N 216 
ILE CG1   HG12  sing N N 217 
ILE CG1   HG13  sing N N 218 
ILE CG2   HG21  sing N N 219 
ILE CG2   HG22  sing N N 220 
ILE CG2   HG23  sing N N 221 
ILE CD1   HD11  sing N N 222 
ILE CD1   HD12  sing N N 223 
ILE CD1   HD13  sing N N 224 
ILE OXT   HXT   sing N N 225 
LEU N     CA    sing N N 226 
LEU N     H     sing N N 227 
LEU N     H2    sing N N 228 
LEU CA    C     sing N N 229 
LEU CA    CB    sing N N 230 
LEU CA    HA    sing N N 231 
LEU C     O     doub N N 232 
LEU C     OXT   sing N N 233 
LEU CB    CG    sing N N 234 
LEU CB    HB2   sing N N 235 
LEU CB    HB3   sing N N 236 
LEU CG    CD1   sing N N 237 
LEU CG    CD2   sing N N 238 
LEU CG    HG    sing N N 239 
LEU CD1   HD11  sing N N 240 
LEU CD1   HD12  sing N N 241 
LEU CD1   HD13  sing N N 242 
LEU CD2   HD21  sing N N 243 
LEU CD2   HD22  sing N N 244 
LEU CD2   HD23  sing N N 245 
LEU OXT   HXT   sing N N 246 
LYS N     CA    sing N N 247 
LYS N     H     sing N N 248 
LYS N     H2    sing N N 249 
LYS CA    C     sing N N 250 
LYS CA    CB    sing N N 251 
LYS CA    HA    sing N N 252 
LYS C     O     doub N N 253 
LYS C     OXT   sing N N 254 
LYS CB    CG    sing N N 255 
LYS CB    HB2   sing N N 256 
LYS CB    HB3   sing N N 257 
LYS CG    CD    sing N N 258 
LYS CG    HG2   sing N N 259 
LYS CG    HG3   sing N N 260 
LYS CD    CE    sing N N 261 
LYS CD    HD2   sing N N 262 
LYS CD    HD3   sing N N 263 
LYS CE    NZ    sing N N 264 
LYS CE    HE2   sing N N 265 
LYS CE    HE3   sing N N 266 
LYS NZ    HZ1   sing N N 267 
LYS NZ    HZ2   sing N N 268 
LYS NZ    HZ3   sing N N 269 
LYS OXT   HXT   sing N N 270 
MET N     CA    sing N N 271 
MET N     H     sing N N 272 
MET N     H2    sing N N 273 
MET CA    C     sing N N 274 
MET CA    CB    sing N N 275 
MET CA    HA    sing N N 276 
MET C     O     doub N N 277 
MET C     OXT   sing N N 278 
MET CB    CG    sing N N 279 
MET CB    HB2   sing N N 280 
MET CB    HB3   sing N N 281 
MET CG    SD    sing N N 282 
MET CG    HG2   sing N N 283 
MET CG    HG3   sing N N 284 
MET SD    CE    sing N N 285 
MET CE    HE1   sing N N 286 
MET CE    HE2   sing N N 287 
MET CE    HE3   sing N N 288 
MET OXT   HXT   sing N N 289 
PC1 O12   P     sing N N 290 
PC1 P     O14   doub N N 291 
PC1 P     O13   sing N N 292 
PC1 P     O11   sing N N 293 
PC1 O13   C11   sing N N 294 
PC1 C11   C12   sing N N 295 
PC1 C11   H111  sing N N 296 
PC1 C11   H112  sing N N 297 
PC1 C12   N     sing N N 298 
PC1 C12   H121  sing N N 299 
PC1 C12   H122  sing N N 300 
PC1 N     C13   sing N N 301 
PC1 N     C14   sing N N 302 
PC1 N     C15   sing N N 303 
PC1 C13   H131  sing N N 304 
PC1 C13   H132  sing N N 305 
PC1 C13   H133  sing N N 306 
PC1 C14   H141  sing N N 307 
PC1 C14   H142  sing N N 308 
PC1 C14   H143  sing N N 309 
PC1 C15   H151  sing N N 310 
PC1 C15   H152  sing N N 311 
PC1 C15   H153  sing N N 312 
PC1 O11   C1    sing N N 313 
PC1 C1    C2    sing N N 314 
PC1 C1    H11   sing N N 315 
PC1 C1    H12   sing N N 316 
PC1 C2    O21   sing N N 317 
PC1 C2    C3    sing N N 318 
PC1 C2    H2    sing N N 319 
PC1 O21   C21   sing N N 320 
PC1 C21   O22   doub N N 321 
PC1 C21   C22   sing N N 322 
PC1 C22   C23   sing N N 323 
PC1 C22   H221  sing N N 324 
PC1 C22   H222  sing N N 325 
PC1 C23   C24   sing N N 326 
PC1 C23   H231  sing N N 327 
PC1 C23   H232  sing N N 328 
PC1 C24   C25   sing N N 329 
PC1 C24   H241  sing N N 330 
PC1 C24   H242  sing N N 331 
PC1 C25   C26   sing N N 332 
PC1 C25   H251  sing N N 333 
PC1 C25   H252  sing N N 334 
PC1 C26   C27   sing N N 335 
PC1 C26   H261  sing N N 336 
PC1 C26   H262  sing N N 337 
PC1 C27   C28   sing N N 338 
PC1 C27   H271  sing N N 339 
PC1 C27   H272  sing N N 340 
PC1 C28   C29   sing N N 341 
PC1 C28   H281  sing N N 342 
PC1 C28   H282  sing N N 343 
PC1 C29   C2A   sing N N 344 
PC1 C29   H291  sing N N 345 
PC1 C29   H292  sing N N 346 
PC1 C2A   C2B   sing N N 347 
PC1 C2A   H2A1  sing N N 348 
PC1 C2A   H2A2  sing N N 349 
PC1 C2B   C2C   sing N N 350 
PC1 C2B   H2B1  sing N N 351 
PC1 C2B   H2B2  sing N N 352 
PC1 C2C   C2D   sing N N 353 
PC1 C2C   H2C1  sing N N 354 
PC1 C2C   H2C2  sing N N 355 
PC1 C2D   C2E   sing N N 356 
PC1 C2D   H2D1  sing N N 357 
PC1 C2D   H2D2  sing N N 358 
PC1 C2E   C2F   sing N N 359 
PC1 C2E   H2E1  sing N N 360 
PC1 C2E   H2E2  sing N N 361 
PC1 C2F   C2G   sing N N 362 
PC1 C2F   H2F1  sing N N 363 
PC1 C2F   H2F2  sing N N 364 
PC1 C2G   C2H   sing N N 365 
PC1 C2G   H2G1  sing N N 366 
PC1 C2G   H2G2  sing N N 367 
PC1 C2H   C2I   sing N N 368 
PC1 C2H   H2H1  sing N N 369 
PC1 C2H   H2H2  sing N N 370 
PC1 C2I   H2I1  sing N N 371 
PC1 C2I   H2I2  sing N N 372 
PC1 C2I   H2I3  sing N N 373 
PC1 C3    O31   sing N N 374 
PC1 C3    H31   sing N N 375 
PC1 C3    H32   sing N N 376 
PC1 O31   C31   sing N N 377 
PC1 C31   O32   doub N N 378 
PC1 C31   C32   sing N N 379 
PC1 C32   C33   sing N N 380 
PC1 C32   H321  sing N N 381 
PC1 C32   H322  sing N N 382 
PC1 C33   C34   sing N N 383 
PC1 C33   H331  sing N N 384 
PC1 C33   H332  sing N N 385 
PC1 C34   C35   sing N N 386 
PC1 C34   H341  sing N N 387 
PC1 C34   H342  sing N N 388 
PC1 C35   C36   sing N N 389 
PC1 C35   H351  sing N N 390 
PC1 C35   H352  sing N N 391 
PC1 C36   C37   sing N N 392 
PC1 C36   H361  sing N N 393 
PC1 C36   H362  sing N N 394 
PC1 C37   C38   sing N N 395 
PC1 C37   H371  sing N N 396 
PC1 C37   H372  sing N N 397 
PC1 C38   C39   sing N N 398 
PC1 C38   H381  sing N N 399 
PC1 C38   H382  sing N N 400 
PC1 C39   C3A   sing N N 401 
PC1 C39   H391  sing N N 402 
PC1 C39   H392  sing N N 403 
PC1 C3A   C3B   sing N N 404 
PC1 C3A   H3A1  sing N N 405 
PC1 C3A   H3A2  sing N N 406 
PC1 C3B   C3C   sing N N 407 
PC1 C3B   H3B1  sing N N 408 
PC1 C3B   H3B2  sing N N 409 
PC1 C3C   C3D   sing N N 410 
PC1 C3C   H3C1  sing N N 411 
PC1 C3C   H3C2  sing N N 412 
PC1 C3D   C3E   sing N N 413 
PC1 C3D   H3D1  sing N N 414 
PC1 C3D   H3D2  sing N N 415 
PC1 C3E   C3F   sing N N 416 
PC1 C3E   H3E1  sing N N 417 
PC1 C3E   H3E2  sing N N 418 
PC1 C3F   C3G   sing N N 419 
PC1 C3F   H3F1  sing N N 420 
PC1 C3F   H3F2  sing N N 421 
PC1 C3G   C3H   sing N N 422 
PC1 C3G   H3G1  sing N N 423 
PC1 C3G   H3G2  sing N N 424 
PC1 C3H   C3I   sing N N 425 
PC1 C3H   H3H1  sing N N 426 
PC1 C3H   H3H2  sing N N 427 
PC1 C3I   H3I1  sing N N 428 
PC1 C3I   H3I2  sing N N 429 
PC1 C3I   H3I3  sing N N 430 
PHE N     CA    sing N N 431 
PHE N     H     sing N N 432 
PHE N     H2    sing N N 433 
PHE CA    C     sing N N 434 
PHE CA    CB    sing N N 435 
PHE CA    HA    sing N N 436 
PHE C     O     doub N N 437 
PHE C     OXT   sing N N 438 
PHE CB    CG    sing N N 439 
PHE CB    HB2   sing N N 440 
PHE CB    HB3   sing N N 441 
PHE CG    CD1   doub Y N 442 
PHE CG    CD2   sing Y N 443 
PHE CD1   CE1   sing Y N 444 
PHE CD1   HD1   sing N N 445 
PHE CD2   CE2   doub Y N 446 
PHE CD2   HD2   sing N N 447 
PHE CE1   CZ    doub Y N 448 
PHE CE1   HE1   sing N N 449 
PHE CE2   CZ    sing Y N 450 
PHE CE2   HE2   sing N N 451 
PHE CZ    HZ    sing N N 452 
PHE OXT   HXT   sing N N 453 
PLM C1    O1    sing N N 454 
PLM C1    O2    doub N N 455 
PLM C1    C2    sing N N 456 
PLM O1    H     sing N N 457 
PLM C2    C3    sing N N 458 
PLM C2    H21   sing N N 459 
PLM C2    H22   sing N N 460 
PLM C3    C4    sing N N 461 
PLM C3    H31   sing N N 462 
PLM C3    H32   sing N N 463 
PLM C4    C5    sing N N 464 
PLM C4    H41   sing N N 465 
PLM C4    H42   sing N N 466 
PLM C5    C6    sing N N 467 
PLM C5    H51   sing N N 468 
PLM C5    H52   sing N N 469 
PLM C6    C7    sing N N 470 
PLM C6    H61   sing N N 471 
PLM C6    H62   sing N N 472 
PLM C7    C8    sing N N 473 
PLM C7    H71   sing N N 474 
PLM C7    H72   sing N N 475 
PLM C8    C9    sing N N 476 
PLM C8    H81   sing N N 477 
PLM C8    H82   sing N N 478 
PLM C9    CA    sing N N 479 
PLM C9    H91   sing N N 480 
PLM C9    H92   sing N N 481 
PLM CA    CB    sing N N 482 
PLM CA    HA1   sing N N 483 
PLM CA    HA2   sing N N 484 
PLM CB    CC    sing N N 485 
PLM CB    HB1   sing N N 486 
PLM CB    HB2   sing N N 487 
PLM CC    CD    sing N N 488 
PLM CC    HC1   sing N N 489 
PLM CC    HC2   sing N N 490 
PLM CD    CE    sing N N 491 
PLM CD    HD1   sing N N 492 
PLM CD    HD2   sing N N 493 
PLM CE    CF    sing N N 494 
PLM CE    HE1   sing N N 495 
PLM CE    HE2   sing N N 496 
PLM CF    CG    sing N N 497 
PLM CF    HF1   sing N N 498 
PLM CF    HF2   sing N N 499 
PLM CG    HG1   sing N N 500 
PLM CG    HG2   sing N N 501 
PLM CG    HG3   sing N N 502 
PRO N     CA    sing N N 503 
PRO N     CD    sing N N 504 
PRO N     H     sing N N 505 
PRO CA    C     sing N N 506 
PRO CA    CB    sing N N 507 
PRO CA    HA    sing N N 508 
PRO C     O     doub N N 509 
PRO C     OXT   sing N N 510 
PRO CB    CG    sing N N 511 
PRO CB    HB2   sing N N 512 
PRO CB    HB3   sing N N 513 
PRO CG    CD    sing N N 514 
PRO CG    HG2   sing N N 515 
PRO CG    HG3   sing N N 516 
PRO CD    HD2   sing N N 517 
PRO CD    HD3   sing N N 518 
PRO OXT   HXT   sing N N 519 
SER N     CA    sing N N 520 
SER N     H     sing N N 521 
SER N     H2    sing N N 522 
SER CA    C     sing N N 523 
SER CA    CB    sing N N 524 
SER CA    HA    sing N N 525 
SER C     O     doub N N 526 
SER C     OXT   sing N N 527 
SER CB    OG    sing N N 528 
SER CB    HB2   sing N N 529 
SER CB    HB3   sing N N 530 
SER OG    HG    sing N N 531 
SER OXT   HXT   sing N N 532 
THR N     CA    sing N N 533 
THR N     H     sing N N 534 
THR N     H2    sing N N 535 
THR CA    C     sing N N 536 
THR CA    CB    sing N N 537 
THR CA    HA    sing N N 538 
THR C     O     doub N N 539 
THR C     OXT   sing N N 540 
THR CB    OG1   sing N N 541 
THR CB    CG2   sing N N 542 
THR CB    HB    sing N N 543 
THR OG1   HG1   sing N N 544 
THR CG2   HG21  sing N N 545 
THR CG2   HG22  sing N N 546 
THR CG2   HG23  sing N N 547 
THR OXT   HXT   sing N N 548 
TYR N     CA    sing N N 549 
TYR N     H     sing N N 550 
TYR N     H2    sing N N 551 
TYR CA    C     sing N N 552 
TYR CA    CB    sing N N 553 
TYR CA    HA    sing N N 554 
TYR C     O     doub N N 555 
TYR C     OXT   sing N N 556 
TYR CB    CG    sing N N 557 
TYR CB    HB2   sing N N 558 
TYR CB    HB3   sing N N 559 
TYR CG    CD1   doub Y N 560 
TYR CG    CD2   sing Y N 561 
TYR CD1   CE1   sing Y N 562 
TYR CD1   HD1   sing N N 563 
TYR CD2   CE2   doub Y N 564 
TYR CD2   HD2   sing N N 565 
TYR CE1   CZ    doub Y N 566 
TYR CE1   HE1   sing N N 567 
TYR CE2   CZ    sing Y N 568 
TYR CE2   HE2   sing N N 569 
TYR CZ    OH    sing N N 570 
TYR OH    HH    sing N N 571 
TYR OXT   HXT   sing N N 572 
VAL N     CA    sing N N 573 
VAL N     H     sing N N 574 
VAL N     H2    sing N N 575 
VAL CA    C     sing N N 576 
VAL CA    CB    sing N N 577 
VAL CA    HA    sing N N 578 
VAL C     O     doub N N 579 
VAL C     OXT   sing N N 580 
VAL CB    CG1   sing N N 581 
VAL CB    CG2   sing N N 582 
VAL CB    HB    sing N N 583 
VAL CG1   HG11  sing N N 584 
VAL CG1   HG12  sing N N 585 
VAL CG1   HG13  sing N N 586 
VAL CG2   HG21  sing N N 587 
VAL CG2   HG22  sing N N 588 
VAL CG2   HG23  sing N N 589 
VAL OXT   HXT   sing N N 590 
# 
_em_2d_crystal_entity.id                     1 
_em_2d_crystal_entity.image_processing_id    1 
_em_2d_crystal_entity.angle_gamma            120.0 
_em_2d_crystal_entity.length_a               81.8 
_em_2d_crystal_entity.length_b               81.8 
_em_2d_crystal_entity.length_c               100.0 
_em_2d_crystal_entity.space_group_name_H-M   'P 6' 
_em_2d_crystal_entity.c_sampling_length      ? 
# 
_em_admin.entry_id           5IA9 
_em_admin.current_status     REL 
_em_admin.deposition_date    2016-02-21 
_em_admin.deposition_site    PDBE 
_em_admin.last_update        2025-05-07 
_em_admin.map_release_date   2017-07-12 
_em_admin.title              'The structure of microsomal glutathione transferase 1 in complex with Meisenheimer complex' 
# 
_em_crystal_formation.id                    1 
_em_crystal_formation.specimen_id           1 
_em_crystal_formation.atmosphere            ? 
_em_crystal_formation.details               dialysis 
_em_crystal_formation.instrument            ? 
_em_crystal_formation.lipid_mixture         'bovine liver lecithin' 
_em_crystal_formation.lipid_protein_ratio   3 
_em_crystal_formation.temperature           303 
_em_crystal_formation.time                  7 
_em_crystal_formation.time_unit             ? 
# 
_em_ctf_correction.id                       1 
_em_ctf_correction.em_image_processing_id   1 
_em_ctf_correction.type                     NONE 
_em_ctf_correction.details                  ? 
# 
_em_diffraction.id                1 
_em_diffraction.camera_length     200 
_em_diffraction.imaging_id        1 
_em_diffraction.tilt_angle_list   ? 
# 
_em_diffraction_stats.id                               1 
_em_diffraction_stats.details                          ? 
_em_diffraction_stats.image_processing_id              1 
_em_diffraction_stats.fourier_space_coverage           72.4 
_em_diffraction_stats.high_resolution                  3.5 
_em_diffraction_stats.num_intensities_measured         43603 
_em_diffraction_stats.num_structure_factors            3063 
_em_diffraction_stats.overall_phase_error              0.0001 
_em_diffraction_stats.overall_phase_residual           0.0001 
_em_diffraction_stats.phase_error_rejection_criteria   0 
_em_diffraction_stats.r_merge                          34.3 
_em_diffraction_stats.r_sym                            12.0 
# 
_em_embedding.id            1 
_em_embedding.details       ? 
_em_embedding.specimen_id   1 
_em_embedding.material      trehalose 
# 
_em_entity_assembly_molwt.entity_assembly_id   1 
_em_entity_assembly_molwt.id                   1 
_em_entity_assembly_molwt.experimental_flag    NO 
_em_entity_assembly_molwt.units                MEGADALTONS 
_em_entity_assembly_molwt.value                0.54357 
# 
_em_entity_assembly_naturalsource.id                   2 
_em_entity_assembly_naturalsource.entity_assembly_id   1 
_em_entity_assembly_naturalsource.cell                 ? 
_em_entity_assembly_naturalsource.cellular_location    ? 
_em_entity_assembly_naturalsource.ncbi_tax_id          10116 
_em_entity_assembly_naturalsource.organ                . 
_em_entity_assembly_naturalsource.organelle            ? 
_em_entity_assembly_naturalsource.organism             'Rattus norvegicus' 
_em_entity_assembly_naturalsource.strain               ? 
_em_entity_assembly_naturalsource.tissue               ? 
# 
_em_entity_assembly_recombinant.id                   2 
_em_entity_assembly_recombinant.entity_assembly_id   1 
_em_entity_assembly_recombinant.cell                 ? 
_em_entity_assembly_recombinant.ncbi_tax_id          562 
_em_entity_assembly_recombinant.organism             'Escherichia coli' 
_em_entity_assembly_recombinant.plasmid              pSP19T7LT 
_em_entity_assembly_recombinant.strain               ? 
# 
_em_image_processing.id                   1 
_em_image_processing.image_recording_id   1 
_em_image_processing.details              ? 
# 
_em_image_recording.id                            1 
_em_image_recording.imaging_id                    1 
_em_image_recording.avg_electron_dose_per_image   1 
_em_image_recording.average_exposure_time         ? 
_em_image_recording.details                       ? 
_em_image_recording.detector_mode                 ? 
_em_image_recording.film_or_detector_model        'TVIPS TEMCAM-F415 (4k x 4k)' 
_em_image_recording.num_diffraction_images        ? 
_em_image_recording.num_grids_imaged              ? 
_em_image_recording.num_real_images               ? 
# 
_em_imaging_optics.id                         1 
_em_imaging_optics.imaging_id                 1 
_em_imaging_optics.chr_aberration_corrector   ? 
_em_imaging_optics.energyfilter_lower         ? 
_em_imaging_optics.energyfilter_name          ? 
_em_imaging_optics.energyfilter_upper         ? 
_em_imaging_optics.phase_plate                ? 
_em_imaging_optics.sph_aberration_corrector   ? 
# 
loop_
_em_software.id 
_em_software.category 
_em_software.details 
_em_software.name 
_em_software.version 
_em_software.image_processing_id 
_em_software.fitting_id 
_em_software.imaging_id 
1  'IMAGE ACQUISITION'       ? ?      ? ? ? 1 
2  MASKING                   ? ?      ? ? ? ? 
3  'CTF CORRECTION'          ? ?      ? 1 ? ? 
4  'LAYERLINE INDEXING'      ? ?      ? ? ? ? 
5  'DIFFRACTION INDEXING'    ? ?      ? ? ? ? 
6  'MODEL FITTING'           ? ?      ? ? 1 ? 
7  OTHER                     ? ?      ? ? ? ? 
8  'MOLECULAR REPLACEMENT'   ? ?      ? 1 ? ? 
9  'MOLECULAR REPLACEMENT'   ? ?      ? 1 ? ? 
10 'SYMMETRY DETERMINATION'  ? ?      ? 1 ? ? 
11 'CRYSTALLOGRAPHY MERGING' ? ?      ? 1 ? ? 
12 RECONSTRUCTION            ? ?      ? 1 ? ? 
13 'MODEL REFINEMENT'        ? REFMAC 5 ? 1 ? 
# 
_em_specimen.id                      1 
_em_specimen.experiment_id           1 
_em_specimen.concentration           ? 
_em_specimen.details                 ? 
_em_specimen.embedding_applied       YES 
_em_specimen.shadowing_applied       NO 
_em_specimen.staining_applied        NO 
_em_specimen.vitrification_applied   YES 
# 
loop_
_pdbx_audit_support.funding_organization 
_pdbx_audit_support.country 
_pdbx_audit_support.grant_number 
_pdbx_audit_support.ordinal 
VR    Sweden ? 1 
CIMED Sweden ? 2 
# 
loop_
_pdbx_reflns_twin.domain_id 
_pdbx_reflns_twin.crystal_id 
_pdbx_reflns_twin.diffrn_id 
_pdbx_reflns_twin.type 
_pdbx_reflns_twin.operator 
_pdbx_reflns_twin.fraction 
1 1 1 ? 'H, K, L'     0.500 
2 1 1 ? '-H-K, K, -L' 0.500 
# 
_atom_sites.entry_id                    5IA9 
_atom_sites.fract_transf_matrix[1][1]   -0.00148413 
_atom_sites.fract_transf_matrix[1][2]   -0.00409058 
_atom_sites.fract_transf_matrix[1][3]   0.01342872 
_atom_sites.fract_transf_matrix[2][1]   -0.00954690 
_atom_sites.fract_transf_matrix[2][2]   -0.00983761 
_atom_sites.fract_transf_matrix[2][3]   0.00336744 
_atom_sites.fract_transf_matrix[3][1]   0.00685710 
_atom_sites.fract_transf_matrix[3][2]   -0.00713950 
_atom_sites.fract_transf_matrix[3][3]   -0.00141695 
_atom_sites.fract_transf_vector[1]      0.522401 
_atom_sites.fract_transf_vector[2]      0.336375 
_atom_sites.fract_transf_vector[3]      0.007199 
# 
loop_
_atom_type.symbol 
_atom_type.analytical_mass_percent 
_atom_type.description 
_atom_type.number_in_cell 
_atom_type.oxidation_number 
_atom_type.pdbx_scat_Cromer_Mann_a5 
_atom_type.pdbx_scat_Cromer_Mann_b5 
_atom_type.radius_bond 
_atom_type.radius_contact 
_atom_type.scat_Cromer_Mann_a1 
_atom_type.scat_Cromer_Mann_a2 
_atom_type.scat_Cromer_Mann_a3 
_atom_type.scat_Cromer_Mann_a4 
_atom_type.scat_Cromer_Mann_b1 
_atom_type.scat_Cromer_Mann_b2 
_atom_type.scat_Cromer_Mann_b3 
_atom_type.scat_Cromer_Mann_b4 
_atom_type.scat_Cromer_Mann_c 
_atom_type.scat_dispersion_imag 
_atom_type.scat_dispersion_real 
_atom_type.scat_dispersion_source 
_atom_type.scat_length_neutron 
_atom_type.scat_source 
_atom_type.scat_versus_stol_list 
C ? ? ? ? ? ? ? ? ? ? ? ? ? ? ? ? ? ? ? ? ? ? ? 
N ? ? ? ? ? ? ? ? ? ? ? ? ? ? ? ? ? ? ? ? ? ? ? 
O ? ? ? ? ? ? ? ? ? ? ? ? ? ? ? ? ? ? ? ? ? ? ? 
P ? ? ? ? ? ? ? ? ? ? ? ? ? ? ? ? ? ? ? ? ? ? ? 
S ? ? ? ? ? ? ? ? ? ? ? ? ? ? ? ? ? ? ? ? ? ? ? 
# 
loop_
_atom_site.group_PDB 
_atom_site.id 
_atom_site.type_symbol 
_atom_site.label_atom_id 
_atom_site.label_alt_id 
_atom_site.label_comp_id 
_atom_site.label_asym_id 
_atom_site.label_entity_id 
_atom_site.label_seq_id 
_atom_site.pdbx_PDB_ins_code 
_atom_site.Cartn_x 
_atom_site.Cartn_y 
_atom_site.Cartn_z 
_atom_site.occupancy 
_atom_site.B_iso_or_equiv 
_atom_site.pdbx_formal_charge 
_atom_site.auth_seq_id 
_atom_site.auth_comp_id 
_atom_site.auth_asym_id 
_atom_site.auth_atom_id 
_atom_site.pdbx_PDB_model_num 
ATOM   1    N N     . ASN A 1 10  ? -16.943 14.435  5.927   1.00 20.00 ? 10  ASN A N     1 
ATOM   2    C CA    . ASN A 1 10  ? -17.627 13.408  5.057   1.00 20.00 ? 10  ASN A CA    1 
ATOM   3    C C     . ASN A 1 10  ? -16.720 13.017  3.916   1.00 20.00 ? 10  ASN A C     1 
ATOM   4    O O     . ASN A 1 10  ? -16.127 11.931  3.940   1.00 20.00 ? 10  ASN A O     1 
ATOM   5    C CB    . ASN A 1 10  ? -18.915 13.952  4.423   1.00 20.00 ? 10  ASN A CB    1 
ATOM   6    C CG    . ASN A 1 10  ? -20.019 14.168  5.412   1.00 20.00 ? 10  ASN A CG    1 
ATOM   7    O OD1   . ASN A 1 10  ? -20.021 13.620  6.532   1.00 20.00 ? 10  ASN A OD1   1 
ATOM   8    N ND2   . ASN A 1 10  ? -20.994 14.966  5.002   1.00 20.00 ? 10  ASN A ND2   1 
ATOM   9    N N     . GLU A 1 11  ? -16.677 13.931  2.918   1.00 20.00 ? 11  GLU A N     1 
ATOM   10   C CA    . GLU A 1 11  ? -15.795 13.945  1.758   1.00 20.00 ? 11  GLU A CA    1 
ATOM   11   C C     . GLU A 1 11  ? -14.453 13.344  2.119   1.00 20.00 ? 11  GLU A C     1 
ATOM   12   O O     . GLU A 1 11  ? -13.981 12.378  1.491   1.00 20.00 ? 11  GLU A O     1 
ATOM   13   C CB    . GLU A 1 11  ? -15.605 15.397  1.362   1.00 20.00 ? 11  GLU A CB    1 
ATOM   14   C CG    . GLU A 1 11  ? -16.881 16.126  0.914   1.00 20.00 ? 11  GLU A CG    1 
ATOM   15   C CD    . GLU A 1 11  ? -16.657 16.879  -0.423  1.00 20.00 ? 11  GLU A CD    1 
ATOM   16   O OE1   . GLU A 1 11  ? -15.474 17.220  -0.692  1.00 20.00 ? 11  GLU A OE1   1 
ATOM   17   O OE2   . GLU A 1 11  ? -17.622 17.117  -1.212  1.00 20.00 ? 11  GLU A OE2   1 
ATOM   18   N N     . VAL A 1 12  ? -13.867 13.980  3.140   1.00 20.00 ? 12  VAL A N     1 
ATOM   19   C CA    . VAL A 1 12  ? -12.784 13.500  4.007   1.00 20.00 ? 12  VAL A CA    1 
ATOM   20   C C     . VAL A 1 12  ? -12.787 12.115  4.675   1.00 20.00 ? 12  VAL A C     1 
ATOM   21   O O     . VAL A 1 12  ? -11.795 11.370  4.631   1.00 20.00 ? 12  VAL A O     1 
ATOM   22   C CB    . VAL A 1 12  ? -12.800 14.361  5.262   1.00 20.00 ? 12  VAL A CB    1 
ATOM   23   C CG1   . VAL A 1 12  ? -11.466 14.232  6.081   1.00 20.00 ? 12  VAL A CG1   1 
ATOM   24   C CG2   . VAL A 1 12  ? -13.136 15.792  4.860   1.00 20.00 ? 12  VAL A CG2   1 
ATOM   25   N N     . LEU A 1 13  ? -13.864 11.805  5.382   1.00 20.00 ? 13  LEU A N     1 
ATOM   26   C CA    . LEU A 1 13  ? -13.941 10.533  6.085   1.00 20.00 ? 13  LEU A CA    1 
ATOM   27   C C     . LEU A 1 13  ? -14.017 9.562   4.964   1.00 20.00 ? 13  LEU A C     1 
ATOM   28   O O     . LEU A 1 13  ? -13.191 8.668   4.823   1.00 20.00 ? 13  LEU A O     1 
ATOM   29   C CB    . LEU A 1 13  ? -15.210 10.534  6.933   1.00 20.00 ? 13  LEU A CB    1 
ATOM   30   C CG    . LEU A 1 13  ? -15.297 11.958  7.529   1.00 20.00 ? 13  LEU A CG    1 
ATOM   31   C CD1   . LEU A 1 13  ? -16.671 12.305  8.144   1.00 20.00 ? 13  LEU A CD1   1 
ATOM   32   C CD2   . LEU A 1 13  ? -14.077 12.272  8.502   1.00 20.00 ? 13  LEU A CD2   1 
ATOM   33   N N     . MET A 1 14  ? -15.009 9.836   4.131   1.00 20.00 ? 14  MET A N     1 
ATOM   34   C CA    . MET A 1 14  ? -15.220 9.169   2.874   1.00 20.00 ? 14  MET A CA    1 
ATOM   35   C C     . MET A 1 14  ? -13.967 8.596   2.257   1.00 20.00 ? 14  MET A C     1 
ATOM   36   O O     . MET A 1 14  ? -13.854 7.374   2.032   1.00 20.00 ? 14  MET A O     1 
ATOM   37   C CB    . MET A 1 14  ? -15.745 10.193  1.856   1.00 20.00 ? 14  MET A CB    1 
ATOM   38   C CG    . MET A 1 14  ? -15.543 9.780   0.422   1.00 20.00 ? 14  MET A CG    1 
ATOM   39   S SD    . MET A 1 14  ? -17.053 10.129  -0.452  1.00 20.00 ? 14  MET A SD    1 
ATOM   40   C CE    . MET A 1 14  ? -17.487 8.435   -0.927  1.00 20.00 ? 14  MET A CE    1 
ATOM   41   N N     . ALA A 1 15  ? -13.046 9.524   1.987   1.00 20.00 ? 15  ALA A N     1 
ATOM   42   C CA    . ALA A 1 15  ? -11.749 9.238   1.461   1.00 20.00 ? 15  ALA A CA    1 
ATOM   43   C C     . ALA A 1 15  ? -11.122 8.130   2.337   1.00 20.00 ? 15  ALA A C     1 
ATOM   44   O O     . ALA A 1 15  ? -10.998 6.982   1.902   1.00 20.00 ? 15  ALA A O     1 
ATOM   45   C CB    . ALA A 1 15  ? -10.901 10.555  1.524   1.00 20.00 ? 15  ALA A CB    1 
ATOM   46   N N     . PHE A 1 16  ? -10.789 8.471   3.584   1.00 20.00 ? 16  PHE A N     1 
ATOM   47   C CA    . PHE A 1 16  ? -9.750  7.750   4.329   1.00 20.00 ? 16  PHE A CA    1 
ATOM   48   C C     . PHE A 1 16  ? -9.968  6.314   4.678   1.00 20.00 ? 16  PHE A C     1 
ATOM   49   O O     . PHE A 1 16  ? -9.074  5.478   4.446   1.00 20.00 ? 16  PHE A O     1 
ATOM   50   C CB    . PHE A 1 16  ? -9.350  8.505   5.605   1.00 20.00 ? 16  PHE A CB    1 
ATOM   51   C CG    . PHE A 1 16  ? -8.746  9.785   5.293   1.00 20.00 ? 16  PHE A CG    1 
ATOM   52   C CD1   . PHE A 1 16  ? -7.413  9.844   4.909   1.00 20.00 ? 16  PHE A CD1   1 
ATOM   53   C CD2   . PHE A 1 16  ? -9.548  10.920  5.222   1.00 20.00 ? 16  PHE A CD2   1 
ATOM   54   C CE1   . PHE A 1 16  ? -6.868  11.047  4.505   1.00 20.00 ? 16  PHE A CE1   1 
ATOM   55   C CE2   . PHE A 1 16  ? -9.037  12.146  4.837   1.00 20.00 ? 16  PHE A CE2   1 
ATOM   56   C CZ    . PHE A 1 16  ? -7.692  12.222  4.463   1.00 20.00 ? 16  PHE A CZ    1 
ATOM   57   N N     . THR A 1 17  ? -11.155 6.089   5.272   1.00 20.00 ? 17  THR A N     1 
ATOM   58   C CA    . THR A 1 17  ? -11.812 4.796   5.491   1.00 20.00 ? 17  THR A CA    1 
ATOM   59   C C     . THR A 1 17  ? -11.782 3.956   4.259   1.00 20.00 ? 17  THR A C     1 
ATOM   60   O O     . THR A 1 17  ? -11.293 2.856   4.306   1.00 20.00 ? 17  THR A O     1 
ATOM   61   C CB    . THR A 1 17  ? -13.304 5.056   5.771   1.00 20.00 ? 17  THR A CB    1 
ATOM   62   O OG1   . THR A 1 17  ? -13.452 5.554   7.099   1.00 20.00 ? 17  THR A OG1   1 
ATOM   63   C CG2   . THR A 1 17  ? -14.149 3.805   5.623   1.00 20.00 ? 17  THR A CG2   1 
ATOM   64   N N     . SER A 1 18  ? -12.320 4.466   3.157   1.00 20.00 ? 18  SER A N     1 
ATOM   65   C CA    . SER A 1 18  ? -12.390 3.664   1.948   1.00 20.00 ? 18  SER A CA    1 
ATOM   66   C C     . SER A 1 18  ? -11.010 3.141   1.539   1.00 20.00 ? 18  SER A C     1 
ATOM   67   O O     . SER A 1 18  ? -10.815 1.943   1.373   1.00 20.00 ? 18  SER A O     1 
ATOM   68   C CB    . SER A 1 18  ? -13.004 4.474   0.831   1.00 20.00 ? 18  SER A CB    1 
ATOM   69   O OG    . SER A 1 18  ? -12.556 5.807   0.912   1.00 20.00 ? 18  SER A OG    1 
ATOM   70   N N     . TYR A 1 19  ? -10.043 4.051   1.442   1.00 20.00 ? 19  TYR A N     1 
ATOM   71   C CA    . TYR A 1 19  ? -8.678  3.708   0.992   1.00 20.00 ? 19  TYR A CA    1 
ATOM   72   C C     . TYR A 1 19  ? -8.108  2.730   1.936   1.00 20.00 ? 19  TYR A C     1 
ATOM   73   O O     . TYR A 1 19  ? -7.736  1.638   1.548   1.00 20.00 ? 19  TYR A O     1 
ATOM   74   C CB    . TYR A 1 19  ? -7.698  4.913   1.005   1.00 20.00 ? 19  TYR A CB    1 
ATOM   75   C CG    . TYR A 1 19  ? -8.371  6.190   0.611   1.00 20.00 ? 19  TYR A CG    1 
ATOM   76   C CD1   . TYR A 1 19  ? -9.284  6.211   -0.481  1.00 20.00 ? 19  TYR A CD1   1 
ATOM   77   C CD2   . TYR A 1 19  ? -8.151  7.370   1.325   1.00 20.00 ? 19  TYR A CD2   1 
ATOM   78   C CE1   . TYR A 1 19  ? -9.972  7.364   -0.851  1.00 19.55 ? 19  TYR A CE1   1 
ATOM   79   C CE2   . TYR A 1 19  ? -8.810  8.567   0.938   1.00 20.00 ? 19  TYR A CE2   1 
ATOM   80   C CZ    . TYR A 1 19  ? -9.728  8.536   -0.153  1.00 20.00 ? 19  TYR A CZ    1 
ATOM   81   O OH    . TYR A 1 19  ? -10.391 9.674   -0.536  1.00 20.00 ? 19  TYR A OH    1 
ATOM   82   N N     . ALA A 1 20  ? -8.097  3.133   3.196   1.00 20.00 ? 20  ALA A N     1 
ATOM   83   C CA    . ALA A 1 20  ? -7.618  2.283   4.238   1.00 20.00 ? 20  ALA A CA    1 
ATOM   84   C C     . ALA A 1 20  ? -8.403  0.981   4.213   1.00 20.00 ? 20  ALA A C     1 
ATOM   85   O O     . ALA A 1 20  ? -7.778  -0.046  4.185   1.00 20.00 ? 20  ALA A O     1 
ATOM   86   C CB    . ALA A 1 20  ? -7.739  2.995   5.591   1.00 20.00 ? 20  ALA A CB    1 
ATOM   87   N N     . THR A 1 21  ? -9.745  1.009   4.194   1.00 20.00 ? 21  THR A N     1 
ATOM   88   C CA    . THR A 1 21  ? -10.536 -0.260  4.263   1.00 20.00 ? 21  THR A CA    1 
ATOM   89   C C     . THR A 1 21  ? -9.958  -1.197  3.242   1.00 20.00 ? 21  THR A C     1 
ATOM   90   O O     . THR A 1 21  ? -9.637  -2.359  3.554   1.00 20.00 ? 21  THR A O     1 
ATOM   91   C CB    . THR A 1 21  ? -12.105 -0.116  4.040   1.00 20.00 ? 21  THR A CB    1 
ATOM   92   O OG1   . THR A 1 21  ? -12.768 -0.011  5.304   1.00 20.00 ? 21  THR A OG1   1 
ATOM   93   C CG2   . THR A 1 21  ? -12.709 -1.347  3.294   1.00 20.00 ? 21  THR A CG2   1 
ATOM   94   N N     . ILE A 1 22  ? -9.824  -0.662  2.022   1.00 20.00 ? 22  ILE A N     1 
ATOM   95   C CA    . ILE A 1 22  ? -9.246  -1.420  0.928   1.00 20.00 ? 22  ILE A CA    1 
ATOM   96   C C     . ILE A 1 22  ? -7.956  -1.780  1.577   1.00 20.00 ? 22  ILE A C     1 
ATOM   97   O O     . ILE A 1 22  ? -7.763  -2.879  2.100   1.00 20.00 ? 22  ILE A O     1 
ATOM   98   C CB    . ILE A 1 22  ? -8.903  -0.557  -0.307  1.00 20.00 ? 22  ILE A CB    1 
ATOM   99   C CG1   . ILE A 1 22  ? -10.061 0.388   -0.657  1.00 20.00 ? 22  ILE A CG1   1 
ATOM   100  C CG2   . ILE A 1 22  ? -8.507  -1.490  -1.466  1.00 20.00 ? 22  ILE A CG2   1 
ATOM   101  C CD1   . ILE A 1 22  ? -9.714  1.455   -1.635  1.00 20.00 ? 22  ILE A CD1   1 
ATOM   102  N N     . ILE A 1 23  ? -7.106  -0.773  1.639   1.00 20.00 ? 23  ILE A N     1 
ATOM   103  C CA    . ILE A 1 23  ? -5.774  -1.002  2.104   1.00 20.00 ? 23  ILE A CA    1 
ATOM   104  C C     . ILE A 1 23  ? -5.900  -2.154  3.162   1.00 20.00 ? 23  ILE A C     1 
ATOM   105  O O     . ILE A 1 23  ? -5.295  -3.213  3.007   1.00 20.00 ? 23  ILE A O     1 
ATOM   106  C CB    . ILE A 1 23  ? -5.069  0.396   2.473   1.00 20.00 ? 23  ILE A CB    1 
ATOM   107  C CG1   . ILE A 1 23  ? -4.410  1.025   1.231   1.00 20.00 ? 23  ILE A CG1   1 
ATOM   108  C CG2   . ILE A 1 23  ? -4.071  0.281   3.569   1.00 20.00 ? 23  ILE A CG2   1 
ATOM   109  C CD1   . ILE A 1 23  ? -5.190  2.162   0.603   1.00 20.00 ? 23  ILE A CD1   1 
ATOM   110  N N     . LEU A 1 24  ? -6.808  -2.016  4.123   1.00 20.00 ? 24  LEU A N     1 
ATOM   111  C CA    . LEU A 1 24  ? -6.914  -2.976  5.270   1.00 20.00 ? 24  LEU A CA    1 
ATOM   112  C C     . LEU A 1 24  ? -7.608  -4.344  5.096   1.00 20.00 ? 24  LEU A C     1 
ATOM   113  O O     . LEU A 1 24  ? -7.382  -5.280  5.921   1.00 20.00 ? 24  LEU A O     1 
ATOM   114  C CB    . LEU A 1 24  ? -7.507  -2.266  6.483   1.00 20.00 ? 24  LEU A CB    1 
ATOM   115  C CG    . LEU A 1 24  ? -6.579  -1.100  6.837   1.00 20.00 ? 24  LEU A CG    1 
ATOM   116  C CD1   . LEU A 1 24  ? -7.152  -0.331  7.993   1.00 20.00 ? 24  LEU A CD1   1 
ATOM   117  C CD2   . LEU A 1 24  ? -5.161  -1.538  7.153   1.00 20.00 ? 24  LEU A CD2   1 
ATOM   118  N N     . ALA A 1 25  ? -8.478  -4.423  4.084   1.00 20.00 ? 25  ALA A N     1 
ATOM   119  C CA    . ALA A 1 25  ? -8.892  -5.702  3.524   1.00 20.00 ? 25  ALA A CA    1 
ATOM   120  C C     . ALA A 1 25  ? -7.631  -6.264  2.889   1.00 20.00 ? 25  ALA A C     1 
ATOM   121  O O     . ALA A 1 25  ? -7.365  -7.481  2.942   1.00 20.00 ? 25  ALA A O     1 
ATOM   122  C CB    . ALA A 1 25  ? -9.979  -5.508  2.474   1.00 20.00 ? 25  ALA A CB    1 
ATOM   123  N N     . LYS A 1 26  ? -6.834  -5.352  2.325   1.00 20.00 ? 26  LYS A N     1 
ATOM   124  C CA    . LYS A 1 26  ? -5.675  -5.759  1.584   1.00 20.00 ? 26  LYS A CA    1 
ATOM   125  C C     . LYS A 1 26  ? -4.796  -6.413  2.596   1.00 20.00 ? 26  LYS A C     1 
ATOM   126  O O     . LYS A 1 26  ? -4.684  -7.653  2.642   1.00 20.00 ? 26  LYS A O     1 
ATOM   127  C CB    . LYS A 1 26  ? -4.991  -4.528  0.955   1.00 20.00 ? 26  LYS A CB    1 
ATOM   128  C CG    . LYS A 1 26  ? -3.714  -4.754  0.112   1.00 20.00 ? 26  LYS A CG    1 
ATOM   129  C CD    . LYS A 1 26  ? -3.124  -3.424  -0.414  1.00 20.00 ? 26  LYS A CD    1 
ATOM   130  C CE    . LYS A 1 26  ? -1.890  -3.698  -1.305  1.00 20.00 ? 26  LYS A CE    1 
ATOM   131  N NZ    . LYS A 1 26  ? -1.219  -2.498  -1.929  1.00 20.00 ? 26  LYS A NZ    1 
ATOM   132  N N     . MET A 1 27  ? -4.258  -5.571  3.475   1.00 20.00 ? 27  MET A N     1 
ATOM   133  C CA    . MET A 1 27  ? -3.207  -5.993  4.407   1.00 20.00 ? 27  MET A CA    1 
ATOM   134  C C     . MET A 1 27  ? -3.719  -7.041  5.369   1.00 20.00 ? 27  MET A C     1 
ATOM   135  O O     . MET A 1 27  ? -2.972  -7.631  6.153   1.00 20.00 ? 27  MET A O     1 
ATOM   136  C CB    . MET A 1 27  ? -2.690  -4.817  5.213   1.00 20.00 ? 27  MET A CB    1 
ATOM   137  C CG    . MET A 1 27  ? -2.010  -3.779  4.403   1.00 20.00 ? 27  MET A CG    1 
ATOM   138  S SD    . MET A 1 27  ? -1.454  -2.548  5.577   1.00 20.00 ? 27  MET A SD    1 
ATOM   139  C CE    . MET A 1 27  ? -0.168  -3.469  6.447   1.00 20.00 ? 27  MET A CE    1 
ATOM   140  N N     . MET A 1 28  ? -5.008  -7.261  5.320   1.00 20.00 ? 28  MET A N     1 
ATOM   141  C CA    . MET A 1 28  ? -5.538  -8.070  6.334   1.00 20.00 ? 28  MET A CA    1 
ATOM   142  C C     . MET A 1 28  ? -5.623  -9.511  5.871   1.00 20.00 ? 28  MET A C     1 
ATOM   143  O O     . MET A 1 28  ? -5.047  -10.406 6.517   1.00 20.00 ? 28  MET A O     1 
ATOM   144  C CB    . MET A 1 28  ? -6.857  -7.528  6.832   1.00 20.00 ? 28  MET A CB    1 
ATOM   145  C CG    . MET A 1 28  ? -7.370  -8.299  8.004   1.00 20.00 ? 28  MET A CG    1 
ATOM   146  S SD    . MET A 1 28  ? -8.883  -7.455  8.348   1.00 20.00 ? 28  MET A SD    1 
ATOM   147  C CE    . MET A 1 28  ? -8.411  -6.525  9.830   1.00 20.00 ? 28  MET A CE    1 
ATOM   148  N N     . PHE A 1 29  ? -6.340  -9.761  4.779   1.00 20.00 ? 29  PHE A N     1 
ATOM   149  C CA    . PHE A 1 29  ? -6.343  -11.116 4.243   1.00 20.00 ? 29  PHE A CA    1 
ATOM   150  C C     . PHE A 1 29  ? -4.864  -11.515 4.222   1.00 20.00 ? 29  PHE A C     1 
ATOM   151  O O     . PHE A 1 29  ? -4.440  -12.474 4.893   1.00 20.00 ? 29  PHE A O     1 
ATOM   152  C CB    . PHE A 1 29  ? -6.904  -11.129 2.825   1.00 20.00 ? 29  PHE A CB    1 
ATOM   153  C CG    . PHE A 1 29  ? -8.251  -11.746 2.714   1.00 20.00 ? 29  PHE A CG    1 
ATOM   154  C CD1   . PHE A 1 29  ? -9.404  -10.972 2.855   1.00 20.00 ? 29  PHE A CD1   1 
ATOM   155  C CD2   . PHE A 1 29  ? -8.382  -13.109 2.440   1.00 20.00 ? 29  PHE A CD2   1 
ATOM   156  C CE1   . PHE A 1 29  ? -10.674 -11.554 2.734   1.00 20.00 ? 29  PHE A CE1   1 
ATOM   157  C CE2   . PHE A 1 29  ? -9.638  -13.705 2.324   1.00 20.00 ? 29  PHE A CE2   1 
ATOM   158  C CZ    . PHE A 1 29  ? -10.782 -12.925 2.468   1.00 20.00 ? 29  PHE A CZ    1 
ATOM   159  N N     . LEU A 1 30  ? -4.082  -10.690 3.520   1.00 20.00 ? 30  LEU A N     1 
ATOM   160  C CA    . LEU A 1 30  ? -2.696  -11.001 3.202   1.00 20.00 ? 30  LEU A CA    1 
ATOM   161  C C     . LEU A 1 30  ? -1.804  -11.390 4.418   1.00 20.00 ? 30  LEU A C     1 
ATOM   162  O O     . LEU A 1 30  ? -0.880  -12.195 4.266   1.00 20.00 ? 30  LEU A O     1 
ATOM   163  C CB    . LEU A 1 30  ? -2.078  -9.870  2.349   1.00 20.00 ? 30  LEU A CB    1 
ATOM   164  C CG    . LEU A 1 30  ? -2.966  -9.013  1.410   1.00 20.00 ? 30  LEU A CG    1 
ATOM   165  C CD1   . LEU A 1 30  ? -2.091  -7.968  0.672   1.00 20.00 ? 30  LEU A CD1   1 
ATOM   166  C CD2   . LEU A 1 30  ? -3.901  -9.804  0.440   1.00 20.00 ? 30  LEU A CD2   1 
ATOM   167  N N     . SER A 1 31  ? -2.100  -10.828 5.602   1.00 20.00 ? 31  SER A N     1 
ATOM   168  C CA    . SER A 1 31  ? -1.347  -11.102 6.870   1.00 20.00 ? 31  SER A CA    1 
ATOM   169  C C     . SER A 1 31  ? -1.602  -12.446 7.580   1.00 20.00 ? 31  SER A C     1 
ATOM   170  O O     . SER A 1 31  ? -0.676  -13.184 7.961   1.00 20.00 ? 31  SER A O     1 
ATOM   171  C CB    . SER A 1 31  ? -1.626  -10.038 7.944   1.00 20.00 ? 31  SER A CB    1 
ATOM   172  O OG    . SER A 1 31  ? -1.346  -10.589 9.223   1.00 20.00 ? 31  SER A OG    1 
ATOM   173  N N     . SER A 1 32  ? -2.883  -12.736 7.751   1.00 20.00 ? 32  SER A N     1 
ATOM   174  C CA    . SER A 1 32  ? -3.319  -13.895 8.480   1.00 20.00 ? 32  SER A CA    1 
ATOM   175  C C     . SER A 1 32  ? -3.014  -14.937 7.457   1.00 20.00 ? 32  SER A C     1 
ATOM   176  O O     . SER A 1 32  ? -2.581  -16.056 7.775   1.00 20.00 ? 32  SER A O     1 
ATOM   177  C CB    . SER A 1 32  ? -4.827  -13.786 8.721   1.00 20.00 ? 32  SER A CB    1 
ATOM   178  O OG    . SER A 1 32  ? -5.191  -12.405 8.865   1.00 20.00 ? 32  SER A OG    1 
ATOM   179  N N     . ALA A 1 33  ? -3.194  -14.491 6.207   1.00 20.00 ? 33  ALA A N     1 
ATOM   180  C CA    . ALA A 1 33  ? -3.223  -15.377 5.024   1.00 20.00 ? 33  ALA A CA    1 
ATOM   181  C C     . ALA A 1 33  ? -1.868  -16.013 4.817   1.00 20.00 ? 33  ALA A C     1 
ATOM   182  O O     . ALA A 1 33  ? -1.710  -17.253 4.765   1.00 20.00 ? 33  ALA A O     1 
ATOM   183  C CB    . ALA A 1 33  ? -3.630  -14.597 3.760   1.00 20.00 ? 33  ALA A CB    1 
ATOM   184  N N     . THR A 1 34  ? -0.903  -15.121 4.669   1.00 20.00 ? 34  THR A N     1 
ATOM   185  C CA    . THR A 1 34  ? 0.474   -15.500 4.691   1.00 20.00 ? 34  THR A CA    1 
ATOM   186  C C     . THR A 1 34  ? 0.687   -16.428 5.929   1.00 20.00 ? 34  THR A C     1 
ATOM   187  O O     . THR A 1 34  ? 1.097   -17.589 5.751   1.00 20.00 ? 34  THR A O     1 
ATOM   188  C CB    . THR A 1 34  ? 1.353   -14.222 4.669   1.00 20.00 ? 34  THR A CB    1 
ATOM   189  O OG1   . THR A 1 34  ? 1.023   -13.391 5.791   1.00 20.00 ? 34  THR A OG1   1 
ATOM   190  C CG2   . THR A 1 34  ? 1.089   -13.430 3.398   1.00 20.00 ? 34  THR A CG2   1 
ATOM   191  N N     . ALA A 1 35  ? 0.334   -15.970 7.143   1.00 20.00 ? 35  ALA A N     1 
ATOM   192  C CA    . ALA A 1 35  ? 0.458   -16.860 8.285   1.00 20.00 ? 35  ALA A CA    1 
ATOM   193  C C     . ALA A 1 35  ? -0.061  -18.188 7.766   1.00 20.00 ? 35  ALA A C     1 
ATOM   194  O O     . ALA A 1 35  ? 0.685   -19.174 7.697   1.00 20.00 ? 35  ALA A O     1 
ATOM   195  C CB    . ALA A 1 35  ? -0.376  -16.367 9.488   1.00 20.00 ? 35  ALA A CB    1 
ATOM   196  N N     . PHE A 1 36  ? -1.314  -18.200 7.331   1.00 20.00 ? 36  PHE A N     1 
ATOM   197  C CA    . PHE A 1 36  ? -1.994  -19.486 7.077   1.00 20.00 ? 36  PHE A CA    1 
ATOM   198  C C     . PHE A 1 36  ? -1.371  -20.382 6.049   1.00 20.00 ? 36  PHE A C     1 
ATOM   199  O O     . PHE A 1 36  ? -1.489  -21.611 6.091   1.00 20.00 ? 36  PHE A O     1 
ATOM   200  C CB    . PHE A 1 36  ? -3.490  -19.321 6.780   1.00 20.00 ? 36  PHE A CB    1 
ATOM   201  C CG    . PHE A 1 36  ? -4.315  -19.614 7.956   1.00 20.00 ? 36  PHE A CG    1 
ATOM   202  C CD1   . PHE A 1 36  ? -4.605  -18.604 8.877   1.00 20.00 ? 36  PHE A CD1   1 
ATOM   203  C CD2   . PHE A 1 36  ? -4.695  -20.918 8.228   1.00 20.00 ? 36  PHE A CD2   1 
ATOM   204  C CE1   . PHE A 1 36  ? -5.311  -18.875 10.012  1.00 20.00 ? 36  PHE A CE1   1 
ATOM   205  C CE2   . PHE A 1 36  ? -5.391  -21.197 9.366   1.00 20.00 ? 36  PHE A CE2   1 
ATOM   206  C CZ    . PHE A 1 36  ? -5.705  -20.167 10.256  1.00 20.00 ? 36  PHE A CZ    1 
ATOM   207  N N     . GLN A 1 37  ? -0.719  -19.727 5.109   1.00 20.00 ? 37  GLN A N     1 
ATOM   208  C CA    . GLN A 1 37  ? -0.161  -20.421 3.987   1.00 20.00 ? 37  GLN A CA    1 
ATOM   209  C C     . GLN A 1 37  ? 1.195   -20.937 4.448   1.00 20.00 ? 37  GLN A C     1 
ATOM   210  O O     . GLN A 1 37  ? 1.534   -22.097 4.215   1.00 20.00 ? 37  GLN A O     1 
ATOM   211  C CB    . GLN A 1 37  ? -0.104  -19.473 2.790   1.00 20.00 ? 37  GLN A CB    1 
ATOM   212  C CG    . GLN A 1 37  ? -1.409  -18.665 2.643   1.00 20.00 ? 37  GLN A CG    1 
ATOM   213  C CD    . GLN A 1 37  ? -1.222  -17.352 1.875   1.00 20.00 ? 37  GLN A CD    1 
ATOM   214  O OE1   . GLN A 1 37  ? -0.596  -17.323 0.801   1.00 20.00 ? 37  GLN A OE1   1 
ATOM   215  N NE2   . GLN A 1 37  ? -1.796  -16.277 2.394   1.00 20.00 ? 37  GLN A NE2   1 
ATOM   216  N N     . ARG A 1 38  ? 1.909   -20.074 5.190   1.00 20.00 ? 38  ARG A N     1 
ATOM   217  C CA    . ARG A 1 38  ? 3.242   -20.369 5.772   1.00 20.00 ? 38  ARG A CA    1 
ATOM   218  C C     . ARG A 1 38  ? 3.261   -21.733 6.414   1.00 20.00 ? 38  ARG A C     1 
ATOM   219  O O     . ARG A 1 38  ? 3.959   -22.639 5.956   1.00 20.00 ? 38  ARG A O     1 
ATOM   220  C CB    . ARG A 1 38  ? 3.625   -19.338 6.826   1.00 20.00 ? 38  ARG A CB    1 
ATOM   221  C CG    . ARG A 1 38  ? 3.829   -17.944 6.258   1.00 20.00 ? 38  ARG A CG    1 
ATOM   222  C CD    . ARG A 1 38  ? 4.511   -16.996 7.298   1.00 20.00 ? 38  ARG A CD    1 
ATOM   223  N NE    . ARG A 1 38  ? 4.607   -15.593 6.857   1.00 20.00 ? 38  ARG A NE    1 
ATOM   224  C CZ    . ARG A 1 38  ? 5.572   -14.741 7.212   1.00 20.00 ? 38  ARG A CZ    1 
ATOM   225  N NH1   . ARG A 1 38  ? 6.543   -15.149 8.016   1.00 20.00 ? 38  ARG A NH1   1 
ATOM   226  N NH2   . ARG A 1 38  ? 5.571   -13.486 6.755   1.00 20.00 ? 38  ARG A NH2   1 
ATOM   227  N N     . LEU A 1 39  ? 2.444   -21.889 7.442   1.00 20.00 ? 39  LEU A N     1 
ATOM   228  C CA    . LEU A 1 39  ? 2.341   -23.187 8.048   1.00 20.00 ? 39  LEU A CA    1 
ATOM   229  C C     . LEU A 1 39  ? 1.883   -24.227 7.001   1.00 20.00 ? 39  LEU A C     1 
ATOM   230  O O     . LEU A 1 39  ? 2.395   -25.355 6.997   1.00 20.00 ? 39  LEU A O     1 
ATOM   231  C CB    . LEU A 1 39  ? 1.451   -23.153 9.314   1.00 20.00 ? 39  LEU A CB    1 
ATOM   232  C CG    . LEU A 1 39  ? 1.424   -21.976 10.327  1.00 20.00 ? 39  LEU A CG    1 
ATOM   233  C CD1   . LEU A 1 39  ? 1.228   -22.506 11.748  1.00 20.00 ? 39  LEU A CD1   1 
ATOM   234  C CD2   . LEU A 1 39  ? 2.655   -21.013 10.302  1.00 20.00 ? 39  LEU A CD2   1 
ATOM   235  N N     . THR A 1 40  ? 0.969   -23.831 6.100   1.00 20.00 ? 40  THR A N     1 
ATOM   236  C CA    . THR A 1 40  ? 0.381   -24.780 5.119   1.00 20.00 ? 40  THR A CA    1 
ATOM   237  C C     . THR A 1 40  ? 1.397   -25.193 4.066   1.00 20.00 ? 40  THR A C     1 
ATOM   238  O O     . THR A 1 40  ? 1.467   -26.384 3.670   1.00 20.00 ? 40  THR A O     1 
ATOM   239  C CB    . THR A 1 40  ? -0.798  -24.165 4.314   1.00 20.00 ? 40  THR A CB    1 
ATOM   240  O OG1   . THR A 1 40  ? -1.441  -25.183 3.522   1.00 20.00 ? 40  THR A OG1   1 
ATOM   241  C CG2   . THR A 1 40  ? -0.289  -23.074 3.356   1.00 20.00 ? 40  THR A CG2   1 
ATOM   242  N N     . ASN A 1 41  ? 2.152   -24.215 3.587   1.00 20.00 ? 41  ASN A N     1 
ATOM   243  C CA    . ASN A 1 41  ? 3.332   -24.471 2.816   1.00 20.00 ? 41  ASN A CA    1 
ATOM   244  C C     . ASN A 1 41  ? 4.382   -24.695 3.892   1.00 20.00 ? 41  ASN A C     1 
ATOM   245  O O     . ASN A 1 41  ? 4.922   -23.724 4.425   1.00 20.00 ? 41  ASN A O     1 
ATOM   246  C CB    . ASN A 1 41  ? 3.646   -23.242 1.974   1.00 20.00 ? 41  ASN A CB    1 
ATOM   247  C CG    . ASN A 1 41  ? 2.510   -22.886 0.956   1.00 20.00 ? 41  ASN A CG    1 
ATOM   248  O OD1   . ASN A 1 41  ? 2.450   -23.435 -0.140  1.00 20.00 ? 41  ASN A OD1   1 
ATOM   249  N ND2   . ASN A 1 41  ? 1.659   -21.930 1.313   1.00 20.00 ? 41  ASN A ND2   1 
ATOM   250  N N     . LYS A 1 42  ? 4.638   -25.964 4.231   1.00 20.00 ? 42  LYS A N     1 
ATOM   251  C CA    . LYS A 1 42  ? 5.562   -26.341 5.321   1.00 20.00 ? 42  LYS A CA    1 
ATOM   252  C C     . LYS A 1 42  ? 4.804   -27.091 6.399   1.00 20.00 ? 42  LYS A C     1 
ATOM   253  O O     . LYS A 1 42  ? 3.614   -27.365 6.226   1.00 20.00 ? 42  LYS A O     1 
ATOM   254  C CB    . LYS A 1 42  ? 6.271   -25.116 5.936   1.00 20.00 ? 42  LYS A CB    1 
ATOM   255  C CG    . LYS A 1 42  ? 7.293   -24.460 5.010   1.00 20.00 ? 42  LYS A CG    1 
ATOM   256  C CD    . LYS A 1 42  ? 7.770   -23.161 5.599   1.00 20.00 ? 42  LYS A CD    1 
ATOM   257  C CE    . LYS A 1 42  ? 8.550   -23.395 6.933   1.00 20.00 ? 42  LYS A CE    1 
ATOM   258  N NZ    . LYS A 1 42  ? 9.236   -22.161 7.532   1.00 20.00 ? 42  LYS A NZ    1 
ATOM   259  N N     . ASP A 1 66  ? 11.239  -23.331 3.593   1.00 9.10  ? 66  ASP A N     1 
ATOM   260  C CA    . ASP A 1 66  ? 10.492  -23.495 2.338   1.00 8.97  ? 66  ASP A CA    1 
ATOM   261  C C     . ASP A 1 66  ? 10.220  -22.222 1.601   1.00 14.67 ? 66  ASP A C     1 
ATOM   262  O O     . ASP A 1 66  ? 9.889   -21.183 2.170   1.00 9.43  ? 66  ASP A O     1 
ATOM   263  C CB    . ASP A 1 66  ? 9.140   -24.201 2.670   1.00 7.15  ? 66  ASP A CB    1 
ATOM   264  C CG    . ASP A 1 66  ? 8.097   -24.120 1.539   1.00 2.00  ? 66  ASP A CG    1 
ATOM   265  O OD1   . ASP A 1 66  ? 7.830   -25.166 0.911   1.00 2.00  ? 66  ASP A OD1   1 
ATOM   266  O OD2   . ASP A 1 66  ? 7.515   -23.004 1.313   1.00 2.00  ? 66  ASP A OD2   1 
ATOM   267  N N     . GLU A 1 67  ? 10.419  -22.342 0.305   1.00 4.97  ? 67  GLU A N     1 
ATOM   268  C CA    . GLU A 1 67  ? 10.375  -21.192 -0.539  1.00 2.00  ? 67  GLU A CA    1 
ATOM   269  C C     . GLU A 1 67  ? 9.294   -20.228 -0.054  1.00 2.00  ? 67  GLU A C     1 
ATOM   270  O O     . GLU A 1 67  ? 9.557   -19.029 0.118   1.00 2.00  ? 67  GLU A O     1 
ATOM   271  C CB    . GLU A 1 67  ? 10.036  -21.625 -1.964  1.00 2.00  ? 67  GLU A CB    1 
ATOM   272  C CG    . GLU A 1 67  ? 10.141  -20.477 -3.026  1.00 2.00  ? 67  GLU A CG    1 
ATOM   273  C CD    . GLU A 1 67  ? 9.984   -20.943 -4.484  1.00 2.00  ? 67  GLU A CD    1 
ATOM   274  O OE1   . GLU A 1 67  ? 9.802   -22.178 -4.698  1.00 2.00  ? 67  GLU A OE1   1 
ATOM   275  O OE2   . GLU A 1 67  ? 10.037  -20.084 -5.403  1.00 2.00  ? 67  GLU A OE2   1 
ATOM   276  N N     . LYS A 1 68  ? 8.090   -20.759 0.183   1.00 12.95 ? 68  LYS A N     1 
ATOM   277  C CA    . LYS A 1 68  ? 6.955   -19.950 0.644   1.00 15.38 ? 68  LYS A CA    1 
ATOM   278  C C     . LYS A 1 68  ? 7.309   -19.164 1.901   1.00 16.66 ? 68  LYS A C     1 
ATOM   279  O O     . LYS A 1 68  ? 6.660   -18.168 2.213   1.00 16.95 ? 68  LYS A O     1 
ATOM   280  C CB    . LYS A 1 68  ? 5.699   -20.805 0.876   1.00 15.38 ? 68  LYS A CB    1 
ATOM   281  C CG    . LYS A 1 68  ? 5.402   -21.809 -0.230  1.00 17.03 ? 68  LYS A CG    1 
ATOM   282  C CD    . LYS A 1 68  ? 4.397   -21.273 -1.243  1.00 19.25 ? 68  LYS A CD    1 
ATOM   283  C CE    . LYS A 1 68  ? 4.239   -22.234 -2.417  1.00 20.00 ? 68  LYS A CE    1 
ATOM   284  N NZ    . LYS A 1 68  ? 3.673   -23.559 -1.946  1.00 20.00 ? 68  LYS A NZ    1 
ATOM   285  N N     . VAL A 1 69  ? 8.338   -19.617 2.613   1.00 18.29 ? 69  VAL A N     1 
ATOM   286  C CA    . VAL A 1 69  ? 8.781   -18.954 3.840   1.00 20.00 ? 69  VAL A CA    1 
ATOM   287  C C     . VAL A 1 69  ? 9.009   -17.455 3.615   1.00 20.00 ? 69  VAL A C     1 
ATOM   288  O O     . VAL A 1 69  ? 8.304   -16.612 4.185   1.00 20.00 ? 69  VAL A O     1 
ATOM   289  C CB    . VAL A 1 69  ? 10.096  -19.586 4.394   1.00 20.00 ? 69  VAL A CB    1 
ATOM   290  C CG1   . VAL A 1 69  ? 10.936  -18.555 5.194   1.00 19.48 ? 69  VAL A CG1   1 
ATOM   291  C CG2   . VAL A 1 69  ? 9.793   -20.815 5.210   1.00 19.62 ? 69  VAL A CG2   1 
ATOM   292  N N     . GLU A 1 70  ? 10.003  -17.131 2.793   1.00 20.00 ? 70  GLU A N     1 
ATOM   293  C CA    . GLU A 1 70  ? 10.293  -15.760 2.498   1.00 20.00 ? 70  GLU A CA    1 
ATOM   294  C C     . GLU A 1 70  ? 9.165   -15.099 1.676   1.00 20.00 ? 70  GLU A C     1 
ATOM   295  O O     . GLU A 1 70  ? 8.774   -13.964 1.959   1.00 20.00 ? 70  GLU A O     1 
ATOM   296  C CB    . GLU A 1 70  ? 11.633  -15.606 1.747   1.00 20.00 ? 70  GLU A CB    1 
ATOM   297  C CG    . GLU A 1 70  ? 12.182  -16.864 1.075   1.00 20.00 ? 70  GLU A CG    1 
ATOM   298  C CD    . GLU A 1 70  ? 13.062  -16.554 -0.150  1.00 20.00 ? 70  GLU A CD    1 
ATOM   299  O OE1   . GLU A 1 70  ? 12.896  -15.498 -0.789  1.00 20.00 ? 70  GLU A OE1   1 
ATOM   300  O OE2   . GLU A 1 70  ? 13.914  -17.402 -0.499  1.00 20.00 ? 70  GLU A OE2   1 
ATOM   301  N N     . ARG A 1 71  ? 8.642   -15.819 0.676   1.00 20.00 ? 71  ARG A N     1 
ATOM   302  C CA    . ARG A 1 71  ? 7.431   -15.375 -0.032  1.00 20.00 ? 71  ARG A CA    1 
ATOM   303  C C     . ARG A 1 71  ? 6.481   -14.695 1.010   1.00 20.00 ? 71  ARG A C     1 
ATOM   304  O O     . ARG A 1 71  ? 6.074   -13.530 0.857   1.00 20.00 ? 71  ARG A O     1 
ATOM   305  C CB    . ARG A 1 71  ? 6.699   -16.598 -0.709  1.00 20.00 ? 71  ARG A CB    1 
ATOM   306  C CG    . ARG A 1 71  ? 7.451   -17.339 -1.875  1.00 20.00 ? 71  ARG A CG    1 
ATOM   307  C CD    . ARG A 1 71  ? 6.721   -18.595 -2.568  1.00 20.00 ? 71  ARG A CD    1 
ATOM   308  N NE    . ARG A 1 71  ? 7.340   -18.857 -3.905  1.00 20.00 ? 71  ARG A NE    1 
ATOM   309  C CZ    . ARG A 1 71  ? 6.794   -19.440 -5.005  1.00 20.00 ? 71  ARG A CZ    1 
ATOM   310  N NH1   . ARG A 1 71  ? 5.540   -19.892 -4.992  1.00 20.00 ? 71  ARG A NH1   1 
ATOM   311  N NH2   . ARG A 1 71  ? 7.519   -19.566 -6.146  1.00 20.00 ? 71  ARG A NH2   1 
ATOM   312  N N     . VAL A 1 72  ? 6.155   -15.406 2.083   1.00 20.00 ? 72  VAL A N     1 
ATOM   313  C CA    . VAL A 1 72  ? 5.108   -14.938 2.952   1.00 20.00 ? 72  VAL A CA    1 
ATOM   314  C C     . VAL A 1 72  ? 5.741   -13.818 3.779   1.00 20.00 ? 72  VAL A C     1 
ATOM   315  O O     . VAL A 1 72  ? 5.316   -12.655 3.705   1.00 20.00 ? 72  VAL A O     1 
ATOM   316  C CB    . VAL A 1 72  ? 4.470   -16.093 3.782   1.00 20.00 ? 72  VAL A CB    1 
ATOM   317  C CG1   . VAL A 1 72  ? 3.330   -15.598 4.532   1.00 20.00 ? 72  VAL A CG1   1 
ATOM   318  C CG2   . VAL A 1 72  ? 3.911   -17.152 2.896   1.00 20.00 ? 72  VAL A CG2   1 
ATOM   319  N N     . ARG A 1 73  ? 6.792   -14.159 4.517   1.00 20.00 ? 73  ARG A N     1 
ATOM   320  C CA    . ARG A 1 73  ? 7.586   -13.147 5.174   1.00 20.00 ? 73  ARG A CA    1 
ATOM   321  C C     . ARG A 1 73  ? 7.512   -11.928 4.261   1.00 20.00 ? 73  ARG A C     1 
ATOM   322  O O     . ARG A 1 73  ? 7.112   -10.829 4.685   1.00 20.00 ? 73  ARG A O     1 
ATOM   323  C CB    . ARG A 1 73  ? 9.049   -13.607 5.320   1.00 20.00 ? 73  ARG A CB    1 
ATOM   324  C CG    . ARG A 1 73  ? 9.965   -12.665 6.192   1.00 20.00 ? 73  ARG A CG    1 
ATOM   325  C CD    . ARG A 1 73  ? 11.471  -13.160 6.375   1.00 20.00 ? 73  ARG A CD    1 
ATOM   326  N NE    . ARG A 1 73  ? 11.579  -14.464 7.062   1.00 20.00 ? 73  ARG A NE    1 
ATOM   327  C CZ    . ARG A 1 73  ? 11.656  -14.643 8.382   1.00 20.00 ? 73  ARG A CZ    1 
ATOM   328  N NH1   . ARG A 1 73  ? 11.619  -13.593 9.202   1.00 20.00 ? 73  ARG A NH1   1 
ATOM   329  N NH2   . ARG A 1 73  ? 11.760  -15.883 8.879   1.00 20.00 ? 73  ARG A NH2   1 
ATOM   330  N N     . ARG A 1 74  ? 7.832   -12.183 2.985   1.00 20.00 ? 74  ARG A N     1 
ATOM   331  C CA    . ARG A 1 74  ? 8.044   -11.153 1.963   1.00 20.00 ? 74  ARG A CA    1 
ATOM   332  C C     . ARG A 1 74  ? 6.828   -10.265 1.746   1.00 20.00 ? 74  ARG A C     1 
ATOM   333  O O     . ARG A 1 74  ? 6.939   -9.035  1.642   1.00 20.00 ? 74  ARG A O     1 
ATOM   334  C CB    . ARG A 1 74  ? 8.424   -11.807 0.628   1.00 20.00 ? 74  ARG A CB    1 
ATOM   335  C CG    . ARG A 1 74  ? 9.920   -11.886 0.306   1.00 20.00 ? 74  ARG A CG    1 
ATOM   336  C CD    . ARG A 1 74  ? 10.069  -12.841 -0.847  1.00 20.00 ? 74  ARG A CD    1 
ATOM   337  N NE    . ARG A 1 74  ? 11.438  -13.315 -1.049  1.00 20.00 ? 74  ARG A NE    1 
ATOM   338  C CZ    . ARG A 1 74  ? 12.081  -13.277 -2.227  1.00 20.00 ? 74  ARG A CZ    1 
ATOM   339  N NH1   . ARG A 1 74  ? 11.475  -12.787 -3.304  1.00 20.00 ? 74  ARG A NH1   1 
ATOM   340  N NH2   . ARG A 1 74  ? 13.333  -13.738 -2.338  1.00 20.00 ? 74  ARG A NH2   1 
ATOM   341  N N     . ALA A 1 75  ? 5.664   -10.895 1.670   1.00 20.00 ? 75  ALA A N     1 
ATOM   342  C CA    . ALA A 1 75  ? 4.470   -10.150 1.373   1.00 20.00 ? 75  ALA A CA    1 
ATOM   343  C C     . ALA A 1 75  ? 4.314   -9.179  2.514   1.00 20.00 ? 75  ALA A C     1 
ATOM   344  O O     . ALA A 1 75  ? 4.352   -7.970  2.305   1.00 20.00 ? 75  ALA A O     1 
ATOM   345  C CB    . ALA A 1 75  ? 3.289   -11.077 1.260   1.00 20.00 ? 75  ALA A CB    1 
ATOM   346  N N     . HIS A 1 76  ? 4.242   -9.720  3.728   1.00 20.00 ? 76  HIS A N     1 
ATOM   347  C CA    . HIS A 1 76  ? 4.016   -8.901  4.914   1.00 20.00 ? 76  HIS A CA    1 
ATOM   348  C C     . HIS A 1 76  ? 4.746   -7.584  4.775   1.00 20.00 ? 76  HIS A C     1 
ATOM   349  O O     . HIS A 1 76  ? 4.107   -6.564  4.602   1.00 20.00 ? 76  HIS A O     1 
ATOM   350  C CB    . HIS A 1 76  ? 4.407   -9.603  6.252   1.00 20.00 ? 76  HIS A CB    1 
ATOM   351  C CG    . HIS A 1 76  ? 3.403   -10.613 6.752   1.00 20.00 ? 76  HIS A CG    1 
ATOM   352  N ND1   . HIS A 1 76  ? 3.725   -11.586 7.686   1.00 20.00 ? 76  HIS A ND1   1 
ATOM   353  C CD2   . HIS A 1 76  ? 2.092   -10.807 6.443   1.00 20.00 ? 76  HIS A CD2   1 
ATOM   354  C CE1   . HIS A 1 76  ? 2.659   -12.330 7.935   1.00 20.00 ? 76  HIS A CE1   1 
ATOM   355  N NE2   . HIS A 1 76  ? 1.657   -11.881 7.191   1.00 20.00 ? 76  HIS A NE2   1 
ATOM   356  N N     . LEU A 1 77  ? 6.077   -7.624  4.747   1.00 20.00 ? 77  LEU A N     1 
ATOM   357  C CA    . LEU A 1 77  ? 6.871   -6.459  5.115   1.00 20.00 ? 77  LEU A CA    1 
ATOM   358  C C     . LEU A 1 77  ? 6.999   -5.311  4.098   1.00 20.00 ? 77  LEU A C     1 
ATOM   359  O O     . LEU A 1 77  ? 6.823   -4.168  4.500   1.00 20.00 ? 77  LEU A O     1 
ATOM   360  C CB    . LEU A 1 77  ? 8.173   -6.899  5.801   1.00 20.00 ? 77  LEU A CB    1 
ATOM   361  C CG    . LEU A 1 77  ? 7.957   -7.386  7.280   1.00 20.00 ? 77  LEU A CG    1 
ATOM   362  C CD1   . LEU A 1 77  ? 6.918   -8.471  7.393   1.00 20.00 ? 77  LEU A CD1   1 
ATOM   363  C CD2   . LEU A 1 77  ? 9.211   -7.869  8.083   1.00 20.00 ? 77  LEU A CD2   1 
ATOM   364  N N     . ASN A 1 78  ? 7.254   -5.604  2.806   1.00 20.00 ? 78  ASN A N     1 
ATOM   365  C CA    . ASN A 1 78  ? 7.070   -4.617  1.667   1.00 20.00 ? 78  ASN A CA    1 
ATOM   366  C C     . ASN A 1 78  ? 5.726   -3.928  1.835   1.00 20.00 ? 78  ASN A C     1 
ATOM   367  O O     . ASN A 1 78  ? 5.686   -2.693  1.968   1.00 20.00 ? 78  ASN A O     1 
ATOM   368  C CB    . ASN A 1 78  ? 7.065   -5.254  0.244   1.00 20.00 ? 78  ASN A CB    1 
ATOM   369  C CG    . ASN A 1 78  ? 7.002   -4.208  -0.884  1.00 20.00 ? 78  ASN A CG    1 
ATOM   370  O OD1   . ASN A 1 78  ? 7.562   -3.118  -0.747  1.00 20.00 ? 78  ASN A OD1   1 
ATOM   371  N ND2   . ASN A 1 78  ? 6.323   -4.537  -2.003  1.00 20.00 ? 78  ASN A ND2   1 
ATOM   372  N N     . ASP A 1 79  ? 4.648   -4.755  1.821   1.00 20.00 ? 79  ASP A N     1 
ATOM   373  C CA    . ASP A 1 79  ? 3.228   -4.330  2.052   1.00 20.00 ? 79  ASP A CA    1 
ATOM   374  C C     . ASP A 1 79  ? 3.027   -3.738  3.430   1.00 20.00 ? 79  ASP A C     1 
ATOM   375  O O     . ASP A 1 79  ? 2.242   -2.789  3.603   1.00 20.00 ? 79  ASP A O     1 
ATOM   376  C CB    . ASP A 1 79  ? 2.209   -5.449  1.815   1.00 20.00 ? 79  ASP A CB    1 
ATOM   377  C CG    . ASP A 1 79  ? 0.786   -4.990  2.035   1.00 20.00 ? 79  ASP A CG    1 
ATOM   378  O OD1   . ASP A 1 79  ? 0.337   -4.071  1.326   1.00 20.00 ? 79  ASP A OD1   1 
ATOM   379  O OD2   . ASP A 1 79  ? 0.099   -5.560  2.915   1.00 20.00 ? 79  ASP A OD2   1 
ATOM   380  N N     . LEU A 1 80  ? 3.742   -4.298  4.406   1.00 20.00 ? 80  LEU A N     1 
ATOM   381  C CA    . LEU A 1 80  ? 3.531   -3.854  5.754   1.00 20.00 ? 80  LEU A CA    1 
ATOM   382  C C     . LEU A 1 80  ? 4.085   -2.494  5.771   1.00 20.00 ? 80  LEU A C     1 
ATOM   383  O O     . LEU A 1 80  ? 3.532   -1.607  6.398   1.00 20.00 ? 80  LEU A O     1 
ATOM   384  C CB    . LEU A 1 80  ? 4.215   -4.698  6.810   1.00 20.00 ? 80  LEU A CB    1 
ATOM   385  C CG    . LEU A 1 80  ? 3.610   -4.235  8.136   1.00 20.00 ? 80  LEU A CG    1 
ATOM   386  C CD1   . LEU A 1 80  ? 3.694   -5.322  9.169   1.00 20.00 ? 80  LEU A CD1   1 
ATOM   387  C CD2   . LEU A 1 80  ? 4.331   -3.038  8.646   1.00 20.00 ? 80  LEU A CD2   1 
ATOM   388  N N     . GLU A 1 81  ? 5.173   -2.300  5.062   1.00 20.00 ? 81  GLU A N     1 
ATOM   389  C CA    . GLU A 1 81  ? 5.622   -0.942  5.012   1.00 20.00 ? 81  GLU A CA    1 
ATOM   390  C C     . GLU A 1 81  ? 4.981   -0.128  3.859   1.00 20.00 ? 81  GLU A C     1 
ATOM   391  O O     . GLU A 1 81  ? 4.884   1.084   3.987   1.00 20.00 ? 81  GLU A O     1 
ATOM   392  C CB    . GLU A 1 81  ? 7.141   -0.794  5.190   1.00 20.00 ? 81  GLU A CB    1 
ATOM   393  C CG    . GLU A 1 81  ? 7.969   -1.428  4.112   1.00 20.00 ? 81  GLU A CG    1 
ATOM   394  C CD    . GLU A 1 81  ? 9.424   -1.344  4.449   1.00 20.00 ? 81  GLU A CD    1 
ATOM   395  O OE1   . GLU A 1 81  ? 9.843   -0.512  5.310   1.00 20.00 ? 81  GLU A OE1   1 
ATOM   396  O OE2   . GLU A 1 81  ? 10.152  -2.141  3.826   1.00 20.00 ? 81  GLU A OE2   1 
ATOM   397  N N     . ASN A 1 82  ? 4.501   -0.745  2.775   1.00 20.00 ? 82  ASN A N     1 
ATOM   398  C CA    . ASN A 1 82  ? 3.638   0.026   1.870   1.00 20.00 ? 82  ASN A CA    1 
ATOM   399  C C     . ASN A 1 82  ? 2.687   0.756   2.803   1.00 20.00 ? 82  ASN A C     1 
ATOM   400  O O     . ASN A 1 82  ? 2.696   1.986   2.926   1.00 20.00 ? 82  ASN A O     1 
ATOM   401  C CB    . ASN A 1 82  ? 2.756   -0.845  0.980   1.00 20.00 ? 82  ASN A CB    1 
ATOM   402  C CG    . ASN A 1 82  ? 3.509   -1.980  0.272   1.00 20.00 ? 82  ASN A CG    1 
ATOM   403  O OD1   . ASN A 1 82  ? 4.753   -1.989  0.192   1.00 18.94 ? 82  ASN A OD1   1 
ATOM   404  N ND2   . ASN A 1 82  ? 2.729   -2.962  -0.262  1.00 20.00 ? 82  ASN A ND2   1 
ATOM   405  N N     . ILE A 1 83  ? 1.895   -0.030  3.515   1.00 20.00 ? 83  ILE A N     1 
ATOM   406  C CA    . ILE A 1 83  ? 1.043   0.528   4.530   1.00 20.00 ? 83  ILE A CA    1 
ATOM   407  C C     . ILE A 1 83  ? 1.791   1.428   5.536   1.00 20.00 ? 83  ILE A C     1 
ATOM   408  O O     . ILE A 1 83  ? 1.406   2.577   5.757   1.00 20.00 ? 83  ILE A O     1 
ATOM   409  C CB    . ILE A 1 83  ? 0.254   -0.572  5.231   1.00 20.00 ? 83  ILE A CB    1 
ATOM   410  C CG1   . ILE A 1 83  ? -0.843  0.057   6.098   1.00 20.00 ? 83  ILE A CG1   1 
ATOM   411  C CG2   . ILE A 1 83  ? 1.164   -1.420  6.100   1.00 20.00 ? 83  ILE A CG2   1 
ATOM   412  C CD1   . ILE A 1 83  ? -1.894  0.876   5.327   1.00 20.00 ? 83  ILE A CD1   1 
ATOM   413  N N     . VAL A 1 84  ? 2.842   0.927   6.159   1.00 20.00 ? 84  VAL A N     1 
ATOM   414  C CA    . VAL A 1 84  ? 3.430   1.742   7.167   1.00 20.00 ? 84  VAL A CA    1 
ATOM   415  C C     . VAL A 1 84  ? 3.523   3.207   6.754   1.00 20.00 ? 84  VAL A C     1 
ATOM   416  O O     . VAL A 1 84  ? 2.905   4.023   7.428   1.00 20.00 ? 84  VAL A O     1 
ATOM   417  C CB    . VAL A 1 84  ? 4.783   1.228   7.609   1.00 20.00 ? 84  VAL A CB    1 
ATOM   418  C CG1   . VAL A 1 84  ? 5.747   2.393   8.041   1.00 20.00 ? 84  VAL A CG1   1 
ATOM   419  C CG2   . VAL A 1 84  ? 4.554   0.263   8.729   1.00 20.00 ? 84  VAL A CG2   1 
ATOM   420  N N     . PRO A 1 85  ? 4.242   3.553   5.633   1.00 20.00 ? 85  PRO A N     1 
ATOM   421  C CA    . PRO A 1 85  ? 4.138   4.969   5.216   1.00 20.00 ? 85  PRO A CA    1 
ATOM   422  C C     . PRO A 1 85  ? 2.783   5.345   4.598   1.00 20.00 ? 85  PRO A C     1 
ATOM   423  O O     . PRO A 1 85  ? 2.395   6.515   4.684   1.00 20.00 ? 85  PRO A O     1 
ATOM   424  C CB    . PRO A 1 85  ? 5.269   5.144   4.171   1.00 20.00 ? 85  PRO A CB    1 
ATOM   425  C CG    . PRO A 1 85  ? 6.153   3.974   4.339   1.00 20.00 ? 85  PRO A CG    1 
ATOM   426  C CD    . PRO A 1 85  ? 5.291   2.853   4.864   1.00 20.00 ? 85  PRO A CD    1 
ATOM   427  N N     . PHE A 1 86  ? 2.051   4.412   3.977   1.00 20.00 ? 86  PHE A N     1 
ATOM   428  C CA    . PHE A 1 86  ? 0.736   4.858   3.602   1.00 20.00 ? 86  PHE A CA    1 
ATOM   429  C C     . PHE A 1 86  ? 0.253   5.610   4.827   1.00 20.00 ? 86  PHE A C     1 
ATOM   430  O O     . PHE A 1 86  ? 0.046   6.830   4.777   1.00 20.00 ? 86  PHE A O     1 
ATOM   431  C CB    . PHE A 1 86  ? -0.242  3.743   3.307   1.00 20.00 ? 86  PHE A CB    1 
ATOM   432  C CG    . PHE A 1 86  ? -1.583  4.256   2.847   1.00 20.00 ? 86  PHE A CG    1 
ATOM   433  C CD1   . PHE A 1 86  ? -2.522  3.377   2.278   1.00 20.00 ? 86  PHE A CD1   1 
ATOM   434  C CD2   . PHE A 1 86  ? -1.902  5.636   2.946   1.00 20.00 ? 86  PHE A CD2   1 
ATOM   435  C CE1   . PHE A 1 86  ? -3.775  3.850   1.826   1.00 20.00 ? 86  PHE A CE1   1 
ATOM   436  C CE2   . PHE A 1 86  ? -3.117  6.138   2.490   1.00 20.00 ? 86  PHE A CE2   1 
ATOM   437  C CZ    . PHE A 1 86  ? -4.064  5.252   1.921   1.00 20.00 ? 86  PHE A CZ    1 
ATOM   438  N N     . LEU A 1 87  ? 0.158   4.855   5.934   1.00 20.00 ? 87  LEU A N     1 
ATOM   439  C CA    . LEU A 1 87  ? -0.417  5.287   7.237   1.00 20.00 ? 87  LEU A CA    1 
ATOM   440  C C     . LEU A 1 87  ? 0.016   6.676   7.683   1.00 20.00 ? 87  LEU A C     1 
ATOM   441  O O     . LEU A 1 87  ? -0.857  7.533   7.891   1.00 20.00 ? 87  LEU A O     1 
ATOM   442  C CB    . LEU A 1 87  ? -0.144  4.240   8.320   1.00 20.00 ? 87  LEU A CB    1 
ATOM   443  C CG    . LEU A 1 87  ? -0.552  2.815   7.911   1.00 20.00 ? 87  LEU A CG    1 
ATOM   444  C CD1   . LEU A 1 87  ? -0.291  1.748   8.983   1.00 20.00 ? 87  LEU A CD1   1 
ATOM   445  C CD2   . LEU A 1 87  ? -2.042  2.793   7.457   1.00 20.00 ? 87  LEU A CD2   1 
ATOM   446  N N     . GLY A 1 88  ? 1.347   6.882   7.775   1.00 20.00 ? 88  GLY A N     1 
ATOM   447  C CA    . GLY A 1 88  ? 1.967   8.205   7.959   1.00 20.00 ? 88  GLY A CA    1 
ATOM   448  C C     . GLY A 1 88  ? 1.200   9.214   7.123   1.00 20.00 ? 88  GLY A C     1 
ATOM   449  O O     . GLY A 1 88  ? 0.440   10.028  7.641   1.00 20.00 ? 88  GLY A O     1 
ATOM   450  N N     . ILE A 1 89  ? 1.317   9.071   5.802   1.00 20.00 ? 89  ILE A N     1 
ATOM   451  C CA    . ILE A 1 89  ? 0.846   10.066  4.784   1.00 20.00 ? 89  ILE A CA    1 
ATOM   452  C C     . ILE A 1 89  ? -0.671  10.214  4.608   1.00 20.00 ? 89  ILE A C     1 
ATOM   453  O O     . ILE A 1 89  ? -1.221  11.328  4.550   1.00 20.00 ? 89  ILE A O     1 
ATOM   454  C CB    . ILE A 1 89  ? 1.297   9.633   3.397   1.00 20.00 ? 89  ILE A CB    1 
ATOM   455  C CG1   . ILE A 1 89  ? 2.775   9.859   3.188   1.00 20.00 ? 89  ILE A CG1   1 
ATOM   456  C CG2   . ILE A 1 89  ? 0.434   10.296  2.316   1.00 20.00 ? 89  ILE A CG2   1 
ATOM   457  C CD1   . ILE A 1 89  ? 3.295   8.917   2.110   1.00 20.00 ? 89  ILE A CD1   1 
ATOM   458  N N     . GLY A 1 90  ? -1.329  9.078   4.416   1.00 20.00 ? 90  GLY A N     1 
ATOM   459  C CA    . GLY A 1 90  ? -2.747  9.113   4.290   1.00 20.00 ? 90  GLY A CA    1 
ATOM   460  C C     . GLY A 1 90  ? -3.111  9.707   5.615   1.00 20.00 ? 90  GLY A C     1 
ATOM   461  O O     . GLY A 1 90  ? -3.496  10.888  5.732   1.00 20.00 ? 90  GLY A O     1 
ATOM   462  N N     . LEU A 1 91  ? -2.922  8.894   6.639   1.00 20.00 ? 91  LEU A N     1 
ATOM   463  C CA    . LEU A 1 91  ? -3.659  9.226   7.789   1.00 20.00 ? 91  LEU A CA    1 
ATOM   464  C C     . LEU A 1 91  ? -3.574  10.768  7.972   1.00 20.00 ? 91  LEU A C     1 
ATOM   465  O O     . LEU A 1 91  ? -4.588  11.392  8.257   1.00 20.00 ? 91  LEU A O     1 
ATOM   466  C CB    . LEU A 1 91  ? -3.337  8.309   8.984   1.00 20.00 ? 91  LEU A CB    1 
ATOM   467  C CG    . LEU A 1 91  ? -4.074  6.918   9.024   1.00 20.00 ? 91  LEU A CG    1 
ATOM   468  C CD1   . LEU A 1 91  ? -3.517  6.010   10.116  1.00 20.00 ? 91  LEU A CD1   1 
ATOM   469  C CD2   . LEU A 1 91  ? -5.533  7.051   9.334   1.00 20.00 ? 91  LEU A CD2   1 
ATOM   470  N N     . LEU A 1 92  ? -2.447  11.415  7.657   1.00 20.00 ? 92  LEU A N     1 
ATOM   471  C CA    . LEU A 1 92  ? -2.293  12.829  8.093   1.00 20.00 ? 92  LEU A CA    1 
ATOM   472  C C     . LEU A 1 92  ? -2.917  14.049  7.328   1.00 20.00 ? 92  LEU A C     1 
ATOM   473  O O     . LEU A 1 92  ? -3.521  14.910  7.999   1.00 20.00 ? 92  LEU A O     1 
ATOM   474  C CB    . LEU A 1 92  ? -0.837  13.121  8.392   1.00 20.00 ? 92  LEU A CB    1 
ATOM   475  C CG    . LEU A 1 92  ? -0.180  11.908  9.080   1.00 20.00 ? 92  LEU A CG    1 
ATOM   476  C CD1   . LEU A 1 92  ? 1.350   11.725  8.715   1.00 20.00 ? 92  LEU A CD1   1 
ATOM   477  C CD2   . LEU A 1 92  ? -0.407  11.930  10.623  1.00 20.00 ? 92  LEU A CD2   1 
ATOM   478  N N     . TYR A 1 93  ? -2.731  14.143  5.975   1.00 20.00 ? 93  TYR A N     1 
ATOM   479  C CA    . TYR A 1 93  ? -3.522  15.029  4.992   1.00 20.00 ? 93  TYR A CA    1 
ATOM   480  C C     . TYR A 1 93  ? -4.977  14.633  5.078   1.00 20.00 ? 93  TYR A C     1 
ATOM   481  O O     . TYR A 1 93  ? -5.860  15.252  4.496   1.00 20.00 ? 93  TYR A O     1 
ATOM   482  C CB    . TYR A 1 93  ? -3.033  14.788  3.552   1.00 20.00 ? 93  TYR A CB    1 
ATOM   483  C CG    . TYR A 1 93  ? -1.555  14.878  3.537   1.00 20.00 ? 93  TYR A CG    1 
ATOM   484  C CD1   . TYR A 1 93  ? -0.939  16.130  3.555   1.00 20.00 ? 93  TYR A CD1   1 
ATOM   485  C CD2   . TYR A 1 93  ? -0.752  13.730  3.630   1.00 20.00 ? 93  TYR A CD2   1 
ATOM   486  C CE1   . TYR A 1 93  ? 0.445   16.264  3.616   1.00 20.00 ? 93  TYR A CE1   1 
ATOM   487  C CE2   . TYR A 1 93  ? 0.655   13.828  3.695   1.00 20.00 ? 93  TYR A CE2   1 
ATOM   488  C CZ    . TYR A 1 93  ? 1.259   15.116  3.684   1.00 20.00 ? 93  TYR A CZ    1 
ATOM   489  O OH    . TYR A 1 93  ? 2.662   15.311  3.742   1.00 20.00 ? 93  TYR A OH    1 
ATOM   490  N N     . SER A 1 94  ? -5.171  13.543  5.809   1.00 20.00 ? 94  SER A N     1 
ATOM   491  C CA    . SER A 1 94  ? -6.435  13.071  6.239   1.00 20.00 ? 94  SER A CA    1 
ATOM   492  C C     . SER A 1 94  ? -7.180  14.129  6.987   1.00 20.00 ? 94  SER A C     1 
ATOM   493  O O     . SER A 1 94  ? -8.201  14.698  6.550   1.00 20.00 ? 94  SER A O     1 
ATOM   494  C CB    . SER A 1 94  ? -6.210  11.913  7.206   1.00 20.00 ? 94  SER A CB    1 
ATOM   495  O OG    . SER A 1 94  ? -7.435  11.520  7.803   1.00 20.00 ? 94  SER A OG    1 
ATOM   496  N N     . LEU A 1 95  ? -6.649  14.355  8.166   1.00 20.00 ? 95  LEU A N     1 
ATOM   497  C CA    . LEU A 1 95  ? -7.243  15.278  9.071   1.00 20.00 ? 95  LEU A CA    1 
ATOM   498  C C     . LEU A 1 95  ? -6.611  16.687  8.821   1.00 20.00 ? 95  LEU A C     1 
ATOM   499  O O     . LEU A 1 95  ? -6.998  17.700  9.450   1.00 20.00 ? 95  LEU A O     1 
ATOM   500  C CB    . LEU A 1 95  ? -7.064  14.714  10.487  1.00 20.00 ? 95  LEU A CB    1 
ATOM   501  C CG    . LEU A 1 95  ? -7.018  13.170  10.387  1.00 20.00 ? 95  LEU A CG    1 
ATOM   502  C CD1   . LEU A 1 95  ? -6.114  12.551  11.484  1.00 20.00 ? 95  LEU A CD1   1 
ATOM   503  C CD2   . LEU A 1 95  ? -8.414  12.521  10.325  1.00 20.00 ? 95  LEU A CD2   1 
ATOM   504  N N     . SER A 1 96  ? -5.669  16.747  7.874   1.00 20.00 ? 96  SER A N     1 
ATOM   505  C CA    . SER A 1 96  ? -5.212  18.033  7.349   1.00 20.00 ? 96  SER A CA    1 
ATOM   506  C C     . SER A 1 96  ? -5.495  18.130  5.822   1.00 20.00 ? 96  SER A C     1 
ATOM   507  O O     . SER A 1 96  ? -4.611  18.490  5.022   1.00 20.00 ? 96  SER A O     1 
ATOM   508  C CB    . SER A 1 96  ? -3.733  18.241  7.671   1.00 20.00 ? 96  SER A CB    1 
ATOM   509  O OG    . SER A 1 96  ? -2.967  17.224  7.038   1.00 20.00 ? 96  SER A OG    1 
ATOM   510  N N     . GLY A 1 97  ? -6.740  17.831  5.436   1.00 20.00 ? 97  GLY A N     1 
ATOM   511  C CA    . GLY A 1 97  ? -7.078  17.708  4.020   1.00 20.00 ? 97  GLY A CA    1 
ATOM   512  C C     . GLY A 1 97  ? -7.946  18.787  3.402   1.00 20.00 ? 97  GLY A C     1 
ATOM   513  O O     . GLY A 1 97  ? -8.733  18.505  2.490   1.00 20.00 ? 97  GLY A O     1 
ATOM   514  N N     . PRO A 1 98  ? -7.761  20.037  3.837   1.00 20.00 ? 98  PRO A N     1 
ATOM   515  C CA    . PRO A 1 98  ? -8.711  21.126  3.520   1.00 20.00 ? 98  PRO A CA    1 
ATOM   516  C C     . PRO A 1 98  ? -9.091  21.346  2.007   1.00 20.00 ? 98  PRO A C     1 
ATOM   517  O O     . PRO A 1 98  ? -10.291 21.242  1.655   1.00 20.00 ? 98  PRO A O     1 
ATOM   518  C CB    . PRO A 1 98  ? -8.032  22.376  4.113   1.00 20.00 ? 98  PRO A CB    1 
ATOM   519  C CG    . PRO A 1 98  ? -6.558  22.058  4.048   1.00 20.00 ? 98  PRO A CG    1 
ATOM   520  C CD    . PRO A 1 98  ? -6.454  20.558  4.291   1.00 20.00 ? 98  PRO A CD    1 
ATOM   521  N N     . ASP A 1 99  ? -8.124  21.653  1.127   1.00 20.00 ? 99  ASP A N     1 
ATOM   522  C CA    . ASP A 1 99  ? -8.480  21.987  -0.259  1.00 20.00 ? 99  ASP A CA    1 
ATOM   523  C C     . ASP A 1 99  ? -9.524  21.019  -0.848  1.00 20.00 ? 99  ASP A C     1 
ATOM   524  O O     . ASP A 1 99  ? -9.518  19.800  -0.568  1.00 20.00 ? 99  ASP A O     1 
ATOM   525  C CB    . ASP A 1 99  ? -7.260  21.918  -1.214  1.00 20.00 ? 99  ASP A CB    1 
ATOM   526  C CG    . ASP A 1 99  ? -7.157  20.566  -1.971  1.00 20.00 ? 99  ASP A CG    1 
ATOM   527  O OD1   . ASP A 1 99  ? -6.055  19.966  -1.995  1.00 20.00 ? 99  ASP A OD1   1 
ATOM   528  O OD2   . ASP A 1 99  ? -8.167  20.075  -2.535  1.00 20.00 ? 99  ASP A OD2   1 
ATOM   529  N N     . LEU A 1 100 ? -10.403 21.576  -1.677  1.00 20.00 ? 100 LEU A N     1 
ATOM   530  C CA    . LEU A 1 100 ? -11.382 20.804  -2.439  1.00 20.00 ? 100 LEU A CA    1 
ATOM   531  C C     . LEU A 1 100 ? -10.786 19.836  -3.465  1.00 20.00 ? 100 LEU A C     1 
ATOM   532  O O     . LEU A 1 100 ? -11.399 18.813  -3.797  1.00 20.00 ? 100 LEU A O     1 
ATOM   533  C CB    . LEU A 1 100 ? -12.394 21.781  -3.043  1.00 20.00 ? 100 LEU A CB    1 
ATOM   534  C CG    . LEU A 1 100 ? -12.958 21.661  -4.447  1.00 20.00 ? 100 LEU A CG    1 
ATOM   535  C CD1   . LEU A 1 100 ? -13.783 20.371  -4.652  1.00 20.00 ? 100 LEU A CD1   1 
ATOM   536  C CD2   . LEU A 1 100 ? -13.794 22.910  -4.688  1.00 20.00 ? 100 LEU A CD2   1 
ATOM   537  N N     . SER A 1 101 ? -9.568  20.140  -3.913  1.00 20.00 ? 101 SER A N     1 
ATOM   538  C CA    . SER A 1 101 ? -8.890  19.366  -4.972  1.00 20.00 ? 101 SER A CA    1 
ATOM   539  C C     . SER A 1 101 ? -9.022  17.843  -4.795  1.00 20.00 ? 101 SER A C     1 
ATOM   540  O O     . SER A 1 101 ? -8.963  17.313  -3.678  1.00 20.00 ? 101 SER A O     1 
ATOM   541  C CB    . SER A 1 101 ? -7.392  19.780  -5.163  1.00 20.00 ? 101 SER A CB    1 
ATOM   542  O OG    . SER A 1 101 ? -7.166  21.198  -5.117  1.00 20.00 ? 101 SER A OG    1 
ATOM   543  N N     . THR A 1 102 ? -9.207  17.176  -5.930  1.00 20.00 ? 102 THR A N     1 
ATOM   544  C CA    . THR A 1 102 ? -9.318  15.719  -6.031  1.00 20.00 ? 102 THR A CA    1 
ATOM   545  C C     . THR A 1 102 ? -7.964  15.015  -5.964  1.00 20.00 ? 102 THR A C     1 
ATOM   546  O O     . THR A 1 102 ? -7.171  15.018  -6.919  1.00 20.00 ? 102 THR A O     1 
ATOM   547  C CB    . THR A 1 102 ? -9.957  15.300  -7.390  1.00 20.00 ? 102 THR A CB    1 
ATOM   548  O OG1   . THR A 1 102 ? -11.052 16.180  -7.712  1.00 20.00 ? 102 THR A OG1   1 
ATOM   549  C CG2   . THR A 1 102 ? -10.425 13.806  -7.362  1.00 20.00 ? 102 THR A CG2   1 
ATOM   550  N N     . ALA A 1 103 ? -7.728  14.367  -4.841  1.00 20.00 ? 103 ALA A N     1 
ATOM   551  C CA    . ALA A 1 103 ? -6.461  13.723  -4.611  1.00 20.00 ? 103 ALA A CA    1 
ATOM   552  C C     . ALA A 1 103 ? -6.595  12.256  -4.200  1.00 20.00 ? 103 ALA A C     1 
ATOM   553  O O     . ALA A 1 103 ? -5.646  11.479  -4.355  1.00 20.00 ? 103 ALA A O     1 
ATOM   554  C CB    . ALA A 1 103 ? -5.705  14.464  -3.533  1.00 20.00 ? 103 ALA A CB    1 
ATOM   555  N N     . LEU A 1 104 ? -7.768  11.896  -3.658  1.00 20.00 ? 104 LEU A N     1 
ATOM   556  C CA    . LEU A 1 104 ? -8.132  10.511  -3.322  1.00 19.66 ? 104 LEU A CA    1 
ATOM   557  C C     . LEU A 1 104 ? -7.768  9.484   -4.397  1.00 19.64 ? 104 LEU A C     1 
ATOM   558  O O     . LEU A 1 104 ? -7.357  8.394   -4.025  1.00 18.87 ? 104 LEU A O     1 
ATOM   559  C CB    . LEU A 1 104 ? -9.632  10.461  -3.028  1.00 19.57 ? 104 LEU A CB    1 
ATOM   560  C CG    . LEU A 1 104 ? -10.699 10.901  -4.039  1.00 20.00 ? 104 LEU A CG    1 
ATOM   561  C CD1   . LEU A 1 104 ? -10.922 9.822   -5.118  1.00 20.00 ? 104 LEU A CD1   1 
ATOM   562  C CD2   . LEU A 1 104 ? -12.020 11.236  -3.319  1.00 19.72 ? 104 LEU A CD2   1 
ATOM   563  N N     . ILE A 1 105 ? -7.915  9.848   -5.697  1.00 20.00 ? 105 ILE A N     1 
ATOM   564  C CA    . ILE A 1 105 ? -7.615  8.976   -6.890  1.00 20.00 ? 105 ILE A CA    1 
ATOM   565  C C     . ILE A 1 105 ? -6.312  8.205   -6.732  1.00 20.00 ? 105 ILE A C     1 
ATOM   566  O O     . ILE A 1 105 ? -6.206  7.025   -7.086  1.00 20.00 ? 105 ILE A O     1 
ATOM   567  C CB    . ILE A 1 105 ? -7.377  9.765   -8.217  1.00 20.00 ? 105 ILE A CB    1 
ATOM   568  C CG1   . ILE A 1 105 ? -8.648  10.012  -9.027  1.00 20.00 ? 105 ILE A CG1   1 
ATOM   569  C CG2   . ILE A 1 105 ? -6.432  8.992   -9.145  1.00 20.00 ? 105 ILE A CG2   1 
ATOM   570  C CD1   . ILE A 1 105 ? -8.352  10.854  -10.381 1.00 20.00 ? 105 ILE A CD1   1 
ATOM   571  N N     . HIS A 1 106 ? -5.300  8.934   -6.271  1.00 20.00 ? 106 HIS A N     1 
ATOM   572  C CA    . HIS A 1 106 ? -4.037  8.323   -5.908  1.00 20.00 ? 106 HIS A CA    1 
ATOM   573  C C     . HIS A 1 106 ? -4.056  7.548   -4.586  1.00 20.00 ? 106 HIS A C     1 
ATOM   574  O O     . HIS A 1 106 ? -3.446  6.455   -4.479  1.00 20.00 ? 106 HIS A O     1 
ATOM   575  C CB    . HIS A 1 106 ? -2.945  9.365   -5.749  1.00 20.00 ? 106 HIS A CB    1 
ATOM   576  C CG    . HIS A 1 106 ? -3.409  10.790  -5.776  1.00 20.00 ? 106 HIS A CG    1 
ATOM   577  N ND1   . HIS A 1 106 ? -4.410  11.259  -6.609  1.00 20.00 ? 106 HIS A ND1   1 
ATOM   578  C CD2   . HIS A 1 106 ? -2.902  11.883  -5.155  1.00 20.00 ? 106 HIS A CD2   1 
ATOM   579  C CE1   . HIS A 1 106 ? -4.523  12.570  -6.471  1.00 20.00 ? 106 HIS A CE1   1 
ATOM   580  N NE2   . HIS A 1 106 ? -3.615  12.976  -5.597  1.00 20.00 ? 106 HIS A NE2   1 
ATOM   581  N N     . PHE A 1 107 ? -4.721  8.094   -3.564  1.00 20.00 ? 107 PHE A N     1 
ATOM   582  C CA    . PHE A 1 107 ? -4.858  7.301   -2.405  1.00 20.00 ? 107 PHE A CA    1 
ATOM   583  C C     . PHE A 1 107 ? -5.194  6.033   -3.145  1.00 20.00 ? 107 PHE A C     1 
ATOM   584  O O     . PHE A 1 107 ? -4.395  5.091   -3.172  1.00 20.00 ? 107 PHE A O     1 
ATOM   585  C CB    . PHE A 1 107 ? -5.999  7.892   -1.597  1.00 20.00 ? 107 PHE A CB    1 
ATOM   586  C CG    . PHE A 1 107 ? -5.697  9.307   -1.056  1.00 20.00 ? 107 PHE A CG    1 
ATOM   587  C CD1   . PHE A 1 107 ? -4.957  9.493   0.137   1.00 20.00 ? 107 PHE A CD1   1 
ATOM   588  C CD2   . PHE A 1 107 ? -6.172  10.459  -1.740  1.00 20.00 ? 107 PHE A CD2   1 
ATOM   589  C CE1   . PHE A 1 107 ? -4.701  10.787  0.613   1.00 20.00 ? 107 PHE A CE1   1 
ATOM   590  C CE2   . PHE A 1 107 ? -5.900  11.759  -1.277  1.00 20.00 ? 107 PHE A CE2   1 
ATOM   591  C CZ    . PHE A 1 107 ? -5.168  11.921  -0.096  1.00 20.00 ? 107 PHE A CZ    1 
ATOM   592  N N     . ARG A 1 108 ? -6.282  6.108   -3.906  1.00 20.00 ? 108 ARG A N     1 
ATOM   593  C CA    . ARG A 1 108 ? -6.843  4.994   -4.700  1.00 20.00 ? 108 ARG A CA    1 
ATOM   594  C C     . ARG A 1 108 ? -5.947  4.151   -5.648  1.00 20.00 ? 108 ARG A C     1 
ATOM   595  O O     . ARG A 1 108 ? -6.078  2.913   -5.644  1.00 19.87 ? 108 ARG A O     1 
ATOM   596  C CB    . ARG A 1 108 ? -8.078  5.492   -5.457  1.00 20.00 ? 108 ARG A CB    1 
ATOM   597  C CG    . ARG A 1 108 ? -8.911  6.480   -4.636  1.00 19.38 ? 108 ARG A CG    1 
ATOM   598  C CD    . ARG A 1 108 ? -10.332 6.277   -4.900  1.00 17.96 ? 108 ARG A CD    1 
ATOM   599  N NE    . ARG A 1 108 ? -10.698 4.980   -4.389  1.00 17.45 ? 108 ARG A NE    1 
ATOM   600  C CZ    . ARG A 1 108 ? -11.733 4.793   -3.605  1.00 16.62 ? 108 ARG A CZ    1 
ATOM   601  N NH1   . ARG A 1 108 ? -12.505 5.816   -3.283  1.00 16.51 ? 108 ARG A NH1   1 
ATOM   602  N NH2   . ARG A 1 108 ? -12.000 3.589   -3.175  1.00 17.09 ? 108 ARG A NH2   1 
ATOM   603  N N     . ILE A 1 109 ? -5.080  4.790   -6.461  1.00 20.00 ? 109 ILE A N     1 
ATOM   604  C CA    . ILE A 1 109 ? -4.235  4.028   -7.442  1.00 19.90 ? 109 ILE A CA    1 
ATOM   605  C C     . ILE A 1 109 ? -2.936  3.595   -6.826  1.00 20.00 ? 109 ILE A C     1 
ATOM   606  O O     . ILE A 1 109 ? -2.284  2.638   -7.282  1.00 20.00 ? 109 ILE A O     1 
ATOM   607  C CB    . ILE A 1 109 ? -3.861  4.798   -8.732  1.00 19.62 ? 109 ILE A CB    1 
ATOM   608  C CG1   . ILE A 1 109 ? -5.013  5.698   -9.163  1.00 19.61 ? 109 ILE A CG1   1 
ATOM   609  C CG2   . ILE A 1 109 ? -3.367  3.820   -9.844  1.00 17.61 ? 109 ILE A CG2   1 
ATOM   610  C CD1   . ILE A 1 109 ? -4.584  6.758   -10.129 1.00 20.00 ? 109 ILE A CD1   1 
ATOM   611  N N     . PHE A 1 110 ? -2.526  4.317   -5.796  1.00 20.00 ? 110 PHE A N     1 
ATOM   612  C CA    . PHE A 1 110 ? -1.332  3.866   -5.194  1.00 20.00 ? 110 PHE A CA    1 
ATOM   613  C C     . PHE A 1 110 ? -1.672  2.512   -4.610  1.00 20.00 ? 110 PHE A C     1 
ATOM   614  O O     . PHE A 1 110 ? -0.977  1.531   -4.931  1.00 20.00 ? 110 PHE A O     1 
ATOM   615  C CB    . PHE A 1 110 ? -0.681  4.889   -4.259  1.00 20.00 ? 110 PHE A CB    1 
ATOM   616  C CG    . PHE A 1 110 ? -1.207  4.911   -2.922  1.00 20.00 ? 110 PHE A CG    1 
ATOM   617  C CD1   . PHE A 1 110 ? -1.032  3.826   -2.093  1.00 20.00 ? 110 PHE A CD1   1 
ATOM   618  C CD2   . PHE A 1 110 ? -1.783  6.073   -2.446  1.00 20.00 ? 110 PHE A CD2   1 
ATOM   619  C CE1   . PHE A 1 110 ? -1.486  3.862   -0.837  1.00 20.00 ? 110 PHE A CE1   1 
ATOM   620  C CE2   . PHE A 1 110 ? -2.244  6.146   -1.176  1.00 20.00 ? 110 PHE A CE2   1 
ATOM   621  C CZ    . PHE A 1 110 ? -2.094  5.043   -0.363  1.00 20.00 ? 110 PHE A CZ    1 
ATOM   622  N N     . VAL A 1 111 ? -2.806  2.403   -3.907  1.00 20.00 ? 111 VAL A N     1 
ATOM   623  C CA    . VAL A 1 111 ? -3.337  1.072   -3.621  1.00 20.00 ? 111 VAL A CA    1 
ATOM   624  C C     . VAL A 1 111 ? -3.272  0.234   -4.897  1.00 20.00 ? 111 VAL A C     1 
ATOM   625  O O     . VAL A 1 111 ? -2.847  -0.917  -4.858  1.00 20.00 ? 111 VAL A O     1 
ATOM   626  C CB    . VAL A 1 111 ? -4.819  1.120   -3.168  1.00 20.00 ? 111 VAL A CB    1 
ATOM   627  C CG1   . VAL A 1 111 ? -5.818  1.062   -4.363  1.00 20.00 ? 111 VAL A CG1   1 
ATOM   628  C CG2   . VAL A 1 111 ? -5.093  -0.075  -2.257  1.00 20.00 ? 111 VAL A CG2   1 
ATOM   629  N N     . GLY A 1 112 ? -3.683  0.826   -6.022  1.00 20.00 ? 112 GLY A N     1 
ATOM   630  C CA    . GLY A 1 112 ? -3.958  0.073   -7.269  1.00 20.00 ? 112 GLY A CA    1 
ATOM   631  C C     . GLY A 1 112 ? -2.669  -0.391  -7.909  1.00 20.00 ? 112 GLY A C     1 
ATOM   632  O O     . GLY A 1 112 ? -2.560  -1.531  -8.422  1.00 20.00 ? 112 GLY A O     1 
ATOM   633  N N     . ALA A 1 113 ? -1.702  0.521   -7.843  1.00 20.00 ? 113 ALA A N     1 
ATOM   634  C CA    . ALA A 1 113 ? -0.328  0.233   -8.115  1.00 20.00 ? 113 ALA A CA    1 
ATOM   635  C C     . ALA A 1 113 ? 0.268   -0.863  -7.215  1.00 20.00 ? 113 ALA A C     1 
ATOM   636  O O     . ALA A 1 113 ? 0.832   -1.848  -7.711  1.00 20.00 ? 113 ALA A O     1 
ATOM   637  C CB    . ALA A 1 113 ? 0.460   1.460   -7.893  1.00 20.00 ? 113 ALA A CB    1 
ATOM   638  N N     . ARG A 1 114 ? 0.130   -0.720  -5.905  1.00 20.00 ? 114 ARG A N     1 
ATOM   639  C CA    . ARG A 1 114 ? 0.876   -1.607  -4.996  1.00 20.00 ? 114 ARG A CA    1 
ATOM   640  C C     . ARG A 1 114 ? 0.376   -3.095  -4.886  1.00 20.00 ? 114 ARG A C     1 
ATOM   641  O O     . ARG A 1 114 ? 1.183   -4.041  -4.886  1.00 20.00 ? 114 ARG A O     1 
ATOM   642  C CB    . ARG A 1 114 ? 1.155   -0.894  -3.662  1.00 20.00 ? 114 ARG A CB    1 
ATOM   643  C CG    . ARG A 1 114 ? 2.182   0.194   -3.919  1.00 20.00 ? 114 ARG A CG    1 
ATOM   644  C CD    . ARG A 1 114 ? 2.473   1.063   -2.736  1.00 20.00 ? 114 ARG A CD    1 
ATOM   645  N NE    . ARG A 1 114 ? 3.348   0.358   -1.796  1.00 20.00 ? 114 ARG A NE    1 
ATOM   646  C CZ    . ARG A 1 114 ? 4.677   0.315   -1.876  1.00 20.00 ? 114 ARG A CZ    1 
ATOM   647  N NH1   . ARG A 1 114 ? 5.285   0.919   -2.883  1.00 20.00 ? 114 ARG A NH1   1 
ATOM   648  N NH2   . ARG A 1 114 ? 5.393   -0.357  -0.961  1.00 20.00 ? 114 ARG A NH2   1 
ATOM   649  N N     . ILE A 1 115 ? -0.938  -3.286  -4.822  1.00 20.00 ? 115 ILE A N     1 
ATOM   650  C CA    . ILE A 1 115 ? -1.562  -4.608  -4.823  1.00 20.00 ? 115 ILE A CA    1 
ATOM   651  C C     . ILE A 1 115 ? -1.053  -5.530  -5.965  1.00 20.00 ? 115 ILE A C     1 
ATOM   652  O O     . ILE A 1 115 ? -0.475  -6.592  -5.711  1.00 20.00 ? 115 ILE A O     1 
ATOM   653  C CB    . ILE A 1 115 ? -3.098  -4.476  -4.962  1.00 20.00 ? 115 ILE A CB    1 
ATOM   654  C CG1   . ILE A 1 115 ? -3.455  -3.356  -5.947  1.00 20.00 ? 115 ILE A CG1   1 
ATOM   655  C CG2   . ILE A 1 115 ? -3.767  -4.223  -3.631  1.00 20.00 ? 115 ILE A CG2   1 
ATOM   656  C CD1   . ILE A 1 115 ? -4.918  -3.253  -6.236  1.00 20.00 ? 115 ILE A CD1   1 
ATOM   657  N N     . TYR A 1 116 ? -1.276  -5.089  -7.215  1.00 20.00 ? 116 TYR A N     1 
ATOM   658  C CA    . TYR A 1 116 ? -0.919  -5.797  -8.464  1.00 20.00 ? 116 TYR A CA    1 
ATOM   659  C C     . TYR A 1 116 ? 0.554   -5.941  -8.660  1.00 20.00 ? 116 TYR A C     1 
ATOM   660  O O     . TYR A 1 116 ? 1.023   -6.845  -9.313  1.00 20.00 ? 116 TYR A O     1 
ATOM   661  C CB    . TYR A 1 116 ? -1.496  -5.004  -9.613  1.00 20.00 ? 116 TYR A CB    1 
ATOM   662  C CG    . TYR A 1 116 ? -0.719  -4.901  -10.908 1.00 20.00 ? 116 TYR A CG    1 
ATOM   663  C CD1   . TYR A 1 116 ? -1.015  -5.728  -12.037 1.00 20.00 ? 116 TYR A CD1   1 
ATOM   664  C CD2   . TYR A 1 116 ? 0.221   -3.884  -11.076 1.00 20.00 ? 116 TYR A CD2   1 
ATOM   665  C CE1   . TYR A 1 116 ? -0.320  -5.553  -13.320 1.00 20.00 ? 116 TYR A CE1   1 
ATOM   666  C CE2   . TYR A 1 116 ? 0.928   -3.687  -12.351 1.00 20.00 ? 116 TYR A CE2   1 
ATOM   667  C CZ    . TYR A 1 116 ? 0.654   -4.525  -13.452 1.00 20.00 ? 116 TYR A CZ    1 
ATOM   668  O OH    . TYR A 1 116 ? 1.378   -4.287  -14.614 1.00 20.00 ? 116 TYR A OH    1 
ATOM   669  N N     . HIS A 1 117 ? 1.264   -4.983  -8.086  1.00 20.00 ? 117 HIS A N     1 
ATOM   670  C CA    . HIS A 1 117 ? 2.718   -5.057  -7.860  1.00 20.00 ? 117 HIS A CA    1 
ATOM   671  C C     . HIS A 1 117 ? 3.181   -6.193  -6.908  1.00 20.00 ? 117 HIS A C     1 
ATOM   672  O O     . HIS A 1 117 ? 3.952   -7.082  -7.334  1.00 20.00 ? 117 HIS A O     1 
ATOM   673  C CB    . HIS A 1 117 ? 3.246   -3.686  -7.450  1.00 20.00 ? 117 HIS A CB    1 
ATOM   674  C CG    . HIS A 1 117 ? 3.559   -3.583  -5.990  1.00 20.00 ? 117 HIS A CG    1 
ATOM   675  N ND1   . HIS A 1 117 ? 4.480   -4.397  -5.363  1.00 20.00 ? 117 HIS A ND1   1 
ATOM   676  C CD2   . HIS A 1 117 ? 3.126   -2.718  -5.038  1.00 20.00 ? 117 HIS A CD2   1 
ATOM   677  C CE1   . HIS A 1 117 ? 4.570   -4.069  -4.083  1.00 20.00 ? 117 HIS A CE1   1 
ATOM   678  N NE2   . HIS A 1 117 ? 3.760   -3.048  -3.857  1.00 20.00 ? 117 HIS A NE2   1 
ATOM   679  N N     . THR A 1 118 ? 2.725   -6.218  -5.654  1.00 20.00 ? 118 THR A N     1 
ATOM   680  C CA    . THR A 1 118 ? 3.013   -7.433  -4.921  1.00 20.00 ? 118 THR A CA    1 
ATOM   681  C C     . THR A 1 118 ? 2.546   -8.561  -5.793  1.00 20.00 ? 118 THR A C     1 
ATOM   682  O O     . THR A 1 118 ? 3.355   -9.423  -6.135  1.00 20.00 ? 118 THR A O     1 
ATOM   683  C CB    . THR A 1 118 ? 2.260   -7.607  -3.597  1.00 20.00 ? 118 THR A CB    1 
ATOM   684  O OG1   . THR A 1 118 ? 0.871   -7.237  -3.734  1.00 20.00 ? 118 THR A OG1   1 
ATOM   685  C CG2   . THR A 1 118 ? 2.957   -6.822  -2.502  1.00 20.00 ? 118 THR A CG2   1 
ATOM   686  N N     . ILE A 1 119 ? 1.247   -8.519  -6.159  1.00 20.00 ? 119 ILE A N     1 
ATOM   687  C CA    . ILE A 1 119 ? 0.544   -9.676  -6.753  1.00 20.00 ? 119 ILE A CA    1 
ATOM   688  C C     . ILE A 1 119 ? 1.314   -10.073 -7.959  1.00 20.00 ? 119 ILE A C     1 
ATOM   689  O O     . ILE A 1 119 ? 1.481   -11.241 -8.219  1.00 20.00 ? 119 ILE A O     1 
ATOM   690  C CB    . ILE A 1 119 ? -0.993  -9.466  -7.104  1.00 20.00 ? 119 ILE A CB    1 
ATOM   691  C CG1   . ILE A 1 119 ? -1.900  -9.698  -5.879  1.00 20.00 ? 119 ILE A CG1   1 
ATOM   692  C CG2   . ILE A 1 119 ? -1.455  -10.478 -8.155  1.00 20.00 ? 119 ILE A CG2   1 
ATOM   693  C CD1   . ILE A 1 119 ? -3.238  -8.908  -5.863  1.00 20.00 ? 119 ILE A CD1   1 
ATOM   694  N N     . ALA A 1 120 ? 1.823   -9.088  -8.680  1.00 20.00 ? 120 ALA A N     1 
ATOM   695  C CA    . ALA A 1 120 ? 2.647   -9.426  -9.832  1.00 20.00 ? 120 ALA A CA    1 
ATOM   696  C C     . ALA A 1 120 ? 3.882   -10.227 -9.376  1.00 20.00 ? 120 ALA A C     1 
ATOM   697  O O     . ALA A 1 120 ? 4.249   -11.237 -10.000 1.00 20.00 ? 120 ALA A O     1 
ATOM   698  C CB    . ALA A 1 120 ? 3.039   -8.174  -10.631 1.00 20.00 ? 120 ALA A CB    1 
ATOM   699  N N     . TYR A 1 121 ? 4.476   -9.825  -8.252  1.00 20.00 ? 121 TYR A N     1 
ATOM   700  C CA    . TYR A 1 121 ? 5.783   -10.367 -7.911  1.00 20.00 ? 121 TYR A CA    1 
ATOM   701  C C     . TYR A 1 121 ? 6.185   -11.869 -8.174  1.00 20.00 ? 121 TYR A C     1 
ATOM   702  O O     . TYR A 1 121 ? 7.322   -12.136 -8.595  1.00 20.00 ? 121 TYR A O     1 
ATOM   703  C CB    . TYR A 1 121 ? 6.218   -10.055 -6.467  1.00 20.00 ? 121 TYR A CB    1 
ATOM   704  C CG    . TYR A 1 121 ? 7.622   -10.548 -6.265  1.00 20.00 ? 121 TYR A CG    1 
ATOM   705  C CD1   . TYR A 1 121 ? 8.715   -9.854  -6.855  1.00 20.00 ? 121 TYR A CD1   1 
ATOM   706  C CD2   . TYR A 1 121 ? 7.877   -11.741 -5.578  1.00 20.00 ? 121 TYR A CD2   1 
ATOM   707  C CE1   . TYR A 1 121 ? 10.025  -10.321 -6.713  1.00 20.00 ? 121 TYR A CE1   1 
ATOM   708  C CE2   . TYR A 1 121 ? 9.176   -12.212 -5.425  1.00 20.00 ? 121 TYR A CE2   1 
ATOM   709  C CZ    . TYR A 1 121 ? 10.255  -11.500 -5.990  1.00 20.00 ? 121 TYR A CZ    1 
ATOM   710  O OH    . TYR A 1 121 ? 11.553  -11.952 -5.844  1.00 20.00 ? 121 TYR A OH    1 
ATOM   711  N N     . LEU A 1 122 ? 5.322   -12.848 -7.867  1.00 20.00 ? 122 LEU A N     1 
ATOM   712  C CA    . LEU A 1 122 ? 4.597   -12.833 -6.589  1.00 20.00 ? 122 LEU A CA    1 
ATOM   713  C C     . LEU A 1 122 ? 4.822   -14.138 -5.832  1.00 20.00 ? 122 LEU A C     1 
ATOM   714  O O     . LEU A 1 122 ? 4.084   -14.459 -4.920  1.00 20.00 ? 122 LEU A O     1 
ATOM   715  C CB    . LEU A 1 122 ? 3.128   -12.692 -6.841  1.00 20.00 ? 122 LEU A CB    1 
ATOM   716  C CG    . LEU A 1 122 ? 2.760   -13.962 -7.574  1.00 20.00 ? 122 LEU A CG    1 
ATOM   717  C CD1   . LEU A 1 122 ? 1.919   -14.874 -6.642  1.00 20.00 ? 122 LEU A CD1   1 
ATOM   718  C CD2   . LEU A 1 122 ? 2.041   -13.596 -8.869  1.00 20.00 ? 122 LEU A CD2   1 
ATOM   719  N N     . THR A 1 123 ? 5.825   -14.895 -6.270  1.00 20.00 ? 123 THR A N     1 
ATOM   720  C CA    . THR A 1 123 ? 6.187   -16.170 -5.714  1.00 20.00 ? 123 THR A CA    1 
ATOM   721  C C     . THR A 1 123 ? 7.681   -16.365 -5.916  1.00 20.00 ? 123 THR A C     1 
ATOM   722  O O     . THR A 1 123 ? 8.287   -17.123 -5.206  1.00 20.00 ? 123 THR A O     1 
ATOM   723  C CB    . THR A 1 123 ? 5.493   -17.329 -6.433  1.00 20.00 ? 123 THR A CB    1 
ATOM   724  O OG1   . THR A 1 123 ? 6.015   -17.437 -7.776  1.00 20.00 ? 123 THR A OG1   1 
ATOM   725  C CG2   . THR A 1 123 ? 3.966   -17.181 -6.461  1.00 20.00 ? 123 THR A CG2   1 
ATOM   726  N N     . PRO A 1 124 ? 8.295   -15.699 -6.910  1.00 20.00 ? 124 PRO A N     1 
ATOM   727  C CA    . PRO A 1 124 ? 9.777   -15.762 -6.996  1.00 20.00 ? 124 PRO A CA    1 
ATOM   728  C C     . PRO A 1 124 ? 10.608  -15.398 -5.736  1.00 20.00 ? 124 PRO A C     1 
ATOM   729  O O     . PRO A 1 124 ? 10.861  -14.229 -5.471  1.00 20.00 ? 124 PRO A O     1 
ATOM   730  C CB    . PRO A 1 124 ? 10.125  -14.766 -8.139  1.00 20.00 ? 124 PRO A CB    1 
ATOM   731  C CG    . PRO A 1 124 ? 8.899   -13.960 -8.343  1.00 20.00 ? 124 PRO A CG    1 
ATOM   732  C CD    . PRO A 1 124 ? 7.769   -14.953 -8.068  1.00 20.00 ? 124 PRO A CD    1 
ATOM   733  N N     . LEU A 1 125 ? 11.039  -16.434 -5.011  1.00 20.00 ? 125 LEU A N     1 
ATOM   734  C CA    . LEU A 1 125 ? 12.080  -16.338 -3.967  1.00 20.00 ? 125 LEU A CA    1 
ATOM   735  C C     . LEU A 1 125 ? 13.433  -15.888 -4.477  1.00 20.00 ? 125 LEU A C     1 
ATOM   736  O O     . LEU A 1 125 ? 14.292  -15.489 -3.661  1.00 20.00 ? 125 LEU A O     1 
ATOM   737  C CB    . LEU A 1 125 ? 12.333  -17.706 -3.349  1.00 20.00 ? 125 LEU A CB    1 
ATOM   738  C CG    . LEU A 1 125 ? 11.254  -18.333 -2.514  1.00 20.00 ? 125 LEU A CG    1 
ATOM   739  C CD1   . LEU A 1 125 ? 12.050  -19.225 -1.564  1.00 20.00 ? 125 LEU A CD1   1 
ATOM   740  C CD2   . LEU A 1 125 ? 10.437  -17.242 -1.818  1.00 20.00 ? 125 LEU A CD2   1 
ATOM   741  N N     . PRO A 1 126 ? 13.666  -16.065 -5.803  1.00 20.00 ? 126 PRO A N     1 
ATOM   742  C CA    . PRO A 1 126 ? 14.827  -15.433 -6.378  1.00 20.00 ? 126 PRO A CA    1 
ATOM   743  C C     . PRO A 1 126 ? 14.536  -13.982 -6.461  1.00 20.00 ? 126 PRO A C     1 
ATOM   744  O O     . PRO A 1 126 ? 13.416  -13.588 -6.842  1.00 20.00 ? 126 PRO A O     1 
ATOM   745  C CB    . PRO A 1 126 ? 14.862  -15.983 -7.806  1.00 20.00 ? 126 PRO A CB    1 
ATOM   746  C CG    . PRO A 1 126 ? 13.438  -16.407 -8.061  1.00 20.00 ? 126 PRO A CG    1 
ATOM   747  C CD    . PRO A 1 126 ? 13.053  -17.002 -6.766  1.00 20.00 ? 126 PRO A CD    1 
ATOM   748  N N     . GLN A 1 127 ? 15.532  -13.205 -6.062  1.00 20.00 ? 127 GLN A N     1 
ATOM   749  C CA    . GLN A 1 127 ? 15.652  -11.858 -6.540  1.00 20.00 ? 127 GLN A CA    1 
ATOM   750  C C     . GLN A 1 127 ? 15.756  -12.038 -8.064  1.00 20.00 ? 127 GLN A C     1 
ATOM   751  O O     . GLN A 1 127 ? 16.481  -12.936 -8.541  1.00 20.00 ? 127 GLN A O     1 
ATOM   752  C CB    . GLN A 1 127 ? 16.909  -11.184 -5.976  1.00 20.00 ? 127 GLN A CB    1 
ATOM   753  C CG    . GLN A 1 127 ? 16.962  -10.990 -4.445  1.00 20.00 ? 127 GLN A CG    1 
ATOM   754  C CD    . GLN A 1 127 ? 18.250  -10.307 -3.955  1.00 20.00 ? 127 GLN A CD    1 
ATOM   755  O OE1   . GLN A 1 127 ? 19.344  -10.483 -4.533  1.00 20.00 ? 127 GLN A OE1   1 
ATOM   756  N NE2   . GLN A 1 127 ? 18.128  -9.529  -2.869  1.00 20.00 ? 127 GLN A NE2   1 
ATOM   757  N N     . PRO A 1 128 ? 15.028  -11.204 -8.840  1.00 20.00 ? 128 PRO A N     1 
ATOM   758  C CA    . PRO A 1 128 ? 14.379  -9.961  -8.402  1.00 20.00 ? 128 PRO A CA    1 
ATOM   759  C C     . PRO A 1 128 ? 13.143  -10.131 -7.527  1.00 20.00 ? 128 PRO A C     1 
ATOM   760  O O     . PRO A 1 128 ? 12.339  -11.036 -7.697  1.00 20.00 ? 128 PRO A O     1 
ATOM   761  C CB    . PRO A 1 128 ? 13.973  -9.299  -9.715  1.00 20.00 ? 128 PRO A CB    1 
ATOM   762  C CG    . PRO A 1 128 ? 13.593  -10.466 -10.547 1.00 20.00 ? 128 PRO A CG    1 
ATOM   763  C CD    . PRO A 1 128 ? 14.574  -11.582 -10.192 1.00 20.00 ? 128 PRO A CD    1 
ATOM   764  N N     . ASN A 1 129 ? 13.054  -9.205  -6.590  1.00 20.00 ? 129 ASN A N     1 
ATOM   765  C CA    . ASN A 1 129 ? 11.995  -9.089  -5.629  1.00 20.00 ? 129 ASN A CA    1 
ATOM   766  C C     . ASN A 1 129 ? 11.252  -7.845  -6.051  1.00 20.00 ? 129 ASN A C     1 
ATOM   767  O O     . ASN A 1 129 ? 10.299  -7.454  -5.401  1.00 20.00 ? 129 ASN A O     1 
ATOM   768  C CB    . ASN A 1 129 ? 12.640  -8.908  -4.269  1.00 20.00 ? 129 ASN A CB    1 
ATOM   769  C CG    . ASN A 1 129 ? 13.893  -9.764  -4.127  1.00 20.00 ? 129 ASN A CG    1 
ATOM   770  O OD1   . ASN A 1 129 ? 13.903  -10.923 -4.561  1.00 20.00 ? 129 ASN A OD1   1 
ATOM   771  N ND2   . ASN A 1 129 ? 14.955  -9.204  -3.537  1.00 20.00 ? 129 ASN A ND2   1 
ATOM   772  N N     . ARG A 1 130 ? 11.714  -7.232  -7.151  1.00 20.00 ? 130 ARG A N     1 
ATOM   773  C CA    . ARG A 1 130 ? 11.132  -6.004  -7.683  1.00 20.00 ? 130 ARG A CA    1 
ATOM   774  C C     . ARG A 1 130 ? 10.913  -6.096  -9.189  1.00 20.00 ? 130 ARG A C     1 
ATOM   775  O O     . ARG A 1 130 ? 11.094  -7.180  -9.767  1.00 20.00 ? 130 ARG A O     1 
ATOM   776  C CB    . ARG A 1 130 ? 11.981  -4.793  -7.325  1.00 20.00 ? 130 ARG A CB    1 
ATOM   777  C CG    . ARG A 1 130 ? 13.369  -4.914  -7.941  1.00 20.00 ? 130 ARG A CG    1 
ATOM   778  C CD    . ARG A 1 130 ? 14.294  -3.754  -7.642  1.00 20.00 ? 130 ARG A CD    1 
ATOM   779  N NE    . ARG A 1 130 ? 13.811  -2.507  -8.243  1.00 20.00 ? 130 ARG A NE    1 
ATOM   780  C CZ    . ARG A 1 130 ? 14.379  -1.312  -8.060  1.00 20.00 ? 130 ARG A CZ    1 
ATOM   781  N NH1   . ARG A 1 130 ? 15.469  -1.179  -7.310  1.00 20.00 ? 130 ARG A NH1   1 
ATOM   782  N NH2   . ARG A 1 130 ? 13.841  -0.250  -8.636  1.00 20.00 ? 130 ARG A NH2   1 
ATOM   783  N N     . GLY A 1 131 ? 10.495  -4.980  -9.809  1.00 20.00 ? 131 GLY A N     1 
ATOM   784  C CA    . GLY A 1 131 ? 10.354  -4.892  -11.275 1.00 20.00 ? 131 GLY A CA    1 
ATOM   785  C C     . GLY A 1 131 ? 9.684   -3.585  -11.684 1.00 20.00 ? 131 GLY A C     1 
ATOM   786  O O     . GLY A 1 131 ? 9.594   -2.652  -10.862 1.00 20.00 ? 131 GLY A O     1 
ATOM   787  N N     . LEU A 1 132 ? 9.233   -3.502  -12.944 1.00 20.00 ? 132 LEU A N     1 
ATOM   788  C CA    . LEU A 1 132 ? 8.269   -2.463  -13.310 1.00 20.00 ? 132 LEU A CA    1 
ATOM   789  C C     . LEU A 1 132 ? 7.111   -2.507  -12.312 1.00 20.00 ? 132 LEU A C     1 
ATOM   790  O O     . LEU A 1 132 ? 6.532   -1.477  -11.974 1.00 20.00 ? 132 LEU A O     1 
ATOM   791  C CB    . LEU A 1 132 ? 7.735   -2.642  -14.743 1.00 20.00 ? 132 LEU A CB    1 
ATOM   792  C CG    . LEU A 1 132 ? 6.893   -1.519  -15.402 1.00 20.00 ? 132 LEU A CG    1 
ATOM   793  C CD1   . LEU A 1 132 ? 7.286   -1.462  -16.858 1.00 20.00 ? 132 LEU A CD1   1 
ATOM   794  C CD2   . LEU A 1 132 ? 5.376   -1.647  -15.276 1.00 19.88 ? 132 LEU A CD2   1 
ATOM   795  N N     . ALA A 1 133 ? 6.779   -3.709  -11.855 1.00 20.00 ? 133 ALA A N     1 
ATOM   796  C CA    . ALA A 1 133 ? 5.771   -3.882  -10.823 1.00 20.00 ? 133 ALA A CA    1 
ATOM   797  C C     . ALA A 1 133 ? 5.871   -2.795  -9.730  1.00 20.00 ? 133 ALA A C     1 
ATOM   798  O O     . ALA A 1 133 ? 4.866   -2.118  -9.449  1.00 20.00 ? 133 ALA A O     1 
ATOM   799  C CB    . ALA A 1 133 ? 5.883   -5.266  -10.194 1.00 20.00 ? 133 ALA A CB    1 
ATOM   800  N N     . PHE A 1 134 ? 7.062   -2.625  -9.119  1.00 20.00 ? 134 PHE A N     1 
ATOM   801  C CA    . PHE A 1 134 ? 7.199   -1.725  -7.996  1.00 20.00 ? 134 PHE A CA    1 
ATOM   802  C C     . PHE A 1 134 ? 7.660   -0.435  -8.513  1.00 20.00 ? 134 PHE A C     1 
ATOM   803  O O     . PHE A 1 134 ? 7.568   0.560   -7.802  1.00 20.00 ? 134 PHE A O     1 
ATOM   804  C CB    . PHE A 1 134 ? 8.273   -2.159  -7.068  1.00 20.00 ? 134 PHE A CB    1 
ATOM   805  C CG    . PHE A 1 134 ? 8.042   -3.444  -6.464  1.00 20.00 ? 134 PHE A CG    1 
ATOM   806  C CD1   . PHE A 1 134 ? 8.791   -4.527  -6.877  1.00 20.00 ? 134 PHE A CD1   1 
ATOM   807  C CD2   . PHE A 1 134 ? 7.110   -3.596  -5.458  1.00 19.28 ? 134 PHE A CD2   1 
ATOM   808  C CE1   . PHE A 1 134 ? 8.617   -5.759  -6.305  1.00 18.83 ? 134 PHE A CE1   1 
ATOM   809  C CE2   . PHE A 1 134 ? 6.944   -4.836  -4.884  1.00 18.27 ? 134 PHE A CE2   1 
ATOM   810  C CZ    . PHE A 1 134 ? 7.701   -5.913  -5.314  1.00 17.95 ? 134 PHE A CZ    1 
ATOM   811  N N     . PHE A 1 135 ? 8.234   -0.420  -9.712  1.00 20.00 ? 135 PHE A N     1 
ATOM   812  C CA    . PHE A 1 135 ? 8.393   0.892   -10.314 1.00 20.00 ? 135 PHE A CA    1 
ATOM   813  C C     . PHE A 1 135 ? 6.959   1.434   -10.180 1.00 20.00 ? 135 PHE A C     1 
ATOM   814  O O     . PHE A 1 135 ? 6.753   2.598   -9.847  1.00 20.00 ? 135 PHE A O     1 
ATOM   815  C CB    . PHE A 1 135 ? 9.044   0.914   -11.741 1.00 20.00 ? 135 PHE A CB    1 
ATOM   816  C CG    . PHE A 1 135 ? 10.605  0.985   -11.723 1.00 20.00 ? 135 PHE A CG    1 
ATOM   817  C CD1   . PHE A 1 135 ? 11.383  -0.135  -12.061 1.00 20.00 ? 135 PHE A CD1   1 
ATOM   818  C CD2   . PHE A 1 135 ? 11.304  2.184   -11.358 1.00 20.00 ? 135 PHE A CD2   1 
ATOM   819  C CE1   . PHE A 1 135 ? 12.843  -0.066  -12.036 1.00 20.00 ? 135 PHE A CE1   1 
ATOM   820  C CE2   . PHE A 1 135 ? 12.761  2.261   -11.353 1.00 20.00 ? 135 PHE A CE2   1 
ATOM   821  C CZ    . PHE A 1 135 ? 13.519  1.130   -11.681 1.00 20.00 ? 135 PHE A CZ    1 
ATOM   822  N N     . VAL A 1 136 ? 5.960   0.567   -10.270 1.00 20.00 ? 136 VAL A N     1 
ATOM   823  C CA    . VAL A 1 136 ? 4.647   1.097   -9.933  1.00 20.00 ? 136 VAL A CA    1 
ATOM   824  C C     . VAL A 1 136 ? 4.371   1.425   -8.463  1.00 20.00 ? 136 VAL A C     1 
ATOM   825  O O     . VAL A 1 136 ? 4.147   2.576   -8.144  1.00 20.00 ? 136 VAL A O     1 
ATOM   826  C CB    . VAL A 1 136 ? 3.424   0.603   -10.820 1.00 20.00 ? 136 VAL A CB    1 
ATOM   827  C CG1   . VAL A 1 136 ? 3.546   1.249   -12.141 1.00 20.00 ? 136 VAL A CG1   1 
ATOM   828  C CG2   . VAL A 1 136 ? 3.438   -0.888  -11.096 1.00 20.00 ? 136 VAL A CG2   1 
ATOM   829  N N     . GLY A 1 137 ? 4.438   0.433   -7.581  1.00 20.00 ? 137 GLY A N     1 
ATOM   830  C CA    . GLY A 1 137 ? 3.926   0.570   -6.199  1.00 20.00 ? 137 GLY A CA    1 
ATOM   831  C C     . GLY A 1 137 ? 4.610   1.657   -5.383  1.00 20.00 ? 137 GLY A C     1 
ATOM   832  O O     . GLY A 1 137 ? 4.025   2.697   -5.066  1.00 20.00 ? 137 GLY A O     1 
ATOM   833  N N     . TYR A 1 138 ? 5.869   1.386   -5.041  1.00 20.00 ? 138 TYR A N     1 
ATOM   834  C CA    . TYR A 1 138 ? 6.774   2.322   -4.381  1.00 20.00 ? 138 TYR A CA    1 
ATOM   835  C C     . TYR A 1 138 ? 6.770   3.670   -4.991  1.00 20.00 ? 138 TYR A C     1 
ATOM   836  O O     . TYR A 1 138 ? 6.825   4.648   -4.255  1.00 20.00 ? 138 TYR A O     1 
ATOM   837  C CB    . TYR A 1 138 ? 8.194   1.843   -4.547  1.00 20.00 ? 138 TYR A CB    1 
ATOM   838  C CG    . TYR A 1 138 ? 9.054   2.226   -3.422  1.00 20.00 ? 138 TYR A CG    1 
ATOM   839  C CD1   . TYR A 1 138 ? 10.433  2.323   -3.596  1.00 20.00 ? 138 TYR A CD1   1 
ATOM   840  C CD2   . TYR A 1 138 ? 8.510   2.528   -2.172  1.00 19.61 ? 138 TYR A CD2   1 
ATOM   841  C CE1   . TYR A 1 138 ? 11.252  2.684   -2.549  1.00 20.00 ? 138 TYR A CE1   1 
ATOM   842  C CE2   . TYR A 1 138 ? 9.311   2.886   -1.142  1.00 18.59 ? 138 TYR A CE2   1 
ATOM   843  C CZ    . TYR A 1 138 ? 10.690  2.964   -1.333  1.00 18.96 ? 138 TYR A CZ    1 
ATOM   844  O OH    . TYR A 1 138 ? 11.551  3.334   -0.337  1.00 19.31 ? 138 TYR A OH    1 
ATOM   845  N N     . GLY A 1 139 ? 6.787   3.720   -6.336  1.00 20.00 ? 139 GLY A N     1 
ATOM   846  C CA    . GLY A 1 139 ? 7.104   4.977   -7.111  1.00 20.00 ? 139 GLY A CA    1 
ATOM   847  C C     . GLY A 1 139 ? 5.918   5.932   -7.158  1.00 20.00 ? 139 GLY A C     1 
ATOM   848  O O     . GLY A 1 139 ? 6.103   7.160   -7.321  1.00 20.00 ? 139 GLY A O     1 
ATOM   849  N N     . VAL A 1 140 ? 4.720   5.308   -7.022  1.00 20.00 ? 140 VAL A N     1 
ATOM   850  C CA    . VAL A 1 140 ? 3.390   5.966   -6.858  1.00 20.00 ? 140 VAL A CA    1 
ATOM   851  C C     . VAL A 1 140 ? 3.262   6.373   -5.406  1.00 20.00 ? 140 VAL A C     1 
ATOM   852  O O     . VAL A 1 140 ? 2.950   7.524   -5.115  1.00 20.00 ? 140 VAL A O     1 
ATOM   853  C CB    . VAL A 1 140 ? 2.154   5.092   -7.358  1.00 20.00 ? 140 VAL A CB    1 
ATOM   854  C CG1   . VAL A 1 140 ? 2.100   3.772   -6.683  1.00 20.00 ? 140 VAL A CG1   1 
ATOM   855  C CG2   . VAL A 1 140 ? 0.833   5.834   -7.179  1.00 20.00 ? 140 VAL A CG2   1 
ATOM   856  N N     . THR A 1 141 ? 3.552   5.461   -4.492  1.00 20.00 ? 141 THR A N     1 
ATOM   857  C CA    . THR A 1 141 ? 3.735   5.938   -3.137  1.00 20.00 ? 141 THR A CA    1 
ATOM   858  C C     . THR A 1 141 ? 4.542   7.214   -3.278  1.00 20.00 ? 141 THR A C     1 
ATOM   859  O O     . THR A 1 141 ? 4.216   8.251   -2.740  1.00 20.00 ? 141 THR A O     1 
ATOM   860  C CB    . THR A 1 141 ? 4.547   4.971   -2.250  1.00 20.00 ? 141 THR A CB    1 
ATOM   861  O OG1   . THR A 1 141 ? 4.354   3.632   -2.715  1.00 20.00 ? 141 THR A OG1   1 
ATOM   862  C CG2   . THR A 1 141 ? 4.114   5.083   -0.784  1.00 20.00 ? 141 THR A CG2   1 
ATOM   863  N N     . LEU A 1 142 ? 5.590   7.133   -4.070  1.00 20.00 ? 142 LEU A N     1 
ATOM   864  C CA    . LEU A 1 142 ? 6.446   8.259   -4.212  1.00 20.00 ? 142 LEU A CA    1 
ATOM   865  C C     . LEU A 1 142 ? 5.641   9.431   -4.788  1.00 20.00 ? 142 LEU A C     1 
ATOM   866  O O     . LEU A 1 142 ? 5.431   10.370  -4.036  1.00 20.00 ? 142 LEU A O     1 
ATOM   867  C CB    . LEU A 1 142 ? 7.759   7.881   -4.899  1.00 20.00 ? 142 LEU A CB    1 
ATOM   868  C CG    . LEU A 1 142 ? 8.436   6.676   -4.181  1.00 20.00 ? 142 LEU A CG    1 
ATOM   869  C CD1   . LEU A 1 142 ? 9.941   6.779   -4.283  1.00 20.00 ? 142 LEU A CD1   1 
ATOM   870  C CD2   . LEU A 1 142 ? 8.049   6.377   -2.673  1.00 19.88 ? 142 LEU A CD2   1 
ATOM   871  N N     . SER A 1 143 ? 5.099   9.355   -6.023  1.00 20.00 ? 143 SER A N     1 
ATOM   872  C CA    . SER A 1 143 ? 4.396   10.538  -6.701  1.00 20.00 ? 143 SER A CA    1 
ATOM   873  C C     . SER A 1 143 ? 3.213   11.195  -5.959  1.00 20.00 ? 143 SER A C     1 
ATOM   874  O O     . SER A 1 143 ? 3.221   12.416  -5.671  1.00 20.00 ? 143 SER A O     1 
ATOM   875  C CB    . SER A 1 143 ? 3.893   10.205  -8.119  1.00 20.00 ? 143 SER A CB    1 
ATOM   876  O OG    . SER A 1 143 ? 2.823   11.091  -8.460  1.00 20.00 ? 143 SER A OG    1 
ATOM   877  N N     . MET A 1 144 ? 2.182   10.363  -5.761  1.00 20.00 ? 144 MET A N     1 
ATOM   878  C CA    . MET A 1 144 ? 1.078   10.579  -4.785  1.00 20.00 ? 144 MET A CA    1 
ATOM   879  C C     . MET A 1 144 ? 1.578   10.795  -3.338  1.00 20.00 ? 144 MET A C     1 
ATOM   880  O O     . MET A 1 144 ? 0.994   11.579  -2.600  1.00 20.00 ? 144 MET A O     1 
ATOM   881  C CB    . MET A 1 144 ? 0.027   9.415   -4.839  1.00 20.00 ? 144 MET A CB    1 
ATOM   882  C CG    . MET A 1 144 ? -0.434  8.978   -6.275  1.00 20.00 ? 144 MET A CG    1 
ATOM   883  S SD    . MET A 1 144 ? -1.171  10.278  -7.348  1.00 20.00 ? 144 MET A SD    1 
ATOM   884  C CE    . MET A 1 144 ? 0.154   10.763  -8.482  1.00 20.00 ? 144 MET A CE    1 
ATOM   885  N N     . ALA A 1 145 ? 2.639   10.111  -2.912  1.00 20.00 ? 145 ALA A N     1 
ATOM   886  C CA    . ALA A 1 145 ? 3.297   10.595  -1.698  1.00 20.00 ? 145 ALA A CA    1 
ATOM   887  C C     . ALA A 1 145 ? 3.665   12.060  -2.014  1.00 20.00 ? 145 ALA A C     1 
ATOM   888  O O     . ALA A 1 145 ? 3.058   13.015  -1.496  1.00 20.00 ? 145 ALA A O     1 
ATOM   889  C CB    . ALA A 1 145 ? 4.576   9.748   -1.296  1.00 20.00 ? 145 ALA A CB    1 
ATOM   890  N N     . TYR A 1 146 ? 4.604   12.242  -2.930  1.00 20.00 ? 146 TYR A N     1 
ATOM   891  C CA    . TYR A 1 146 ? 5.241   13.496  -2.993  1.00 20.00 ? 146 TYR A CA    1 
ATOM   892  C C     . TYR A 1 146 ? 4.245   14.646  -3.078  1.00 20.00 ? 146 TYR A C     1 
ATOM   893  O O     . TYR A 1 146 ? 4.230   15.472  -2.155  1.00 20.00 ? 146 TYR A O     1 
ATOM   894  C CB    . TYR A 1 146 ? 6.251   13.492  -4.118  1.00 20.00 ? 146 TYR A CB    1 
ATOM   895  C CG    . TYR A 1 146 ? 7.477   12.671  -3.776  1.00 20.00 ? 146 TYR A CG    1 
ATOM   896  C CD1   . TYR A 1 146 ? 7.497   11.291  -4.028  1.00 20.00 ? 146 TYR A CD1   1 
ATOM   897  C CD2   . TYR A 1 146 ? 8.614   13.264  -3.184  1.00 20.00 ? 146 TYR A CD2   1 
ATOM   898  C CE1   . TYR A 1 146 ? 8.597   10.515  -3.714  1.00 20.00 ? 146 TYR A CE1   1 
ATOM   899  C CE2   . TYR A 1 146 ? 9.738   12.485  -2.876  1.00 20.00 ? 146 TYR A CE2   1 
ATOM   900  C CZ    . TYR A 1 146 ? 9.701   11.108  -3.135  1.00 20.00 ? 146 TYR A CZ    1 
ATOM   901  O OH    . TYR A 1 146 ? 10.759  10.302  -2.851  1.00 20.00 ? 146 TYR A OH    1 
ATOM   902  N N     . ARG A 1 147 ? 3.416   14.716  -4.138  1.00 20.00 ? 147 ARG A N     1 
ATOM   903  C CA    . ARG A 1 147 ? 2.526   15.892  -4.319  1.00 20.00 ? 147 ARG A CA    1 
ATOM   904  C C     . ARG A 1 147 ? 1.621   16.108  -3.022  1.00 20.00 ? 147 ARG A C     1 
ATOM   905  O O     . ARG A 1 147 ? 1.795   17.056  -2.230  1.00 20.00 ? 147 ARG A O     1 
ATOM   906  C CB    . ARG A 1 147 ? 1.731   15.803  -5.655  1.00 20.00 ? 147 ARG A CB    1 
ATOM   907  C CG    . ARG A 1 147 ? 2.368   14.909  -6.763  1.00 20.00 ? 147 ARG A CG    1 
ATOM   908  C CD    . ARG A 1 147 ? 2.967   15.710  -7.970  1.00 20.00 ? 147 ARG A CD    1 
ATOM   909  N NE    . ARG A 1 147 ? 4.071   15.026  -8.692  1.00 20.00 ? 147 ARG A NE    1 
ATOM   910  C CZ    . ARG A 1 147 ? 4.027   14.598  -9.961  1.00 20.00 ? 147 ARG A CZ    1 
ATOM   911  N NH1   . ARG A 1 147 ? 2.928   14.777  -10.689 1.00 20.00 ? 147 ARG A NH1   1 
ATOM   912  N NH2   . ARG A 1 147 ? 5.094   13.997  -10.512 1.00 20.00 ? 147 ARG A NH2   1 
ATOM   913  N N     . LEU A 1 148 ? 0.711   15.177  -2.777  1.00 20.00 ? 148 LEU A N     1 
ATOM   914  C CA    . LEU A 1 148 ? -0.332  15.358  -1.769  1.00 20.00 ? 148 LEU A CA    1 
ATOM   915  C C     . LEU A 1 148 ? 0.372   15.680  -0.483  1.00 20.00 ? 148 LEU A C     1 
ATOM   916  O O     . LEU A 1 148 ? -0.085  16.516  0.291   1.00 20.00 ? 148 LEU A O     1 
ATOM   917  C CB    . LEU A 1 148 ? -1.164  14.095  -1.575  1.00 20.00 ? 148 LEU A CB    1 
ATOM   918  C CG    . LEU A 1 148 ? -0.786  13.061  -2.611  1.00 20.00 ? 148 LEU A CG    1 
ATOM   919  C CD1   . LEU A 1 148 ? -1.366  11.722  -2.220  1.00 20.00 ? 148 LEU A CD1   1 
ATOM   920  C CD2   . LEU A 1 148 ? -1.261  13.505  -3.958  1.00 19.02 ? 148 LEU A CD2   1 
ATOM   921  N N     . LEU A 1 149 ? 1.500   15.049  -0.236  1.00 20.00 ? 149 LEU A N     1 
ATOM   922  C CA    . LEU A 1 149 ? 2.163   15.434  0.976   1.00 20.00 ? 149 LEU A CA    1 
ATOM   923  C C     . LEU A 1 149 ? 2.275   16.947  1.076   1.00 20.00 ? 149 LEU A C     1 
ATOM   924  O O     . LEU A 1 149 ? 1.693   17.604  1.983   1.00 20.00 ? 149 LEU A O     1 
ATOM   925  C CB    . LEU A 1 149 ? 3.573   14.838  1.089   1.00 20.00 ? 149 LEU A CB    1 
ATOM   926  C CG    . LEU A 1 149 ? 3.437   13.330  0.968   1.00 20.00 ? 149 LEU A CG    1 
ATOM   927  C CD1   . LEU A 1 149 ? 4.496   12.662  1.776   1.00 19.44 ? 149 LEU A CD1   1 
ATOM   928  C CD2   . LEU A 1 149 ? 2.003   12.894  1.329   1.00 20.00 ? 149 LEU A CD2   1 
ATOM   929  N N     . ARG A 1 150 ? 2.961   17.483  0.071   1.00 20.00 ? 150 ARG A N     1 
ATOM   930  C CA    . ARG A 1 150 ? 3.421   18.829  0.086   1.00 20.00 ? 150 ARG A CA    1 
ATOM   931  C C     . ARG A 1 150 ? 2.122   19.668  0.142   1.00 20.00 ? 150 ARG A C     1 
ATOM   932  O O     . ARG A 1 150 ? 2.012   20.619  0.958   1.00 20.00 ? 150 ARG A O     1 
ATOM   933  C CB    . ARG A 1 150 ? 4.294   19.051  -1.162  1.00 20.00 ? 150 ARG A CB    1 
ATOM   934  C CG    . ARG A 1 150 ? 5.526   18.072  -1.265  1.00 20.00 ? 150 ARG A CG    1 
ATOM   935  C CD    . ARG A 1 150 ? 5.859   17.618  -2.737  1.00 20.00 ? 150 ARG A CD    1 
ATOM   936  N NE    . ARG A 1 150 ? 7.312   17.584  -2.941  1.00 20.00 ? 150 ARG A NE    1 
ATOM   937  C CZ    . ARG A 1 150 ? 7.942   17.545  -4.128  1.00 20.00 ? 150 ARG A CZ    1 
ATOM   938  N NH1   . ARG A 1 150 ? 7.253   17.485  -5.264  1.00 20.00 ? 150 ARG A NH1   1 
ATOM   939  N NH2   . ARG A 1 150 ? 9.289   17.566  -4.185  1.00 20.00 ? 150 ARG A NH2   1 
ATOM   940  N N     . SER A 1 151 ? 1.122   19.221  -0.643  1.00 20.00 ? 151 SER A N     1 
ATOM   941  C CA    . SER A 1 151 ? -0.122  19.978  -0.861  1.00 20.00 ? 151 SER A CA    1 
ATOM   942  C C     . SER A 1 151 ? -0.929  20.413  0.360   1.00 20.00 ? 151 SER A C     1 
ATOM   943  O O     . SER A 1 151 ? -0.941  21.592  0.688   1.00 20.00 ? 151 SER A O     1 
ATOM   944  C CB    . SER A 1 151 ? -0.984  19.443  -2.028  1.00 20.00 ? 151 SER A CB    1 
ATOM   945  O OG    . SER A 1 151 ? -1.529  18.171  -1.783  1.00 20.00 ? 151 SER A OG    1 
ATOM   946  N N     . ARG A 1 152 ? -1.592  19.513  1.059   1.00 20.00 ? 152 ARG A N     1 
ATOM   947  C CA    . ARG A 1 152 ? -2.249  19.998  2.269   1.00 20.00 ? 152 ARG A CA    1 
ATOM   948  C C     . ARG A 1 152 ? -1.293  20.618  3.325   1.00 20.00 ? 152 ARG A C     1 
ATOM   949  O O     . ARG A 1 152 ? -1.718  21.488  4.087   1.00 20.00 ? 152 ARG A O     1 
ATOM   950  C CB    . ARG A 1 152 ? -3.119  18.946  2.907   1.00 20.00 ? 152 ARG A CB    1 
ATOM   951  C CG    . ARG A 1 152 ? -3.838  18.149  1.904   1.00 20.00 ? 152 ARG A CG    1 
ATOM   952  C CD    . ARG A 1 152 ? -4.881  18.935  1.218   1.00 19.57 ? 152 ARG A CD    1 
ATOM   953  N NE    . ARG A 1 152 ? -5.468  18.091  0.202   1.00 19.04 ? 152 ARG A NE    1 
ATOM   954  C CZ    . ARG A 1 152 ? -6.743  18.168  -0.152  1.00 19.73 ? 152 ARG A CZ    1 
ATOM   955  N NH1   . ARG A 1 152 ? -7.517  19.067  0.434   1.00 18.94 ? 152 ARG A NH1   1 
ATOM   956  N NH2   . ARG A 1 152 ? -7.241  17.378  -1.104  1.00 20.00 ? 152 ARG A NH2   1 
ATOM   957  N N     . LEU A 1 153 ? -0.019  20.214  3.372   1.00 20.00 ? 153 LEU A N     1 
ATOM   958  C CA    . LEU A 1 153 ? 0.965   20.932  4.247   1.00 20.00 ? 153 LEU A CA    1 
ATOM   959  C C     . LEU A 1 153 ? 1.101   22.455  3.969   1.00 20.00 ? 153 LEU A C     1 
ATOM   960  O O     . LEU A 1 153 ? 0.798   23.276  4.864   1.00 20.00 ? 153 LEU A O     1 
ATOM   961  C CB    . LEU A 1 153 ? 2.403   20.338  4.192   1.00 20.00 ? 153 LEU A CB    1 
ATOM   962  C CG    . LEU A 1 153 ? 2.818   19.038  3.495   1.00 20.00 ? 153 LEU A CG    1 
ATOM   963  C CD1   . LEU A 1 153 ? 4.222   19.120  2.909   1.00 20.00 ? 153 LEU A CD1   1 
ATOM   964  C CD2   . LEU A 1 153 ? 2.687   17.900  4.460   1.00 20.00 ? 153 LEU A CD2   1 
ATOM   965  N N     . TYR A 1 154 ? 1.594   22.801  2.752   1.00 20.00 ? 154 TYR A N     1 
ATOM   966  C CA    . TYR A 1 154 ? 1.959   24.197  2.401   1.00 20.00 ? 154 TYR A CA    1 
ATOM   967  C C     . TYR A 1 154 ? 0.653   24.983  2.434   1.00 20.00 ? 154 TYR A C     1 
ATOM   968  O O     . TYR A 1 154 ? 0.617   26.208  2.330   1.00 20.00 ? 154 TYR A O     1 
ATOM   969  C CB    . TYR A 1 154 ? 2.663   24.350  1.021   1.00 20.00 ? 154 TYR A CB    1 
ATOM   970  C CG    . TYR A 1 154 ? 3.868   23.453  0.684   1.00 20.00 ? 154 TYR A CG    1 
ATOM   971  C CD1   . TYR A 1 154 ? 3.814   22.059  0.866   1.00 19.56 ? 154 TYR A CD1   1 
ATOM   972  C CD2   . TYR A 1 154 ? 5.046   23.988  0.120   1.00 20.00 ? 154 TYR A CD2   1 
ATOM   973  C CE1   . TYR A 1 154 ? 4.923   21.201  0.534   1.00 19.53 ? 154 TYR A CE1   1 
ATOM   974  C CE2   . TYR A 1 154 ? 6.175   23.129  -0.227  1.00 20.00 ? 154 TYR A CE2   1 
ATOM   975  C CZ    . TYR A 1 154 ? 6.093   21.721  -0.026  1.00 19.88 ? 154 TYR A CZ    1 
ATOM   976  O OH    . TYR A 1 154 ? 7.149   20.841  -0.323  1.00 18.63 ? 154 TYR A OH    1 
ATOM   977  N N     . LEU A 1 155 ? -0.435  24.244  2.581   1.00 20.00 ? 155 LEU A N     1 
ATOM   978  C CA    . LEU A 1 155 ? -1.728  24.836  2.844   1.00 20.00 ? 155 LEU A CA    1 
ATOM   979  C C     . LEU A 1 155 ? -2.387  24.107  4.040   1.00 20.00 ? 155 LEU A C     1 
ATOM   980  O O     . LEU A 1 155 ? -2.438  24.615  5.170   1.00 20.00 ? 155 LEU A O     1 
ATOM   981  C CB    . LEU A 1 155 ? -2.620  24.817  1.574   1.00 20.00 ? 155 LEU A CB    1 
ATOM   982  C CG    . LEU A 1 155 ? -3.188  23.561  0.874   1.00 19.73 ? 155 LEU A CG    1 
ATOM   983  C CD1   . LEU A 1 155 ? -4.208  22.849  1.711   1.00 17.42 ? 155 LEU A CD1   1 
ATOM   984  C CD2   . LEU A 1 155 ? -3.806  23.904  -0.495  1.00 20.00 ? 155 LEU A CD2   1 
HETATM 985  N N1    . GTD B 2 .   ? 7.766   -9.843  11.916  1.00 16.99 ? 201 GTD A N1    1 
HETATM 986  C CA1   . GTD B 2 .   ? 7.595   -11.052 11.067  1.00 18.51 ? 201 GTD A CA1   1 
HETATM 987  C C1    . GTD B 2 .   ? 6.648   -10.680 9.946   1.00 18.31 ? 201 GTD A C1    1 
HETATM 988  O O11   . GTD B 2 .   ? 6.515   -11.410 8.942   1.00 16.28 ? 201 GTD A O11   1 
HETATM 989  O O12   . GTD B 2 .   ? 5.975   -9.542  10.037  1.00 17.64 ? 201 GTD A O12   1 
HETATM 990  C CB1   . GTD B 2 .   ? 7.053   -12.199 11.956  1.00 19.26 ? 201 GTD A CB1   1 
HETATM 991  C CG1   . GTD B 2 .   ? 7.071   -13.506 11.169  1.00 20.00 ? 201 GTD A CG1   1 
HETATM 992  C CD1   . GTD B 2 .   ? 6.895   -14.729 12.038  1.00 20.00 ? 201 GTD A CD1   1 
HETATM 993  O OE1   . GTD B 2 .   ? 7.221   -14.751 13.338  1.00 20.00 ? 201 GTD A OE1   1 
HETATM 994  N N2    . GTD B 2 .   ? 6.413   -15.794 11.423  1.00 20.00 ? 201 GTD A N2    1 
HETATM 995  C CA2   . GTD B 2 .   ? 5.970   -16.978 12.160  1.00 20.00 ? 201 GTD A CA2   1 
HETATM 996  C C2    . GTD B 2 .   ? 6.698   -18.187 11.584  1.00 20.00 ? 201 GTD A C2    1 
HETATM 997  O O2    . GTD B 2 .   ? 6.182   -19.413 11.751  1.00 20.00 ? 201 GTD A O2    1 
HETATM 998  C CB2   . GTD B 2 .   ? 4.461   -17.153 12.016  1.00 20.00 ? 201 GTD A CB2   1 
HETATM 999  S SG2   . GTD B 2 .   ? 3.508   -15.692 12.412  1.00 20.00 ? 201 GTD A SG2   1 
HETATM 1000 N N3    . GTD B 2 .   ? 7.857   -17.914 10.936  1.00 20.00 ? 201 GTD A N3    1 
HETATM 1001 C CA3   . GTD B 2 .   ? 8.647   -18.952 10.245  1.00 20.00 ? 201 GTD A CA3   1 
HETATM 1002 C C3    . GTD B 2 .   ? 9.905   -19.351 11.034  1.00 20.00 ? 201 GTD A C3    1 
HETATM 1003 O O31   . GTD B 2 .   ? 10.065  -18.940 12.209  1.00 20.00 ? 201 GTD A O31   1 
HETATM 1004 O O32   . GTD B 2 .   ? 10.778  -20.144 10.469  1.00 20.00 ? 201 GTD A O32   1 
HETATM 1005 C "C1'" . GTD B 2 .   ? 3.018   -16.114 14.047  1.00 20.00 ? 201 GTD A "C1'" 1 
HETATM 1006 C "C2'" . GTD B 2 .   ? 1.556   -16.453 13.916  1.00 20.00 ? 201 GTD A "C2'" 1 
HETATM 1007 N "N2'" . GTD B 2 .   ? 1.106   -17.786 13.568  1.00 20.00 ? 201 GTD A "N2'" 1 
HETATM 1008 O O21   . GTD B 2 .   ? 1.777   -18.417 12.733  1.00 20.00 ? 201 GTD A O21   1 
HETATM 1009 O O22   . GTD B 2 .   ? 0.017   -18.154 14.071  1.00 20.00 ? 201 GTD A O22   1 
HETATM 1010 C "C3'" . GTD B 2 .   ? 0.528   -15.558 14.056  1.00 20.00 ? 201 GTD A "C3'" 1 
HETATM 1011 C "C4'" . GTD B 2 .   ? 0.825   -14.312 14.589  1.00 20.00 ? 201 GTD A "C4'" 1 
HETATM 1012 N "N4'" . GTD B 2 .   ? -0.248  -13.315 14.614  1.00 20.00 ? 201 GTD A "N4'" 1 
HETATM 1013 O O41   . GTD B 2 .   ? -1.437  -13.678 14.450  1.00 20.00 ? 201 GTD A O41   1 
HETATM 1014 O O42   . GTD B 2 .   ? -0.039  -12.109 14.836  1.00 20.00 ? 201 GTD A O42   1 
HETATM 1015 C "C5'" . GTD B 2 .   ? 2.100   -13.931 14.980  1.00 20.00 ? 201 GTD A "C5'" 1 
HETATM 1016 C "C6'" . GTD B 2 .   ? 3.145   -14.816 14.801  1.00 20.00 ? 201 GTD A "C6'" 1 
HETATM 1017 N "N6'" . GTD B 2 .   ? 4.432   -14.693 15.403  1.00 20.00 ? 201 GTD A "N6'" 1 
HETATM 1018 O O61   . GTD B 2 .   ? 4.890   -13.542 15.481  1.00 20.00 ? 201 GTD A O61   1 
HETATM 1019 O O62   . GTD B 2 .   ? 5.041   -15.667 15.822  1.00 20.00 ? 201 GTD A O62   1 
HETATM 1020 O O12   . PC1 C 3 .   ? -10.116 21.407  -13.425 1.00 20.00 ? 202 PC1 A O12   1 
HETATM 1021 P P     . PC1 C 3 .   ? -10.991 20.335  -14.071 1.00 20.00 ? 202 PC1 A P     1 
HETATM 1022 O O14   . PC1 C 3 .   ? -10.756 19.920  -15.523 1.00 20.00 ? 202 PC1 A O14   1 
HETATM 1023 O O13   . PC1 C 3 .   ? -12.553 20.837  -13.879 1.00 20.00 ? 202 PC1 A O13   1 
HETATM 1024 C C11   . PC1 C 3 .   ? -12.961 22.244  -13.921 1.00 20.00 ? 202 PC1 A C11   1 
HETATM 1025 C C12   . PC1 C 3 .   ? -14.184 22.560  -13.005 1.00 20.00 ? 202 PC1 A C12   1 
HETATM 1026 N N     . PC1 C 3 .   ? -14.030 23.691  -12.029 1.00 20.00 ? 202 PC1 A N     1 
HETATM 1027 C C13   . PC1 C 3 .   ? -15.228 24.562  -12.007 1.00 20.00 ? 202 PC1 A C13   1 
HETATM 1028 C C14   . PC1 C 3 .   ? -12.861 24.552  -12.353 1.00 20.00 ? 202 PC1 A C14   1 
HETATM 1029 C C15   . PC1 C 3 .   ? -13.935 23.159  -10.649 1.00 20.00 ? 202 PC1 A C15   1 
HETATM 1030 O O11   . PC1 C 3 .   ? -10.681 19.031  -13.130 1.00 20.00 ? 202 PC1 A O11   1 
HETATM 1031 C C1    . PC1 C 3 .   ? -9.338  18.778  -12.624 1.00 20.00 ? 202 PC1 A C1    1 
HETATM 1032 C C2    . PC1 C 3 .   ? -8.450  17.889  -13.531 1.00 20.00 ? 202 PC1 A C2    1 
HETATM 1033 O O21   . PC1 C 3 .   ? -9.256  16.889  -14.191 1.00 20.00 ? 202 PC1 A O21   1 
HETATM 1034 C C21   . PC1 C 3 .   ? -9.280  15.539  -13.627 1.00 20.00 ? 202 PC1 A C21   1 
HETATM 1035 O O22   . PC1 C 3 .   ? -8.224  14.998  -13.320 1.00 20.00 ? 202 PC1 A O22   1 
HETATM 1036 C C22   . PC1 C 3 .   ? -10.598 14.828  -13.453 1.00 19.85 ? 202 PC1 A C22   1 
HETATM 1037 C C23   . PC1 C 3 .   ? -10.193 13.372  -13.357 1.00 19.58 ? 202 PC1 A C23   1 
HETATM 1038 C C24   . PC1 C 3 .   ? -11.230 12.618  -12.543 1.00 20.00 ? 202 PC1 A C24   1 
HETATM 1039 C C25   . PC1 C 3 .   ? -10.880 11.132  -12.503 1.00 20.00 ? 202 PC1 A C25   1 
HETATM 1040 C C26   . PC1 C 3 .   ? -11.877 10.367  -13.359 1.00 20.00 ? 202 PC1 A C26   1 
HETATM 1041 C C27   . PC1 C 3 .   ? -13.006 9.850   -12.477 1.00 20.00 ? 202 PC1 A C27   1 
HETATM 1042 C C28   . PC1 C 3 .   ? -14.057 10.898  -12.096 1.00 20.00 ? 202 PC1 A C28   1 
HETATM 1043 C C29   . PC1 C 3 .   ? -15.337 10.198  -11.594 1.00 20.00 ? 202 PC1 A C29   1 
HETATM 1044 C C2A   . PC1 C 3 .   ? -15.384 9.845   -10.091 1.00 20.00 ? 202 PC1 A C2A   1 
HETATM 1045 C C2B   . PC1 C 3 .   ? -16.049 8.490   -9.786  1.00 20.00 ? 202 PC1 A C2B   1 
HETATM 1046 C C2C   . PC1 C 3 .   ? -15.542 7.341   -10.684 1.00 20.00 ? 202 PC1 A C2C   1 
HETATM 1047 C C2D   . PC1 C 3 .   ? -15.350 5.995   -9.952  1.00 20.00 ? 202 PC1 A C2D   1 
HETATM 1048 C C2E   . PC1 C 3 .   ? -13.858 5.655   -9.726  1.00 20.00 ? 202 PC1 A C2E   1 
HETATM 1049 C C2F   . PC1 C 3 .   ? -13.624 4.847   -8.426  1.00 20.00 ? 202 PC1 A C2F   1 
HETATM 1050 C C2G   . PC1 C 3 .   ? -12.387 3.938   -8.503  1.00 20.00 ? 202 PC1 A C2G   1 
HETATM 1051 C C2H   . PC1 C 3 .   ? -12.619 2.649   -7.695  1.00 20.00 ? 202 PC1 A C2H   1 
HETATM 1052 C C2I   . PC1 C 3 .   ? -11.344 1.854   -7.454  1.00 20.00 ? 202 PC1 A C2I   1 
HETATM 1053 C C3    . PC1 C 3 .   ? -7.679  18.707  -14.598 1.00 20.00 ? 202 PC1 A C3    1 
HETATM 1054 O O31   . PC1 C 3 .   ? -6.961  17.854  -15.528 1.00 20.00 ? 202 PC1 A O31   1 
HETATM 1055 C C31   . PC1 C 3 .   ? -5.701  17.130  -15.166 1.00 20.00 ? 202 PC1 A C31   1 
HETATM 1056 O O32   . PC1 C 3 .   ? -4.826  17.756  -14.567 1.00 20.00 ? 202 PC1 A O32   1 
HETATM 1057 C C32   . PC1 C 3 .   ? -5.488  15.636  -15.519 1.00 20.00 ? 202 PC1 A C32   1 
HETATM 1058 C C33   . PC1 C 3 .   ? -4.236  14.954  -14.885 1.00 20.00 ? 202 PC1 A C33   1 
HETATM 1059 C C34   . PC1 C 3 .   ? -4.545  13.901  -13.772 1.00 20.00 ? 202 PC1 A C34   1 
HETATM 1060 C C35   . PC1 C 3 .   ? -4.026  12.461  -13.984 1.00 20.00 ? 202 PC1 A C35   1 
HETATM 1061 C C36   . PC1 C 3 .   ? -2.488  12.357  -13.942 1.00 20.00 ? 202 PC1 A C36   1 
HETATM 1062 C C37   . PC1 C 3 .   ? -1.916  10.977  -13.544 1.00 20.00 ? 202 PC1 A C37   1 
HETATM 1063 C C38   . PC1 C 3 .   ? -0.770  11.109  -12.481 1.00 20.00 ? 202 PC1 A C38   1 
HETATM 1064 C C39   . PC1 C 3 .   ? 0.080   9.838   -12.269 1.00 20.00 ? 202 PC1 A C39   1 
HETATM 1065 C C3A   . PC1 C 3 .   ? -0.575  8.727   -11.405 1.00 20.00 ? 202 PC1 A C3A   1 
HETATM 1066 C C3B   . PC1 C 3 .   ? 0.447   7.587   -11.245 1.00 20.00 ? 202 PC1 A C3B   1 
HETATM 1067 C C3C   . PC1 C 3 .   ? -0.153  6.312   -10.664 1.00 20.00 ? 202 PC1 A C3C   1 
HETATM 1068 C C3D   . PC1 C 3 .   ? 0.868   5.630   -9.742  1.00 20.00 ? 202 PC1 A C3D   1 
HETATM 1069 C C3E   . PC1 C 3 .   ? 1.810   4.584   -10.354 1.00 20.00 ? 202 PC1 A C3E   1 
HETATM 1070 C C3F   . PC1 C 3 .   ? 1.195   3.862   -11.536 1.00 20.00 ? 202 PC1 A C3F   1 
HETATM 1071 C C3G   . PC1 C 3 .   ? 2.257   3.553   -12.576 1.00 20.00 ? 202 PC1 A C3G   1 
HETATM 1072 C C3H   . PC1 C 3 .   ? 1.641   2.678   -13.666 1.00 20.00 ? 202 PC1 A C3H   1 
HETATM 1073 C C3I   . PC1 C 3 .   ? 1.138   1.337   -13.154 1.00 20.00 ? 202 PC1 A C3I   1 
HETATM 1074 O O12   . PC1 D 3 .   ? 9.491   -13.908 -16.234 1.00 20.00 ? 203 PC1 A O12   1 
HETATM 1075 P P     . PC1 D 3 .   ? 9.151   -12.690 -15.392 1.00 20.00 ? 203 PC1 A P     1 
HETATM 1076 O O14   . PC1 D 3 .   ? 10.168  -11.563 -15.289 1.00 20.00 ? 203 PC1 A O14   1 
HETATM 1077 O O13   . PC1 D 3 .   ? 8.968   -13.229 -13.857 1.00 20.00 ? 203 PC1 A O13   1 
HETATM 1078 C C11   . PC1 D 3 .   ? 7.861   -14.004 -13.374 1.00 20.00 ? 203 PC1 A C11   1 
HETATM 1079 C C12   . PC1 D 3 .   ? 8.319   -14.776 -12.138 1.00 20.00 ? 203 PC1 A C12   1 
HETATM 1080 N N     . PC1 D 3 .   ? 8.902   -16.132 -12.379 1.00 20.00 ? 203 PC1 A N     1 
HETATM 1081 C C13   . PC1 D 3 .   ? 9.614   -16.557 -11.143 1.00 20.00 ? 203 PC1 A C13   1 
HETATM 1082 C C14   . PC1 D 3 .   ? 9.861   -16.168 -13.506 1.00 20.00 ? 203 PC1 A C14   1 
HETATM 1083 C C15   . PC1 D 3 .   ? 7.836   -17.134 -12.632 1.00 20.00 ? 203 PC1 A C15   1 
HETATM 1084 O O11   . PC1 D 3 .   ? 7.652   -12.134 -15.824 1.00 20.00 ? 203 PC1 A O11   1 
HETATM 1085 C C1    . PC1 D 3 .   ? 7.334   -10.942 -16.595 1.00 20.00 ? 203 PC1 A C1    1 
HETATM 1086 C C2    . PC1 D 3 .   ? 5.866   -10.443 -16.460 1.00 20.00 ? 203 PC1 A C2    1 
HETATM 1087 O O21   . PC1 D 3 .   ? 5.741   -9.516  -15.349 1.00 20.00 ? 203 PC1 A O21   1 
HETATM 1088 C C21   . PC1 D 3 .   ? 4.545   -9.792  -14.544 1.00 20.00 ? 203 PC1 A C21   1 
HETATM 1089 O O22   . PC1 D 3 .   ? 4.338   -10.953 -14.190 1.00 20.00 ? 203 PC1 A O22   1 
HETATM 1090 C C22   . PC1 D 3 .   ? 3.562   -8.688  -14.171 1.00 20.00 ? 203 PC1 A C22   1 
HETATM 1091 C C23   . PC1 D 3 .   ? 2.173   -9.288  -13.909 1.00 20.00 ? 203 PC1 A C23   1 
HETATM 1092 C C24   . PC1 D 3 .   ? 1.085   -8.576  -14.722 1.00 20.00 ? 203 PC1 A C24   1 
HETATM 1093 C C25   . PC1 D 3 .   ? -0.276  -8.817  -14.062 1.00 20.00 ? 203 PC1 A C25   1 
HETATM 1094 C C26   . PC1 D 3 .   ? -1.419  -8.082  -14.794 1.00 20.00 ? 203 PC1 A C26   1 
HETATM 1095 C C27   . PC1 D 3 .   ? -2.779  -8.224  -14.089 1.00 20.00 ? 203 PC1 A C27   1 
HETATM 1096 C C28   . PC1 D 3 .   ? -3.280  -6.847  -13.627 1.00 20.00 ? 203 PC1 A C28   1 
HETATM 1097 C C29   . PC1 D 3 .   ? -3.787  -5.934  -14.781 1.00 20.00 ? 203 PC1 A C29   1 
HETATM 1098 C C2A   . PC1 D 3 .   ? -4.702  -4.836  -14.200 1.00 20.00 ? 203 PC1 A C2A   1 
HETATM 1099 C C2B   . PC1 D 3 .   ? -5.593  -4.160  -15.251 1.00 20.00 ? 203 PC1 A C2B   1 
HETATM 1100 C C2C   . PC1 D 3 .   ? -6.776  -5.037  -15.683 1.00 20.00 ? 203 PC1 A C2C   1 
HETATM 1101 C C2D   . PC1 D 3 .   ? -8.170  -4.411  -15.489 1.00 20.00 ? 203 PC1 A C2D   1 
HETATM 1102 C C2E   . PC1 D 3 .   ? -8.593  -3.847  -14.120 1.00 20.00 ? 203 PC1 A C2E   1 
HETATM 1103 C C2F   . PC1 D 3 .   ? -9.775  -2.930  -14.432 1.00 20.00 ? 203 PC1 A C2F   1 
HETATM 1104 C C2G   . PC1 D 3 .   ? -10.642 -2.537  -13.246 1.00 20.00 ? 203 PC1 A C2G   1 
HETATM 1105 C C2H   . PC1 D 3 .   ? -11.749 -1.617  -13.779 1.00 20.00 ? 203 PC1 A C2H   1 
HETATM 1106 C C2I   . PC1 D 3 .   ? -12.033 -0.426  -12.878 1.00 20.00 ? 203 PC1 A C2I   1 
HETATM 1107 C C3    . PC1 D 3 .   ? 5.315   -9.786  -17.751 1.00 20.00 ? 203 PC1 A C3    1 
HETATM 1108 O O31   . PC1 D 3 .   ? 4.257   -10.572 -18.364 1.00 20.00 ? 203 PC1 A O31   1 
HETATM 1109 C C31   . PC1 D 3 .   ? 3.772   -10.417 -19.761 1.00 20.00 ? 203 PC1 A C31   1 
HETATM 1110 O O32   . PC1 D 3 .   ? 4.285   -11.137 -20.602 1.00 20.00 ? 203 PC1 A O32   1 
HETATM 1111 C C32   . PC1 D 3 .   ? 2.680   -9.405  -20.148 1.00 20.00 ? 203 PC1 A C32   1 
HETATM 1112 C C33   . PC1 D 3 .   ? 2.068   -9.555  -21.561 1.00 20.00 ? 203 PC1 A C33   1 
HETATM 1113 C C34   . PC1 D 3 .   ? 0.991   -8.480  -21.814 1.00 20.00 ? 203 PC1 A C34   1 
HETATM 1114 C C35   . PC1 D 3 .   ? 0.380   -8.342  -23.225 1.00 18.50 ? 203 PC1 A C35   1 
HETATM 1115 C C36   . PC1 D 3 .   ? -1.152  -8.459  -23.082 1.00 17.00 ? 203 PC1 A C36   1 
HETATM 1116 C C37   . PC1 D 3 .   ? -2.126  -7.482  -23.779 1.00 16.65 ? 203 PC1 A C37   1 
HETATM 1117 C C38   . PC1 D 3 .   ? -2.987  -6.605  -22.851 1.00 16.29 ? 203 PC1 A C38   1 
HETATM 1118 C C39   . PC1 D 3 .   ? -4.364  -6.269  -22.979 1.00 15.94 ? 203 PC1 A C39   1 
HETATM 1119 C C3A   . PC1 D 3 .   ? -4.480  -5.037  -22.135 1.00 16.56 ? 203 PC1 A C3A   1 
HETATM 1120 C C3B   . PC1 D 3 .   ? -5.946  -4.615  -22.439 1.00 15.38 ? 203 PC1 A C3B   1 
HETATM 1121 C C3C   . PC1 D 3 .   ? -6.232  -3.311  -22.111 1.00 16.00 ? 203 PC1 A C3C   1 
HETATM 1122 C C3D   . PC1 D 3 .   ? -7.309  -3.059  -23.041 1.00 15.79 ? 203 PC1 A C3D   1 
HETATM 1123 C C3E   . PC1 D 3 .   ? -8.214  -2.174  -22.178 1.00 16.53 ? 203 PC1 A C3E   1 
HETATM 1124 C C3F   . PC1 D 3 .   ? -8.362  -1.147  -23.222 1.00 18.20 ? 203 PC1 A C3F   1 
HETATM 1125 C C3G   . PC1 D 3 .   ? -9.098  0.032   -22.601 1.00 18.98 ? 203 PC1 A C3G   1 
HETATM 1126 C C3H   . PC1 D 3 .   ? -8.832  0.296   -21.084 1.00 18.30 ? 203 PC1 A C3H   1 
HETATM 1127 C C3I   . PC1 D 3 .   ? -9.962  0.232   -20.083 1.00 17.05 ? 203 PC1 A C3I   1 
HETATM 1128 C C1    . PLM E 4 .   ? 5.672   -11.877 -3.766  1.00 20.00 ? 204 PLM A C1    1 
HETATM 1129 C C2    . PLM E 4 .   ? 4.379   -11.642 -4.537  1.00 20.00 ? 204 PLM A C2    1 
HETATM 1130 C C3    . PLM E 4 .   ? 3.188   -11.613 -3.581  1.00 20.00 ? 204 PLM A C3    1 
HETATM 1131 C C4    . PLM E 4 .   ? 1.860   -11.342 -4.267  1.00 20.00 ? 204 PLM A C4    1 
HETATM 1132 C C5    . PLM E 4 .   ? 1.208   -10.246 -3.437  1.00 20.00 ? 204 PLM A C5    1 
HETATM 1133 C C6    . PLM E 4 .   ? -0.309  -10.263 -3.508  1.00 20.00 ? 204 PLM A C6    1 
HETATM 1134 C C7    . PLM E 4 .   ? -0.855  -9.043  -2.747  1.00 20.00 ? 204 PLM A C7    1 
HETATM 1135 C C8    . PLM E 4 .   ? -2.381  -8.984  -2.827  1.00 20.00 ? 204 PLM A C8    1 
HETATM 1136 C C9    . PLM E 4 .   ? -2.898  -7.618  -2.367  1.00 20.00 ? 204 PLM A C9    1 
HETATM 1137 C CA    . PLM E 4 .   ? -4.424  -7.567  -2.253  1.00 20.00 ? 204 PLM A CA    1 
HETATM 1138 C C1    . PLM F 4 .   ? 7.908   6.542   5.359   1.00 20.00 ? 205 PLM A C1    1 
HETATM 1139 C C2    . PLM F 4 .   ? 7.841   8.065   5.394   1.00 20.00 ? 205 PLM A C2    1 
HETATM 1140 C C3    . PLM F 4 .   ? 6.438   8.470   4.898   1.00 20.00 ? 205 PLM A C3    1 
HETATM 1141 C C4    . PLM F 4 .   ? 6.299   9.956   4.431   1.00 20.00 ? 205 PLM A C4    1 
HETATM 1142 C C5    . PLM F 4 .   ? 4.880   10.487  4.820   1.00 18.83 ? 205 PLM A C5    1 
HETATM 1143 C C6    . PLM F 4 .   ? 4.772   12.032  4.953   1.00 18.64 ? 205 PLM A C6    1 
HETATM 1144 C C7    . PLM F 4 .   ? 3.398   12.599  5.470   1.00 17.09 ? 205 PLM A C7    1 
HETATM 1145 C C8    . PLM F 4 .   ? 3.432   13.961  6.252   1.00 15.29 ? 205 PLM A C8    1 
HETATM 1146 C C9    . PLM F 4 .   ? 2.108   14.207  6.987   1.00 13.87 ? 205 PLM A C9    1 
HETATM 1147 C CA    . PLM F 4 .   ? 1.367   15.513  6.700   1.00 13.04 ? 205 PLM A CA    1 
# 
